data_7UDT
#
_entry.id   7UDT
#
_cell.length_a   1.00
_cell.length_b   1.00
_cell.length_c   1.00
_cell.angle_alpha   90.00
_cell.angle_beta   90.00
_cell.angle_gamma   90.00
#
_symmetry.space_group_name_H-M   'P 1'
#
loop_
_entity.id
_entity.type
_entity.pdbx_description
1 polymer 'regulatory light chain'
2 polymer 'Actin, alpha skeletal muscle'
3 polymer 'Unconventional myosin-XV'
4 non-polymer "ADENOSINE-5'-DIPHOSPHATE"
5 non-polymer 'MAGNESIUM ION'
#
loop_
_entity_poly.entity_id
_entity_poly.type
_entity_poly.pdbx_seq_one_letter_code
_entity_poly.pdbx_strand_id
1 'polypeptide(L)'
;VFAMFDQSQIQEFKEAFNMIDQNRDGFIDKEDLHDMLASLGKNPTDEYLDAMMNEAPGPINFTMFLTMFGEKLNGTDPED
VIRNAFACFDEEATGFIQEDYLRELLTTMGDRFTDEEVDELYREAPIDKKGNFNYIEFTRILKHGA
;
G
2 'polypeptide(L)'
;DETTALVCDNGSGLVKAGFAGDDAPRAVFPSIVGRPRHQGVMVGMGQKDSYVGDEAQSKRGILTLKYPIE(HIC)GIITN
WDDMEKIWHHTFYNELRVAPEEHPTLLTEAPLNPKANREKMTQIMFETFNVPAMYVAIQAVLSLYASGRTTGIVLDSGDG
VTHNVPIYEGYALPHAIMRLDLAGRDLTDYLMKILTERGYSFVTTAEREIVRDIKEKLCYVALDFENEMATAASSSSLEK
SYELPDGQVITIGNERFRCPETLFQPSFIGMESAGIHETTYNSIMKCDIDIRKDLYANNVMSGGTTMYPGIADRMQKEIT
ALAPSTMKIKIIAPPERKYSVWIGGSILASLSTFQQMWITKQEYDEAGPSIVHRKCF
;
A,B,C
3 'polypeptide(L)'
;EDGVEDMTQLEDLQETTVLANLKTRFERNLIYTYIGSILVSVNPYRMFAIYGPEQVQQYSGRALGENPPHLFAIANLAFA
KMLDAKQNQCVIISGESGSGKTEATKLILRCLAAMNQRRDVMQQIKILEATPLLEAFGNAKTVRNDNSSRFGKFVEIFLE
GGVICGAITSQYLLEKSRIVFQAKNERNYHIFYELLAGLPAQLRQAFSLQEAETYYYLNQGGNCEIAGKSDADDFRRLLA
AMEVLGFTSEDQDSIFRILASILHLGNVYFEKHETDAQEVASVVSAREIQAVAELLQVSPEGLQKAITFKVTETIREKIF
TPLTVESAVDARDAIAKVLYALLFGWLITRVNALVSPKQDTLSIAILDIYGFEDLSFNSFEQLCINYANENLQYLFNKIV
FQEEQEEYIREQMDWREIAFADNQPCINLISLKPYGILRILDDQCCFPQATDHTFLQKCHYHHGANPLYSKPKMPLPEFT
IKHYAGKVTYQVHKFLDKNHDQVRQDVLDLFVHSRTRVVAHLFSSHAAQTAPPRLGKSSSITRLYKAHTVAAKFQQSLLD
LVEKMERCNPLFVRCLKPNHKKEPGLFEPDVMMAQLRYSGVLETVRIRKEGFPVRLPFQVFIDRYRCLVALKLNVPADGD
MCVSLLSRLCTVTPDMYRVGISKLFLKEHLHQLLESMRERVQNRAALTLQRYLRGFFIQRHFRSLRRKIILLQSRARGF
;
D
#
loop_
_chem_comp.id
_chem_comp.type
_chem_comp.name
_chem_comp.formula
ADP non-polymer ADENOSINE-5'-DIPHOSPHATE 'C10 H15 N5 O10 P2'
MG non-polymer 'MAGNESIUM ION' 'Mg 2'
#
# COMPACT_ATOMS: atom_id res chain seq x y z
N VAL A 1 39.39 -11.65 66.12
CA VAL A 1 38.33 -12.61 65.84
C VAL A 1 38.43 -13.76 66.82
N PHE A 2 37.35 -14.54 66.93
CA PHE A 2 37.37 -15.72 67.79
C PHE A 2 38.37 -16.76 67.33
N ALA A 3 38.48 -16.99 66.02
CA ALA A 3 39.38 -18.02 65.52
C ALA A 3 40.84 -17.58 65.63
N MET A 4 41.12 -16.33 65.28
CA MET A 4 42.49 -15.79 65.25
C MET A 4 42.69 -14.93 66.49
N PHE A 5 43.80 -15.17 67.20
CA PHE A 5 44.15 -14.39 68.39
C PHE A 5 45.63 -14.03 68.34
N ASP A 6 45.93 -12.77 68.65
CA ASP A 6 47.30 -12.28 68.75
C ASP A 6 47.71 -12.39 70.21
N GLN A 7 48.31 -13.53 70.57
CA GLN A 7 48.50 -13.87 71.98
C GLN A 7 49.33 -12.83 72.73
N SER A 8 50.12 -12.02 72.02
CA SER A 8 50.94 -11.03 72.70
C SER A 8 50.08 -9.98 73.40
N GLN A 9 48.99 -9.56 72.76
CA GLN A 9 48.16 -8.46 73.26
C GLN A 9 46.83 -8.92 73.84
N ILE A 10 46.51 -10.21 73.76
CA ILE A 10 45.24 -10.69 74.29
C ILE A 10 45.15 -10.40 75.79
N GLN A 11 46.24 -10.60 76.52
CA GLN A 11 46.19 -10.42 77.96
C GLN A 11 45.86 -8.98 78.33
N GLU A 12 46.54 -8.01 77.72
CA GLU A 12 46.25 -6.62 78.03
C GLU A 12 44.85 -6.24 77.56
N PHE A 13 44.44 -6.70 76.38
CA PHE A 13 43.13 -6.36 75.85
C PHE A 13 42.04 -6.87 76.79
N LYS A 14 42.16 -8.12 77.22
CA LYS A 14 41.15 -8.71 78.08
C LYS A 14 41.16 -8.07 79.47
N GLU A 15 42.34 -7.72 79.98
CA GLU A 15 42.38 -7.02 81.27
C GLU A 15 41.70 -5.66 81.17
N ALA A 16 41.96 -4.93 80.11
CA ALA A 16 41.31 -3.63 79.93
C ALA A 16 39.79 -3.79 79.83
N PHE A 17 39.34 -4.81 79.10
CA PHE A 17 37.90 -5.01 78.94
C PHE A 17 37.25 -5.46 80.25
N ASN A 18 37.92 -6.33 81.00
CA ASN A 18 37.39 -6.77 82.28
C ASN A 18 37.40 -5.65 83.32
N MET A 19 38.28 -4.67 83.17
CA MET A 19 38.21 -3.46 84.00
C MET A 19 37.19 -2.46 83.50
N ILE A 20 36.83 -2.52 82.21
CA ILE A 20 35.84 -1.64 81.62
C ILE A 20 34.52 -2.35 81.40
N ASP A 21 34.55 -3.51 80.75
CA ASP A 21 33.37 -4.32 80.48
C ASP A 21 32.99 -5.08 81.75
N GLN A 22 31.89 -4.68 82.38
CA GLN A 22 31.35 -5.39 83.53
C GLN A 22 29.85 -5.61 83.35
N ASN A 23 29.22 -6.21 84.37
CA ASN A 23 27.76 -6.39 84.38
C ASN A 23 27.07 -5.12 84.90
N ARG A 24 26.85 -4.17 83.98
CA ARG A 24 26.35 -2.86 84.34
C ARG A 24 25.28 -2.48 83.33
N ASP A 25 24.89 -1.20 83.33
CA ASP A 25 23.94 -0.71 82.34
C ASP A 25 24.51 -0.82 80.93
N GLY A 26 25.75 -0.38 80.72
CA GLY A 26 26.39 -0.49 79.42
C GLY A 26 27.31 0.68 79.12
N PHE A 27 27.04 1.83 79.74
CA PHE A 27 27.89 2.99 79.56
C PHE A 27 29.17 2.83 80.39
N ILE A 28 30.25 3.45 79.92
CA ILE A 28 31.54 3.41 80.60
C ILE A 28 31.46 4.27 81.84
N ASP A 29 31.81 3.70 82.98
CA ASP A 29 31.68 4.37 84.27
C ASP A 29 33.06 4.63 84.88
N LYS A 30 33.16 5.77 85.55
CA LYS A 30 34.40 6.12 86.25
C LYS A 30 34.52 5.34 87.56
N GLU A 31 33.44 4.69 87.99
CA GLU A 31 33.43 4.04 89.30
C GLU A 31 34.53 2.98 89.40
N ASP A 32 34.58 2.06 88.43
CA ASP A 32 35.50 0.94 88.54
C ASP A 32 36.95 1.39 88.44
N LEU A 33 37.24 2.27 87.47
CA LEU A 33 38.61 2.76 87.32
C LEU A 33 39.06 3.54 88.55
N HIS A 34 38.18 4.39 89.07
CA HIS A 34 38.51 5.16 90.26
C HIS A 34 38.75 4.25 91.46
N ASP A 35 37.93 3.20 91.61
CA ASP A 35 38.13 2.25 92.69
C ASP A 35 39.47 1.53 92.54
N MET A 36 39.82 1.14 91.32
CA MET A 36 41.10 0.48 91.11
C MET A 36 42.25 1.42 91.43
N LEU A 37 42.12 2.71 91.10
CA LEU A 37 43.16 3.69 91.37
C LEU A 37 43.31 3.97 92.87
N ALA A 38 42.20 4.02 93.60
CA ALA A 38 42.20 4.44 94.99
C ALA A 38 41.76 3.28 95.89
N SER A 39 42.15 2.06 95.52
CA SER A 39 41.89 0.90 96.37
C SER A 39 42.60 1.01 97.72
N LEU A 40 43.84 1.52 97.73
CA LEU A 40 44.57 1.65 98.99
C LEU A 40 43.84 2.59 99.95
N GLY A 41 43.29 3.69 99.42
CA GLY A 41 42.65 4.69 100.23
C GLY A 41 43.25 6.07 100.03
N LYS A 42 42.44 7.01 99.55
CA LYS A 42 42.89 8.36 99.25
C LYS A 42 41.70 9.30 99.38
N ASN A 43 41.94 10.47 99.94
CA ASN A 43 40.87 11.44 100.12
C ASN A 43 40.20 11.72 98.77
N PRO A 44 38.93 11.34 98.58
CA PRO A 44 38.26 11.66 97.32
C PRO A 44 37.98 13.15 97.21
N THR A 45 38.33 13.71 96.05
CA THR A 45 38.19 15.15 95.84
C THR A 45 38.04 15.42 94.35
N ASP A 46 37.51 16.60 94.04
CA ASP A 46 37.34 17.08 92.68
C ASP A 46 38.05 18.41 92.49
N GLU A 47 39.24 18.54 93.09
CA GLU A 47 39.95 19.82 93.06
C GLU A 47 40.49 20.12 91.65
N TYR A 48 41.06 19.10 90.98
CA TYR A 48 41.64 19.30 89.66
C TYR A 48 41.35 18.11 88.75
N LEU A 49 40.35 17.30 89.10
CA LEU A 49 39.99 16.12 88.35
C LEU A 49 38.51 16.12 87.99
N ASP A 50 38.03 17.24 87.44
CA ASP A 50 36.64 17.39 87.05
C ASP A 50 36.34 16.83 85.67
N ALA A 51 37.35 16.35 84.95
CA ALA A 51 37.14 15.76 83.63
C ALA A 51 38.18 14.67 83.43
N MET A 52 37.73 13.41 83.43
CA MET A 52 38.62 12.27 83.31
C MET A 52 38.71 11.75 81.88
N MET A 53 37.58 11.37 81.29
CA MET A 53 37.54 10.92 79.90
C MET A 53 36.22 11.35 79.28
N ASN A 54 36.27 11.79 78.03
CA ASN A 54 35.08 12.30 77.35
C ASN A 54 34.99 11.90 75.89
N GLU A 55 35.86 11.03 75.38
CA GLU A 55 35.94 10.73 73.96
C GLU A 55 35.68 9.25 73.70
N ALA A 56 34.72 8.68 74.41
CA ALA A 56 34.26 7.34 74.09
C ALA A 56 33.41 7.39 72.81
N PRO A 57 33.45 6.35 71.98
CA PRO A 57 32.67 6.38 70.74
C PRO A 57 31.17 6.52 71.00
N GLY A 58 30.71 5.93 72.09
CA GLY A 58 29.31 5.97 72.44
C GLY A 58 28.97 4.90 73.47
N PRO A 59 27.69 4.55 73.57
CA PRO A 59 27.29 3.49 74.50
C PRO A 59 27.80 2.12 74.06
N ILE A 60 27.96 1.24 75.05
CA ILE A 60 28.43 -0.12 74.81
C ILE A 60 27.39 -1.09 75.34
N ASN A 61 27.19 -2.17 74.58
CA ASN A 61 26.25 -3.21 74.95
C ASN A 61 26.96 -4.56 74.83
N PHE A 62 26.50 -5.53 75.62
CA PHE A 62 27.15 -6.84 75.60
C PHE A 62 27.10 -7.47 74.22
N THR A 63 25.96 -7.38 73.54
CA THR A 63 25.89 -7.88 72.17
C THR A 63 26.83 -7.11 71.26
N MET A 64 26.75 -5.77 71.30
CA MET A 64 27.67 -4.96 70.51
C MET A 64 29.10 -5.17 70.98
N PHE A 65 29.28 -5.48 72.27
CA PHE A 65 30.62 -5.78 72.78
C PHE A 65 31.19 -7.03 72.12
N LEU A 66 30.36 -8.07 71.99
CA LEU A 66 30.81 -9.29 71.32
C LEU A 66 31.06 -9.03 69.84
N THR A 67 30.23 -8.21 69.21
CA THR A 67 30.48 -7.85 67.81
C THR A 67 31.83 -7.15 67.67
N MET A 68 32.11 -6.21 68.57
CA MET A 68 33.39 -5.51 68.54
C MET A 68 34.54 -6.47 68.79
N PHE A 69 34.38 -7.41 69.73
CA PHE A 69 35.41 -8.40 69.96
C PHE A 69 35.69 -9.23 68.71
N GLY A 70 34.64 -9.67 68.03
CA GLY A 70 34.82 -10.46 66.84
C GLY A 70 35.44 -9.69 65.69
N GLU A 71 35.14 -8.38 65.54
CA GLU A 71 35.56 -7.61 64.35
C GLU A 71 36.68 -6.59 64.37
N LYS A 72 36.71 -5.71 65.37
CA LYS A 72 37.65 -4.57 65.34
C LYS A 72 39.12 -4.81 65.59
N LEU A 73 39.49 -5.22 66.80
CA LEU A 73 40.90 -5.41 67.16
C LEU A 73 41.26 -6.72 67.87
N ASN A 74 40.29 -7.43 68.49
CA ASN A 74 40.65 -8.59 69.29
C ASN A 74 41.00 -9.78 68.41
N GLY A 75 42.29 -10.08 68.29
CA GLY A 75 42.71 -11.20 67.46
C GLY A 75 42.37 -11.03 66.00
N THR A 76 42.64 -9.85 65.45
CA THR A 76 42.28 -9.50 64.08
C THR A 76 43.52 -8.99 63.35
N ASP A 77 43.30 -8.39 62.19
CA ASP A 77 44.33 -7.69 61.44
C ASP A 77 45.42 -8.64 60.94
N PRO A 78 45.07 -9.61 60.09
CA PRO A 78 46.12 -10.43 59.47
C PRO A 78 47.05 -9.57 58.63
N GLU A 79 48.35 -9.87 58.71
CA GLU A 79 49.34 -9.04 58.04
C GLU A 79 49.15 -9.06 56.54
N ASP A 80 48.85 -10.23 55.97
CA ASP A 80 48.64 -10.32 54.54
C ASP A 80 47.52 -9.38 54.09
N VAL A 81 46.48 -9.23 54.91
CA VAL A 81 45.39 -8.32 54.56
C VAL A 81 45.90 -6.89 54.45
N ILE A 82 46.70 -6.45 55.43
CA ILE A 82 47.21 -5.09 55.40
C ILE A 82 48.11 -4.88 54.19
N ARG A 83 49.01 -5.83 53.93
CA ARG A 83 49.91 -5.69 52.80
C ARG A 83 49.14 -5.64 51.48
N ASN A 84 48.14 -6.51 51.33
CA ASN A 84 47.36 -6.53 50.09
C ASN A 84 46.56 -5.22 49.94
N ALA A 85 45.99 -4.74 51.03
CA ALA A 85 45.23 -3.49 50.96
C ALA A 85 46.12 -2.33 50.56
N PHE A 86 47.35 -2.28 51.10
CA PHE A 86 48.24 -1.18 50.79
C PHE A 86 48.84 -1.31 49.40
N ALA A 87 49.00 -2.54 48.90
CA ALA A 87 49.46 -2.75 47.53
C ALA A 87 48.35 -2.56 46.49
N CYS A 88 47.09 -2.64 46.90
CA CYS A 88 45.99 -2.41 45.97
C CYS A 88 46.06 -1.01 45.38
N PHE A 89 46.45 -0.02 46.18
CA PHE A 89 46.50 1.36 45.75
C PHE A 89 47.87 1.77 45.23
N ASP A 90 48.80 0.83 45.08
CA ASP A 90 50.13 1.09 44.56
C ASP A 90 50.46 0.10 43.46
N GLU A 91 51.24 0.55 42.49
CA GLU A 91 51.68 -0.30 41.38
C GLU A 91 52.99 -1.02 41.66
N GLU A 92 53.88 -0.43 42.46
CA GLU A 92 55.11 -1.11 42.84
C GLU A 92 54.86 -2.04 44.02
N ALA A 93 55.33 -3.28 43.89
CA ALA A 93 55.18 -4.24 44.99
C ALA A 93 56.02 -3.82 46.19
N THR A 94 56.98 -2.91 45.98
CA THR A 94 57.82 -2.41 47.06
C THR A 94 57.02 -1.68 48.14
N GLY A 95 55.85 -1.15 47.82
CA GLY A 95 55.04 -0.49 48.81
C GLY A 95 55.42 0.95 49.10
N PHE A 96 56.17 1.60 48.21
CA PHE A 96 56.43 3.02 48.33
C PHE A 96 55.19 3.79 47.88
N ILE A 97 54.37 4.18 48.84
CA ILE A 97 53.10 4.85 48.58
C ILE A 97 53.25 6.30 49.00
N GLN A 98 53.07 7.22 48.05
CA GLN A 98 53.21 8.64 48.34
C GLN A 98 52.22 9.04 49.43
N GLU A 99 52.72 9.81 50.41
CA GLU A 99 51.89 10.14 51.57
C GLU A 99 50.67 10.97 51.17
N ASP A 100 50.85 11.95 50.28
CA ASP A 100 49.71 12.75 49.84
C ASP A 100 48.71 11.90 49.08
N TYR A 101 49.20 10.93 48.30
CA TYR A 101 48.31 10.03 47.59
C TYR A 101 47.35 9.35 48.56
N LEU A 102 47.90 8.75 49.62
CA LEU A 102 47.05 8.17 50.65
C LEU A 102 46.18 9.21 51.33
N ARG A 103 46.69 10.44 51.46
CA ARG A 103 45.86 11.51 52.00
C ARG A 103 44.54 11.60 51.25
N GLU A 104 44.59 11.84 49.93
CA GLU A 104 43.32 11.98 49.23
C GLU A 104 42.57 10.64 49.18
N LEU A 105 43.30 9.53 49.05
CA LEU A 105 42.64 8.23 48.99
C LEU A 105 41.76 8.00 50.21
N LEU A 106 42.26 8.30 51.40
CA LEU A 106 41.50 8.14 52.62
C LEU A 106 40.47 9.24 52.82
N THR A 107 40.75 10.45 52.36
CA THR A 107 39.86 11.58 52.59
C THR A 107 38.81 11.76 51.50
N THR A 108 38.73 10.84 50.54
CA THR A 108 37.75 10.98 49.46
C THR A 108 36.91 9.72 49.26
N MET A 109 37.42 8.55 49.64
CA MET A 109 36.79 7.28 49.34
C MET A 109 36.56 6.47 50.61
N GLY A 110 35.55 5.59 50.56
CA GLY A 110 35.12 4.87 51.74
C GLY A 110 34.37 5.82 52.68
N ASP A 111 34.15 5.36 53.90
CA ASP A 111 33.63 6.27 54.92
C ASP A 111 34.70 7.30 55.23
N ARG A 112 34.51 8.51 54.69
CA ARG A 112 35.60 9.46 54.57
C ARG A 112 36.19 9.80 55.93
N PHE A 113 37.51 9.74 56.02
CA PHE A 113 38.24 10.07 57.22
C PHE A 113 38.97 11.39 57.04
N THR A 114 39.05 12.15 58.13
CA THR A 114 39.61 13.49 58.11
C THR A 114 41.13 13.44 58.09
N ASP A 115 41.74 14.58 57.71
CA ASP A 115 43.18 14.72 57.81
C ASP A 115 43.67 14.57 59.24
N GLU A 116 42.81 14.86 60.22
CA GLU A 116 43.19 14.68 61.62
C GLU A 116 43.51 13.23 61.91
N GLU A 117 42.70 12.30 61.40
CA GLU A 117 42.97 10.88 61.63
C GLU A 117 44.24 10.44 60.92
N VAL A 118 44.49 10.96 59.72
CA VAL A 118 45.71 10.61 59.00
C VAL A 118 46.93 11.09 59.78
N ASP A 119 46.87 12.31 60.31
CA ASP A 119 47.96 12.80 61.16
C ASP A 119 48.11 11.93 62.40
N GLU A 120 46.99 11.60 63.05
CA GLU A 120 47.02 10.74 64.22
C GLU A 120 47.77 9.45 63.92
N LEU A 121 47.51 8.86 62.75
CA LEU A 121 48.26 7.69 62.32
C LEU A 121 49.73 8.05 62.14
N TYR A 122 50.01 9.24 61.59
CA TYR A 122 51.39 9.63 61.31
C TYR A 122 52.15 9.96 62.60
N ARG A 123 51.43 10.19 63.71
CA ARG A 123 52.12 10.39 64.98
C ARG A 123 52.96 9.18 65.36
N GLU A 124 52.65 8.01 64.81
CA GLU A 124 53.45 6.81 65.04
C GLU A 124 54.02 6.19 63.78
N ALA A 125 53.62 6.66 62.59
CA ALA A 125 54.06 6.04 61.34
C ALA A 125 55.35 6.70 60.86
N PRO A 126 56.44 5.95 60.65
CA PRO A 126 57.66 6.54 60.07
C PRO A 126 57.49 6.74 58.57
N ILE A 127 57.69 7.97 58.13
CA ILE A 127 57.48 8.35 56.73
C ILE A 127 58.72 9.08 56.22
N ASP A 128 59.06 8.86 54.96
CA ASP A 128 60.15 9.59 54.34
C ASP A 128 59.70 11.01 54.00
N LYS A 129 60.69 11.88 53.75
CA LYS A 129 60.38 13.27 53.46
C LYS A 129 59.57 13.41 52.17
N LYS A 130 59.94 12.65 51.14
CA LYS A 130 59.23 12.74 49.86
C LYS A 130 57.84 12.13 49.93
N GLY A 131 57.51 11.37 50.97
CA GLY A 131 56.17 10.89 51.19
C GLY A 131 55.90 9.46 50.79
N ASN A 132 56.89 8.73 50.29
CA ASN A 132 56.70 7.33 49.90
C ASN A 132 56.64 6.50 51.18
N PHE A 133 55.44 6.41 51.75
CA PHE A 133 55.26 5.75 53.03
C PHE A 133 55.42 4.24 52.90
N ASN A 134 56.22 3.67 53.80
CA ASN A 134 56.40 2.23 53.91
C ASN A 134 55.73 1.75 55.18
N TYR A 135 55.44 0.44 55.23
CA TYR A 135 54.59 -0.09 56.29
C TYR A 135 55.01 -1.43 56.87
N ILE A 136 56.17 -1.97 56.52
CA ILE A 136 56.58 -3.25 57.07
C ILE A 136 56.81 -3.14 58.58
N GLU A 137 57.71 -2.23 58.98
CA GLU A 137 58.01 -2.08 60.41
C GLU A 137 56.81 -1.57 61.18
N PHE A 138 56.08 -0.60 60.62
CA PHE A 138 54.93 -0.05 61.31
C PHE A 138 53.87 -1.12 61.52
N THR A 139 53.59 -1.92 60.48
CA THR A 139 52.61 -2.98 60.61
C THR A 139 53.02 -4.01 61.65
N ARG A 140 54.30 -4.39 61.64
CA ARG A 140 54.77 -5.36 62.63
C ARG A 140 54.62 -4.81 64.04
N ILE A 141 54.99 -3.54 64.25
CA ILE A 141 54.87 -2.95 65.57
C ILE A 141 53.41 -2.89 66.00
N LEU A 142 52.51 -2.51 65.09
CA LEU A 142 51.09 -2.48 65.44
C LEU A 142 50.58 -3.86 65.83
N LYS A 143 50.95 -4.89 65.06
CA LYS A 143 50.36 -6.20 65.28
C LYS A 143 50.95 -6.93 66.49
N HIS A 144 52.26 -6.79 66.74
CA HIS A 144 52.87 -7.53 67.85
C HIS A 144 52.55 -6.87 69.18
N GLY A 145 52.70 -5.55 69.25
CA GLY A 145 52.40 -4.82 70.46
C GLY A 145 53.36 -3.66 70.63
N ALA A 146 53.20 -2.98 71.77
CA ALA A 146 54.04 -1.84 72.11
C ALA A 146 53.79 -1.39 73.54
N ASP B 1 0.13 16.63 32.89
CA ASP B 1 -0.71 17.58 33.62
C ASP B 1 -2.00 17.85 32.86
N GLU B 2 -1.91 18.71 31.84
CA GLU B 2 -3.07 19.08 31.02
C GLU B 2 -3.25 18.04 29.93
N THR B 3 -3.72 16.86 30.33
CA THR B 3 -4.01 15.77 29.40
C THR B 3 -5.50 15.81 29.08
N THR B 4 -5.84 16.27 27.88
CA THR B 4 -7.24 16.37 27.48
C THR B 4 -7.82 14.99 27.27
N ALA B 5 -9.01 14.76 27.80
CA ALA B 5 -9.67 13.47 27.66
C ALA B 5 -10.29 13.33 26.27
N LEU B 6 -10.40 12.09 25.82
CA LEU B 6 -11.02 11.77 24.54
C LEU B 6 -12.40 11.17 24.76
N VAL B 7 -13.39 11.67 24.01
CA VAL B 7 -14.75 11.18 24.07
C VAL B 7 -15.03 10.48 22.75
N CYS B 8 -15.30 9.17 22.81
CA CYS B 8 -15.55 8.36 21.64
C CYS B 8 -16.92 7.71 21.77
N ASP B 9 -17.90 8.23 21.03
CA ASP B 9 -19.25 7.70 21.04
C ASP B 9 -19.39 6.75 19.84
N ASN B 10 -18.84 5.56 19.98
CA ASN B 10 -18.89 4.56 18.92
C ASN B 10 -20.25 3.88 18.96
N GLY B 11 -21.15 4.31 18.08
CA GLY B 11 -22.45 3.69 17.95
C GLY B 11 -22.44 2.53 16.97
N SER B 12 -23.64 2.01 16.72
CA SER B 12 -23.75 0.90 15.77
C SER B 12 -23.48 1.35 14.34
N GLY B 13 -23.87 2.58 14.00
CA GLY B 13 -23.74 3.05 12.63
C GLY B 13 -22.70 4.13 12.41
N LEU B 14 -22.56 5.04 13.36
CA LEU B 14 -21.65 6.17 13.23
C LEU B 14 -20.69 6.20 14.41
N VAL B 15 -19.47 6.65 14.14
CA VAL B 15 -18.47 6.92 15.18
C VAL B 15 -18.41 8.43 15.37
N LYS B 16 -18.60 8.87 16.60
CA LYS B 16 -18.57 10.29 16.96
C LYS B 16 -17.44 10.47 17.96
N ALA B 17 -16.34 11.05 17.50
CA ALA B 17 -15.13 11.19 18.30
C ALA B 17 -14.70 12.65 18.35
N GLY B 18 -13.96 12.98 19.40
CA GLY B 18 -13.51 14.35 19.59
C GLY B 18 -12.80 14.49 20.92
N PHE B 19 -12.55 15.75 21.28
CA PHE B 19 -11.83 16.10 22.50
C PHE B 19 -12.79 16.71 23.51
N ALA B 20 -12.57 16.39 24.79
CA ALA B 20 -13.43 16.92 25.84
C ALA B 20 -13.29 18.43 25.93
N GLY B 21 -14.43 19.11 26.08
CA GLY B 21 -14.48 20.55 26.12
C GLY B 21 -14.92 21.20 24.81
N ASP B 22 -14.86 20.46 23.70
CA ASP B 22 -15.31 21.00 22.43
C ASP B 22 -16.83 21.00 22.35
N ASP B 23 -17.36 21.77 21.42
CA ASP B 23 -18.79 21.88 21.23
C ASP B 23 -19.35 20.91 20.18
N ALA B 24 -18.49 20.22 19.44
CA ALA B 24 -18.93 19.32 18.38
C ALA B 24 -17.90 18.22 18.21
N PRO B 25 -18.30 17.04 17.72
CA PRO B 25 -17.32 15.98 17.46
C PRO B 25 -16.34 16.40 16.38
N ARG B 26 -15.08 16.00 16.57
CA ARG B 26 -14.05 16.30 15.57
C ARG B 26 -14.15 15.38 14.36
N ALA B 27 -14.46 14.11 14.58
CA ALA B 27 -14.52 13.12 13.52
C ALA B 27 -15.85 12.40 13.57
N VAL B 28 -16.58 12.40 12.45
CA VAL B 28 -17.82 11.65 12.31
C VAL B 28 -17.75 10.89 10.98
N PHE B 29 -17.82 9.57 11.05
CA PHE B 29 -17.71 8.75 9.85
C PHE B 29 -18.43 7.43 10.10
N PRO B 30 -18.86 6.74 9.04
CA PRO B 30 -19.57 5.47 9.23
C PRO B 30 -18.68 4.41 9.86
N SER B 31 -19.31 3.54 10.64
CA SER B 31 -18.61 2.48 11.37
C SER B 31 -18.65 1.19 10.55
N ILE B 32 -17.98 1.23 9.41
CA ILE B 32 -17.96 0.11 8.47
C ILE B 32 -16.52 -0.24 8.13
N VAL B 33 -16.31 -1.52 7.79
CA VAL B 33 -15.05 -2.01 7.25
C VAL B 33 -15.37 -2.75 5.96
N GLY B 34 -14.70 -2.36 4.87
CA GLY B 34 -14.95 -2.95 3.57
C GLY B 34 -13.74 -3.74 3.09
N ARG B 35 -14.01 -4.79 2.32
CA ARG B 35 -12.98 -5.63 1.74
C ARG B 35 -13.31 -5.90 0.28
N PRO B 36 -12.31 -5.95 -0.60
CA PRO B 36 -12.58 -6.17 -2.02
C PRO B 36 -13.24 -7.52 -2.27
N ARG B 37 -14.18 -7.54 -3.22
CA ARG B 37 -14.88 -8.76 -3.60
C ARG B 37 -14.70 -9.11 -5.07
N HIS B 38 -13.85 -8.39 -5.78
CA HIS B 38 -13.60 -8.62 -7.21
C HIS B 38 -12.14 -8.99 -7.42
N GLN B 39 -11.75 -9.09 -8.69
CA GLN B 39 -10.43 -9.57 -9.08
C GLN B 39 -9.54 -8.40 -9.48
N GLY B 40 -8.37 -8.29 -8.85
CA GLY B 40 -7.42 -7.25 -9.17
C GLY B 40 -6.52 -7.65 -10.32
N VAL B 41 -6.50 -6.85 -11.38
CA VAL B 41 -5.78 -7.20 -12.60
C VAL B 41 -4.58 -6.30 -12.87
N MET B 42 -4.53 -5.10 -12.29
CA MET B 42 -3.39 -4.22 -12.49
C MET B 42 -2.34 -4.43 -11.42
N VAL B 43 -1.08 -4.38 -11.83
N VAL B 43 -1.09 -4.37 -11.83
CA VAL B 43 0.03 -4.66 -10.92
CA VAL B 43 0.07 -4.64 -10.99
C VAL B 43 0.22 -3.47 -9.99
C VAL B 43 0.66 -3.30 -10.53
N GLY B 44 0.15 -3.72 -8.68
N GLY B 44 1.06 -3.25 -9.27
CA GLY B 44 0.25 -2.69 -7.69
CA GLY B 44 1.58 -2.02 -8.69
C GLY B 44 -1.07 -2.13 -7.21
C GLY B 44 0.52 -1.14 -8.07
N MET B 45 -2.15 -2.38 -7.95
N MET B 45 -0.74 -1.53 -8.15
CA MET B 45 -3.48 -1.90 -7.58
CA MET B 45 -1.81 -0.76 -7.52
C MET B 45 -4.23 -3.06 -6.96
C MET B 45 -1.73 -0.90 -6.00
N GLY B 46 -4.44 -2.98 -5.64
N GLY B 46 -2.34 0.07 -5.31
CA GLY B 46 -5.05 -4.07 -4.91
CA GLY B 46 -2.38 0.05 -3.87
C GLY B 46 -4.20 -4.56 -3.76
C GLY B 46 -3.35 -0.97 -3.33
N GLN B 47 -3.33 -3.69 -3.26
N GLN B 47 -3.03 -2.25 -3.49
CA GLN B 47 -2.46 -3.99 -2.13
CA GLN B 47 -3.91 -3.35 -3.10
C GLN B 47 -3.09 -3.65 -0.79
C GLN B 47 -3.94 -3.41 -1.57
N LYS B 48 -4.28 -3.05 -0.79
N LYS B 48 -4.84 -2.64 -0.99
CA LYS B 48 -5.00 -2.71 0.43
CA LYS B 48 -5.12 -2.63 0.44
C LYS B 48 -6.07 -3.75 0.69
C LYS B 48 -6.20 -3.65 0.75
N ASP B 49 -6.05 -4.34 1.87
CA ASP B 49 -6.96 -5.42 2.24
C ASP B 49 -8.16 -4.95 3.04
N SER B 50 -8.26 -3.67 3.37
CA SER B 50 -9.35 -3.20 4.21
C SER B 50 -9.52 -1.70 4.01
N TYR B 51 -10.77 -1.24 4.08
CA TYR B 51 -11.10 0.17 4.04
C TYR B 51 -12.04 0.48 5.19
N VAL B 52 -11.74 1.54 5.93
CA VAL B 52 -12.48 1.89 7.15
C VAL B 52 -13.02 3.30 7.00
N GLY B 53 -14.31 3.47 7.23
CA GLY B 53 -14.89 4.80 7.33
C GLY B 53 -15.31 5.35 5.98
N ASP B 54 -14.95 6.61 5.71
CA ASP B 54 -15.36 7.26 4.47
C ASP B 54 -14.67 6.68 3.25
N GLU B 55 -13.43 6.21 3.42
CA GLU B 55 -12.74 5.57 2.30
C GLU B 55 -13.36 4.23 1.94
N ALA B 56 -14.12 3.61 2.86
CA ALA B 56 -14.87 2.41 2.53
C ALA B 56 -16.12 2.73 1.74
N GLN B 57 -16.61 3.96 1.81
CA GLN B 57 -17.78 4.37 1.03
C GLN B 57 -17.40 5.03 -0.28
N SER B 58 -16.19 5.57 -0.39
CA SER B 58 -15.71 6.03 -1.69
C SER B 58 -15.54 4.86 -2.65
N LYS B 59 -15.00 3.74 -2.16
CA LYS B 59 -14.83 2.52 -2.94
C LYS B 59 -16.00 1.57 -2.80
N ARG B 60 -17.20 2.10 -2.57
CA ARG B 60 -18.34 1.28 -2.16
C ARG B 60 -18.68 0.20 -3.18
N GLY B 61 -18.42 0.46 -4.45
CA GLY B 61 -18.87 -0.43 -5.51
C GLY B 61 -17.99 -1.62 -5.80
N ILE B 62 -16.91 -1.83 -5.07
CA ILE B 62 -16.06 -3.00 -5.29
C ILE B 62 -15.82 -3.72 -3.97
N LEU B 63 -16.37 -3.19 -2.89
CA LEU B 63 -16.13 -3.70 -1.56
C LEU B 63 -17.36 -4.41 -1.02
N THR B 64 -17.13 -5.27 -0.03
CA THR B 64 -18.19 -5.86 0.79
C THR B 64 -18.15 -5.15 2.14
N LEU B 65 -19.21 -4.43 2.45
CA LEU B 65 -19.27 -3.62 3.66
C LEU B 65 -19.86 -4.44 4.80
N LYS B 66 -19.20 -4.41 5.95
CA LYS B 66 -19.66 -5.12 7.14
C LYS B 66 -19.60 -4.20 8.35
N TYR B 67 -20.58 -4.34 9.23
CA TYR B 67 -20.65 -3.55 10.45
C TYR B 67 -20.10 -4.36 11.61
N PRO B 68 -19.15 -3.83 12.39
CA PRO B 68 -18.69 -4.60 13.57
C PRO B 68 -19.66 -4.63 14.72
N ILE B 69 -20.70 -3.80 14.71
CA ILE B 69 -21.63 -3.67 15.82
C ILE B 69 -23.05 -3.87 15.30
N GLU B 70 -23.78 -4.81 15.90
CA GLU B 70 -25.21 -4.95 15.68
C GLU B 70 -25.96 -4.92 16.99
N HIC B 71 -26.93 -4.03 17.09
CA HIC B 71 -27.78 -3.90 18.26
C HIC B 71 -26.95 -3.59 19.49
O HIC B 71 -27.19 -4.03 20.61
CB HIC B 71 -28.62 -5.17 18.56
CG HIC B 71 -29.41 -5.59 17.39
ND1 HIC B 71 -30.36 -4.79 16.74
CD2 HIC B 71 -29.34 -6.85 16.76
CE1 HIC B 71 -30.84 -5.54 15.74
NE2 HIC B 71 -30.25 -6.81 15.71
CZ HIC B 71 -30.53 -7.86 14.79
N GLY B 72 -25.94 -2.77 19.27
CA GLY B 72 -25.11 -2.25 20.34
C GLY B 72 -24.08 -3.21 20.90
N ILE B 73 -23.93 -4.37 20.28
CA ILE B 73 -23.00 -5.39 20.73
C ILE B 73 -21.92 -5.54 19.66
N ILE B 74 -20.67 -5.49 20.07
CA ILE B 74 -19.55 -5.68 19.15
C ILE B 74 -19.42 -7.17 18.85
N THR B 75 -19.66 -7.56 17.61
CA THR B 75 -19.59 -8.96 17.22
C THR B 75 -18.30 -9.32 16.51
N ASN B 76 -17.63 -8.35 15.90
CA ASN B 76 -16.35 -8.56 15.25
C ASN B 76 -15.30 -7.73 16.00
N TRP B 77 -14.37 -8.41 16.66
CA TRP B 77 -13.44 -7.73 17.54
C TRP B 77 -12.14 -7.33 16.85
N ASP B 78 -11.93 -7.75 15.61
CA ASP B 78 -10.79 -7.25 14.84
C ASP B 78 -11.16 -6.04 14.00
N ASP B 79 -12.35 -6.05 13.40
CA ASP B 79 -12.84 -4.86 12.72
C ASP B 79 -13.02 -3.70 13.68
N MET B 80 -13.46 -3.99 14.91
CA MET B 80 -13.60 -2.94 15.91
C MET B 80 -12.24 -2.35 16.26
N GLU B 81 -11.22 -3.19 16.38
CA GLU B 81 -9.87 -2.68 16.63
C GLU B 81 -9.39 -1.83 15.46
N LYS B 82 -9.68 -2.27 14.23
CA LYS B 82 -9.32 -1.46 13.06
C LYS B 82 -10.00 -0.09 13.11
N ILE B 83 -11.28 -0.07 13.47
CA ILE B 83 -12.02 1.19 13.52
C ILE B 83 -11.47 2.10 14.61
N TRP B 84 -11.16 1.54 15.78
CA TRP B 84 -10.60 2.35 16.86
C TRP B 84 -9.23 2.90 16.49
N HIS B 85 -8.40 2.07 15.85
CA HIS B 85 -7.09 2.53 15.40
C HIS B 85 -7.24 3.66 14.38
N HIS B 86 -8.17 3.51 13.44
CA HIS B 86 -8.44 4.58 12.49
C HIS B 86 -8.84 5.85 13.20
N THR B 87 -9.79 5.75 14.14
CA THR B 87 -10.27 6.92 14.87
C THR B 87 -9.14 7.62 15.60
N PHE B 88 -8.29 6.85 16.28
CA PHE B 88 -7.24 7.46 17.09
C PHE B 88 -6.16 8.09 16.23
N TYR B 89 -5.76 7.44 15.14
CA TYR B 89 -4.58 7.87 14.41
C TYR B 89 -4.90 8.68 13.15
N ASN B 90 -5.75 8.16 12.27
CA ASN B 90 -5.96 8.84 11.00
C ASN B 90 -6.97 9.99 11.12
N GLU B 91 -7.89 9.92 12.06
CA GLU B 91 -8.96 10.91 12.17
C GLU B 91 -8.64 11.99 13.21
N LEU B 92 -8.40 11.60 14.46
CA LEU B 92 -8.08 12.55 15.51
C LEU B 92 -6.62 12.98 15.49
N ARG B 93 -5.74 12.20 14.85
CA ARG B 93 -4.33 12.50 14.77
C ARG B 93 -3.70 12.70 16.15
N VAL B 94 -4.06 11.80 17.07
CA VAL B 94 -3.61 11.89 18.46
C VAL B 94 -3.06 10.54 18.88
N ALA B 95 -2.17 10.56 19.87
CA ALA B 95 -1.58 9.34 20.41
C ALA B 95 -2.40 8.87 21.60
N PRO B 96 -3.04 7.71 21.54
CA PRO B 96 -3.94 7.30 22.63
C PRO B 96 -3.22 7.01 23.94
N GLU B 97 -1.91 6.79 23.92
CA GLU B 97 -1.20 6.42 25.15
C GLU B 97 -0.99 7.59 26.10
N GLU B 98 -1.56 8.75 25.81
CA GLU B 98 -1.41 9.90 26.71
C GLU B 98 -2.72 10.68 26.87
N HIS B 99 -3.87 10.06 26.61
CA HIS B 99 -5.16 10.73 26.72
C HIS B 99 -6.15 9.76 27.36
N PRO B 100 -6.80 10.14 28.45
CA PRO B 100 -7.91 9.32 28.96
C PRO B 100 -9.04 9.25 27.95
N THR B 101 -9.70 8.10 27.88
CA THR B 101 -10.73 7.83 26.89
C THR B 101 -12.06 7.55 27.59
N LEU B 102 -13.12 8.17 27.09
CA LEU B 102 -14.47 7.95 27.58
C LEU B 102 -15.29 7.28 26.50
N LEU B 103 -15.87 6.12 26.81
CA LEU B 103 -16.65 5.35 25.86
C LEU B 103 -18.08 5.20 26.38
N THR B 104 -18.98 4.87 25.46
CA THR B 104 -20.41 4.75 25.76
C THR B 104 -20.89 3.34 25.43
N GLU B 105 -22.01 2.97 26.02
CA GLU B 105 -22.58 1.64 25.83
C GLU B 105 -24.07 1.68 26.18
N ALA B 106 -24.82 0.78 25.57
CA ALA B 106 -26.24 0.68 25.85
C ALA B 106 -26.49 0.16 27.26
N PRO B 107 -27.62 0.52 27.89
CA PRO B 107 -27.83 0.18 29.30
C PRO B 107 -27.84 -1.32 29.60
N LEU B 108 -28.38 -2.15 28.71
CA LEU B 108 -28.60 -3.55 29.06
C LEU B 108 -27.83 -4.49 28.15
N ASN B 109 -26.56 -4.19 27.91
CA ASN B 109 -25.71 -5.02 27.07
C ASN B 109 -25.08 -6.15 27.89
N PRO B 110 -24.58 -7.19 27.23
CA PRO B 110 -23.82 -8.22 27.96
C PRO B 110 -22.55 -7.64 28.57
N LYS B 111 -22.12 -8.26 29.67
CA LYS B 111 -20.97 -7.76 30.41
C LYS B 111 -19.66 -8.04 29.67
N ALA B 112 -19.63 -9.10 28.86
CA ALA B 112 -18.41 -9.42 28.12
C ALA B 112 -18.04 -8.30 27.16
N ASN B 113 -19.02 -7.59 26.62
CA ASN B 113 -18.73 -6.47 25.74
C ASN B 113 -17.94 -5.39 26.46
N ARG B 114 -18.40 -5.00 27.64
CA ARG B 114 -17.71 -3.98 28.42
C ARG B 114 -16.33 -4.44 28.86
N GLU B 115 -16.23 -5.70 29.31
CA GLU B 115 -14.93 -6.21 29.74
C GLU B 115 -13.94 -6.24 28.57
N LYS B 116 -14.40 -6.63 27.39
CA LYS B 116 -13.52 -6.68 26.22
C LYS B 116 -13.09 -5.29 25.79
N MET B 117 -14.00 -4.31 25.85
CA MET B 117 -13.59 -2.94 25.54
C MET B 117 -12.53 -2.47 26.53
N THR B 118 -12.70 -2.78 27.81
CA THR B 118 -11.70 -2.39 28.81
C THR B 118 -10.35 -3.03 28.51
N GLN B 119 -10.36 -4.32 28.19
CA GLN B 119 -9.11 -5.03 27.90
C GLN B 119 -8.43 -4.46 26.66
N ILE B 120 -9.19 -4.18 25.61
CA ILE B 120 -8.61 -3.63 24.38
C ILE B 120 -8.03 -2.25 24.65
N MET B 121 -8.74 -1.41 25.39
CA MET B 121 -8.22 -0.08 25.69
C MET B 121 -6.95 -0.14 26.51
N PHE B 122 -6.89 -1.03 27.50
CA PHE B 122 -5.76 -1.05 28.42
C PHE B 122 -4.58 -1.88 27.94
N GLU B 123 -4.77 -2.73 26.94
CA GLU B 123 -3.68 -3.62 26.51
C GLU B 123 -3.20 -3.36 25.10
N THR B 124 -4.10 -2.95 24.19
CA THR B 124 -3.70 -2.68 22.82
C THR B 124 -3.32 -1.23 22.59
N PHE B 125 -4.13 -0.30 23.10
CA PHE B 125 -3.87 1.13 22.89
C PHE B 125 -3.18 1.80 24.06
N ASN B 126 -3.08 1.11 25.21
CA ASN B 126 -2.30 1.59 26.35
C ASN B 126 -2.75 2.98 26.83
N VAL B 127 -4.06 3.17 26.93
CA VAL B 127 -4.61 4.42 27.43
C VAL B 127 -4.26 4.55 28.92
N PRO B 128 -4.07 5.76 29.44
CA PRO B 128 -3.76 5.89 30.87
C PRO B 128 -4.97 5.76 31.77
N ALA B 129 -6.18 6.00 31.26
CA ALA B 129 -7.40 5.91 32.06
C ALA B 129 -8.57 5.60 31.15
N MET B 130 -9.69 5.22 31.76
CA MET B 130 -10.84 4.78 30.98
C MET B 130 -12.11 4.96 31.81
N TYR B 131 -13.21 5.17 31.11
CA TYR B 131 -14.54 5.17 31.71
C TYR B 131 -15.56 4.77 30.65
N VAL B 132 -16.59 4.04 31.08
CA VAL B 132 -17.68 3.63 30.23
C VAL B 132 -18.96 4.22 30.80
N ALA B 133 -19.65 5.03 29.99
CA ALA B 133 -20.84 5.76 30.44
C ALA B 133 -22.08 5.21 29.76
N ILE B 134 -23.24 5.63 30.29
CA ILE B 134 -24.54 5.27 29.74
C ILE B 134 -25.03 6.44 28.91
N GLN B 135 -25.53 6.15 27.71
CA GLN B 135 -25.81 7.19 26.73
C GLN B 135 -26.94 8.10 27.15
N ALA B 136 -27.93 7.59 27.88
CA ALA B 136 -29.06 8.44 28.29
C ALA B 136 -28.64 9.46 29.33
N VAL B 137 -27.73 9.09 30.23
CA VAL B 137 -27.22 10.05 31.20
C VAL B 137 -26.50 11.17 30.50
N LEU B 138 -25.71 10.84 29.47
CA LEU B 138 -25.04 11.88 28.70
C LEU B 138 -26.03 12.74 27.92
N SER B 139 -27.14 12.14 27.46
CA SER B 139 -28.18 12.95 26.82
C SER B 139 -28.77 13.96 27.79
N LEU B 140 -29.02 13.55 29.03
CA LEU B 140 -29.50 14.50 30.04
C LEU B 140 -28.44 15.57 30.32
N TYR B 141 -27.17 15.18 30.39
CA TYR B 141 -26.10 16.15 30.61
C TYR B 141 -26.10 17.21 29.51
N ALA B 142 -26.24 16.77 28.26
CA ALA B 142 -26.29 17.71 27.14
C ALA B 142 -27.56 18.55 27.14
N SER B 143 -28.67 18.03 27.64
CA SER B 143 -29.92 18.76 27.66
C SER B 143 -30.01 19.77 28.80
N GLY B 144 -29.04 19.77 29.71
CA GLY B 144 -29.08 20.67 30.85
C GLY B 144 -30.20 20.39 31.83
N ARG B 145 -30.44 19.11 32.14
CA ARG B 145 -31.45 18.72 33.10
C ARG B 145 -30.91 17.65 34.02
N THR B 146 -31.53 17.51 35.18
CA THR B 146 -31.26 16.41 36.08
C THR B 146 -32.43 15.47 36.26
N THR B 147 -33.62 15.84 35.78
CA THR B 147 -34.80 15.00 35.88
C THR B 147 -35.42 14.85 34.50
N GLY B 148 -35.72 13.61 34.12
CA GLY B 148 -36.36 13.35 32.85
C GLY B 148 -36.14 11.94 32.40
N ILE B 149 -37.00 11.50 31.48
CA ILE B 149 -36.89 10.18 30.86
C ILE B 149 -36.41 10.37 29.44
N VAL B 150 -35.38 9.61 29.06
CA VAL B 150 -34.69 9.79 27.79
C VAL B 150 -35.06 8.64 26.86
N LEU B 151 -35.46 8.98 25.64
CA LEU B 151 -35.73 8.01 24.59
C LEU B 151 -34.61 8.13 23.56
N ASP B 152 -33.56 7.33 23.75
CA ASP B 152 -32.44 7.32 22.83
C ASP B 152 -32.66 6.26 21.76
N SER B 153 -32.38 6.62 20.51
CA SER B 153 -32.62 5.71 19.39
C SER B 153 -31.56 6.01 18.32
N GLY B 154 -30.54 5.17 18.26
CA GLY B 154 -29.54 5.27 17.22
C GLY B 154 -29.94 4.46 16.00
N ASP B 155 -29.13 3.48 15.61
CA ASP B 155 -29.58 2.49 14.65
C ASP B 155 -29.35 1.06 15.11
N GLY B 156 -28.83 0.85 16.32
CA GLY B 156 -28.78 -0.47 16.88
C GLY B 156 -29.94 -0.79 17.80
N VAL B 157 -30.15 0.05 18.82
CA VAL B 157 -31.14 -0.22 19.86
C VAL B 157 -31.91 1.06 20.18
N THR B 158 -33.05 0.87 20.85
CA THR B 158 -33.84 1.96 21.40
C THR B 158 -34.10 1.65 22.87
N HIS B 159 -33.73 2.59 23.75
CA HIS B 159 -33.87 2.36 25.18
C HIS B 159 -34.46 3.59 25.86
N ASN B 160 -35.12 3.34 26.99
CA ASN B 160 -35.70 4.37 27.84
C ASN B 160 -35.01 4.31 29.20
N VAL B 161 -34.61 5.48 29.71
CA VAL B 161 -33.98 5.56 31.02
C VAL B 161 -34.63 6.70 31.81
N PRO B 162 -35.45 6.41 32.82
CA PRO B 162 -36.01 7.49 33.65
C PRO B 162 -35.08 7.88 34.78
N ILE B 163 -34.78 9.18 34.89
CA ILE B 163 -33.89 9.71 35.91
C ILE B 163 -34.57 10.88 36.60
N TYR B 164 -34.49 10.89 37.93
CA TYR B 164 -35.12 11.94 38.74
C TYR B 164 -34.10 12.51 39.70
N GLU B 165 -33.79 13.80 39.55
CA GLU B 165 -32.86 14.51 40.42
C GLU B 165 -31.50 13.81 40.48
N GLY B 166 -31.08 13.27 39.34
CA GLY B 166 -29.81 12.58 39.26
C GLY B 166 -29.81 11.15 39.76
N TYR B 167 -30.98 10.61 40.09
CA TYR B 167 -31.11 9.23 40.55
C TYR B 167 -31.82 8.42 39.49
N ALA B 168 -31.19 7.32 39.07
CA ALA B 168 -31.77 6.46 38.04
C ALA B 168 -32.56 5.33 38.69
N LEU B 169 -33.61 4.90 38.01
CA LEU B 169 -34.44 3.77 38.42
C LEU B 169 -34.15 2.60 37.50
N PRO B 170 -33.18 1.74 37.84
CA PRO B 170 -32.78 0.68 36.90
C PRO B 170 -33.87 -0.31 36.57
N HIS B 171 -34.86 -0.49 37.45
CA HIS B 171 -35.91 -1.47 37.18
C HIS B 171 -36.89 -0.98 36.12
N ALA B 172 -36.89 0.31 35.81
CA ALA B 172 -37.78 0.88 34.80
C ALA B 172 -37.09 1.12 33.48
N ILE B 173 -35.89 0.58 33.29
CA ILE B 173 -35.14 0.79 32.05
C ILE B 173 -35.65 -0.20 31.00
N MET B 174 -36.05 0.32 29.85
CA MET B 174 -36.53 -0.47 28.73
C MET B 174 -35.45 -0.60 27.67
N ARG B 175 -35.68 -1.52 26.73
CA ARG B 175 -34.74 -1.74 25.64
C ARG B 175 -35.48 -2.40 24.49
N LEU B 176 -35.28 -1.89 23.28
CA LEU B 176 -35.83 -2.49 22.08
C LEU B 176 -34.71 -2.68 21.07
N ASP B 177 -34.71 -3.84 20.41
CA ASP B 177 -33.78 -4.10 19.31
C ASP B 177 -34.43 -3.72 17.97
N LEU B 178 -34.95 -2.49 17.93
CA LEU B 178 -35.60 -1.95 16.75
C LEU B 178 -35.16 -0.51 16.60
N ALA B 179 -34.45 -0.22 15.51
CA ALA B 179 -33.81 1.08 15.34
C ALA B 179 -33.57 1.31 13.86
N GLY B 180 -32.68 2.25 13.53
CA GLY B 180 -32.54 2.71 12.16
C GLY B 180 -32.18 1.61 11.17
N ARG B 181 -31.36 0.64 11.58
CA ARG B 181 -30.97 -0.43 10.67
C ARG B 181 -32.19 -1.26 10.25
N ASP B 182 -33.07 -1.56 11.20
CA ASP B 182 -34.30 -2.27 10.86
C ASP B 182 -35.19 -1.43 9.96
N LEU B 183 -35.21 -0.12 10.16
CA LEU B 183 -35.98 0.76 9.28
C LEU B 183 -35.42 0.72 7.85
N THR B 184 -34.09 0.72 7.71
CA THR B 184 -33.48 0.62 6.40
C THR B 184 -33.83 -0.71 5.73
N ASP B 185 -33.79 -1.80 6.50
CA ASP B 185 -34.14 -3.10 5.93
C ASP B 185 -35.60 -3.14 5.51
N TYR B 186 -36.50 -2.58 6.32
CA TYR B 186 -37.91 -2.59 5.96
C TYR B 186 -38.19 -1.72 4.74
N LEU B 187 -37.52 -0.57 4.64
CA LEU B 187 -37.66 0.26 3.45
C LEU B 187 -37.14 -0.47 2.22
N MET B 188 -36.02 -1.17 2.36
CA MET B 188 -35.50 -1.97 1.25
C MET B 188 -36.50 -3.03 0.82
N LYS B 189 -37.18 -3.65 1.79
CA LYS B 189 -38.16 -4.67 1.48
C LYS B 189 -39.37 -4.08 0.77
N ILE B 190 -39.89 -2.95 1.25
CA ILE B 190 -41.11 -2.38 0.68
C ILE B 190 -40.84 -1.56 -0.57
N LEU B 191 -39.58 -1.31 -0.91
CA LEU B 191 -39.27 -0.67 -2.19
C LEU B 191 -39.42 -1.61 -3.37
N THR B 192 -39.56 -2.91 -3.14
CA THR B 192 -39.76 -3.87 -4.21
C THR B 192 -41.17 -3.83 -4.77
N GLU B 193 -42.12 -3.22 -4.07
CA GLU B 193 -43.49 -3.14 -4.57
C GLU B 193 -43.59 -2.26 -5.80
N ARG B 194 -42.69 -1.31 -5.99
CA ARG B 194 -42.65 -0.48 -7.19
C ARG B 194 -41.61 -0.97 -8.19
N GLY B 195 -40.96 -2.09 -7.93
CA GLY B 195 -40.03 -2.67 -8.87
C GLY B 195 -38.59 -2.25 -8.70
N TYR B 196 -38.24 -1.66 -7.56
CA TYR B 196 -36.86 -1.25 -7.29
C TYR B 196 -36.18 -2.34 -6.47
N SER B 197 -35.07 -2.85 -6.97
CA SER B 197 -34.35 -3.95 -6.33
C SER B 197 -33.01 -3.44 -5.82
N PHE B 198 -32.85 -3.42 -4.50
CA PHE B 198 -31.59 -3.10 -3.84
C PHE B 198 -31.19 -4.33 -3.03
N VAL B 199 -30.09 -4.97 -3.41
CA VAL B 199 -29.70 -6.27 -2.88
C VAL B 199 -28.40 -6.19 -2.10
N THR B 200 -27.34 -5.68 -2.73
CA THR B 200 -26.01 -5.74 -2.15
C THR B 200 -25.90 -4.80 -0.95
N THR B 201 -24.78 -4.92 -0.24
CA THR B 201 -24.52 -4.05 0.90
C THR B 201 -24.23 -2.63 0.47
N ALA B 202 -23.76 -2.44 -0.76
CA ALA B 202 -23.51 -1.09 -1.27
C ALA B 202 -24.81 -0.36 -1.57
N GLU B 203 -25.87 -1.09 -1.93
CA GLU B 203 -27.17 -0.48 -2.12
C GLU B 203 -27.91 -0.24 -0.82
N ARG B 204 -27.49 -0.88 0.27
CA ARG B 204 -28.03 -0.57 1.58
C ARG B 204 -27.74 0.88 1.94
N GLU B 205 -26.56 1.38 1.57
CA GLU B 205 -26.23 2.78 1.84
C GLU B 205 -27.11 3.73 1.04
N ILE B 206 -27.41 3.36 -0.22
CA ILE B 206 -28.32 4.18 -1.02
C ILE B 206 -29.72 4.22 -0.41
N VAL B 207 -30.20 3.06 0.05
CA VAL B 207 -31.50 3.01 0.70
C VAL B 207 -31.49 3.83 1.98
N ARG B 208 -30.38 3.79 2.72
CA ARG B 208 -30.27 4.58 3.94
C ARG B 208 -30.32 6.07 3.63
N ASP B 209 -29.65 6.49 2.56
CA ASP B 209 -29.71 7.90 2.15
C ASP B 209 -31.13 8.29 1.75
N ILE B 210 -31.83 7.41 1.02
CA ILE B 210 -33.21 7.68 0.67
C ILE B 210 -34.07 7.85 1.92
N LYS B 211 -33.88 6.97 2.90
CA LYS B 211 -34.64 7.05 4.14
C LYS B 211 -34.35 8.35 4.89
N GLU B 212 -33.08 8.75 4.95
CA GLU B 212 -32.74 10.00 5.63
C GLU B 212 -33.33 11.21 4.92
N LYS B 213 -33.33 11.21 3.59
CA LYS B 213 -33.75 12.41 2.86
C LYS B 213 -35.26 12.55 2.73
N LEU B 214 -35.98 11.45 2.50
CA LEU B 214 -37.38 11.55 2.11
C LEU B 214 -38.39 11.10 3.16
N CYS B 215 -38.02 10.19 4.06
CA CYS B 215 -38.98 9.62 4.98
C CYS B 215 -39.37 10.62 6.08
N TYR B 216 -40.61 10.50 6.54
CA TYR B 216 -41.13 11.35 7.61
C TYR B 216 -42.18 10.55 8.38
N VAL B 217 -42.61 11.10 9.51
CA VAL B 217 -43.59 10.47 10.38
C VAL B 217 -44.92 11.19 10.21
N ALA B 218 -45.98 10.42 9.95
CA ALA B 218 -47.31 10.99 9.79
C ALA B 218 -47.96 11.18 11.14
N LEU B 219 -48.71 12.29 11.27
CA LEU B 219 -49.41 12.56 12.53
C LEU B 219 -50.44 11.48 12.82
N ASP B 220 -51.17 11.05 11.80
CA ASP B 220 -52.10 9.93 11.89
C ASP B 220 -51.96 9.06 10.65
N PHE B 221 -51.92 7.74 10.85
CA PHE B 221 -51.50 6.85 9.78
C PHE B 221 -52.62 6.60 8.78
N GLU B 222 -53.85 6.38 9.25
CA GLU B 222 -54.91 5.93 8.36
C GLU B 222 -55.34 7.03 7.39
N ASN B 223 -55.58 8.25 7.90
CA ASN B 223 -55.93 9.34 7.00
C ASN B 223 -54.78 9.73 6.10
N GLU B 224 -53.54 9.58 6.56
CA GLU B 224 -52.41 9.81 5.66
C GLU B 224 -52.40 8.81 4.52
N MET B 225 -52.67 7.54 4.81
CA MET B 225 -52.74 6.53 3.76
C MET B 225 -53.89 6.82 2.80
N ALA B 226 -55.03 7.25 3.34
CA ALA B 226 -56.16 7.59 2.48
C ALA B 226 -55.82 8.76 1.56
N THR B 227 -55.16 9.78 2.09
CA THR B 227 -54.75 10.91 1.26
C THR B 227 -53.76 10.49 0.20
N ALA B 228 -52.79 9.65 0.57
CA ALA B 228 -51.78 9.20 -0.40
C ALA B 228 -52.42 8.36 -1.51
N ALA B 229 -53.43 7.56 -1.16
CA ALA B 229 -54.10 6.74 -2.17
C ALA B 229 -55.02 7.57 -3.05
N SER B 230 -55.63 8.61 -2.49
CA SER B 230 -56.62 9.38 -3.23
C SER B 230 -56.01 10.47 -4.11
N SER B 231 -54.70 10.67 -4.05
CA SER B 231 -54.05 11.71 -4.84
C SER B 231 -52.61 11.28 -5.12
N SER B 232 -51.80 12.22 -5.62
CA SER B 232 -50.40 11.96 -5.92
C SER B 232 -49.54 13.14 -5.51
N SER B 233 -49.96 13.89 -4.49
CA SER B 233 -49.23 15.06 -4.04
C SER B 233 -48.18 14.76 -2.99
N LEU B 234 -48.09 13.51 -2.53
CA LEU B 234 -47.12 13.11 -1.52
C LEU B 234 -45.92 12.37 -2.09
N GLU B 235 -45.79 12.34 -3.42
CA GLU B 235 -44.73 11.60 -4.07
C GLU B 235 -43.53 12.50 -4.32
N LYS B 236 -42.33 11.96 -4.10
CA LYS B 236 -41.09 12.68 -4.32
C LYS B 236 -40.13 11.79 -5.12
N SER B 237 -39.23 12.44 -5.85
CA SER B 237 -38.28 11.75 -6.71
C SER B 237 -36.90 11.74 -6.08
N TYR B 238 -36.13 10.70 -6.39
CA TYR B 238 -34.77 10.55 -5.92
C TYR B 238 -33.91 10.07 -7.07
N GLU B 239 -32.69 10.60 -7.16
CA GLU B 239 -31.78 10.27 -8.25
C GLU B 239 -30.72 9.29 -7.75
N LEU B 240 -30.62 8.15 -8.39
CA LEU B 240 -29.65 7.13 -8.05
C LEU B 240 -28.26 7.52 -8.55
N PRO B 241 -27.21 6.89 -8.02
CA PRO B 241 -25.85 7.29 -8.43
C PRO B 241 -25.58 7.22 -9.92
N ASP B 242 -26.22 6.31 -10.65
CA ASP B 242 -25.99 6.16 -12.08
C ASP B 242 -26.95 6.97 -12.93
N GLY B 243 -27.82 7.77 -12.31
CA GLY B 243 -28.71 8.65 -13.05
C GLY B 243 -30.16 8.24 -13.09
N GLN B 244 -30.47 6.99 -12.73
CA GLN B 244 -31.87 6.56 -12.72
C GLN B 244 -32.63 7.27 -11.61
N VAL B 245 -33.90 7.56 -11.89
CA VAL B 245 -34.76 8.30 -10.98
C VAL B 245 -35.86 7.38 -10.47
N ILE B 246 -36.00 7.31 -9.15
CA ILE B 246 -37.04 6.52 -8.51
C ILE B 246 -38.03 7.46 -7.86
N THR B 247 -39.25 6.97 -7.66
CA THR B 247 -40.32 7.74 -7.05
C THR B 247 -40.97 6.89 -5.96
N ILE B 248 -41.23 7.49 -4.81
CA ILE B 248 -41.85 6.81 -3.69
C ILE B 248 -42.99 7.66 -3.14
N GLY B 249 -44.08 7.00 -2.75
CA GLY B 249 -45.25 7.66 -2.22
C GLY B 249 -45.48 7.38 -0.75
N ASN B 250 -46.41 6.47 -0.46
CA ASN B 250 -46.72 6.12 0.92
C ASN B 250 -45.55 5.44 1.64
N GLU B 251 -44.55 4.96 0.90
CA GLU B 251 -43.35 4.41 1.55
C GLU B 251 -42.61 5.46 2.34
N ARG B 252 -42.87 6.75 2.09
CA ARG B 252 -42.20 7.81 2.83
C ARG B 252 -42.58 7.78 4.31
N PHE B 253 -43.85 7.56 4.63
CA PHE B 253 -44.28 7.49 6.01
C PHE B 253 -44.58 6.08 6.49
N ARG B 254 -44.59 5.09 5.60
CA ARG B 254 -44.78 3.72 6.04
C ARG B 254 -43.52 3.15 6.69
N CYS B 255 -42.34 3.66 6.29
CA CYS B 255 -41.11 3.16 6.90
C CYS B 255 -40.97 3.56 8.36
N PRO B 256 -41.08 4.84 8.75
CA PRO B 256 -40.96 5.18 10.17
C PRO B 256 -42.13 4.72 11.01
N GLU B 257 -43.22 4.25 10.41
CA GLU B 257 -44.37 3.78 11.16
C GLU B 257 -44.06 2.53 11.97
N THR B 258 -43.03 1.78 11.61
CA THR B 258 -42.68 0.58 12.36
C THR B 258 -42.13 0.90 13.74
N LEU B 259 -41.80 2.15 14.02
CA LEU B 259 -41.43 2.53 15.38
C LEU B 259 -42.62 2.49 16.32
N PHE B 260 -43.82 2.82 15.82
CA PHE B 260 -45.03 2.77 16.61
C PHE B 260 -45.82 1.49 16.42
N GLN B 261 -45.58 0.75 15.34
CA GLN B 261 -46.20 -0.54 15.08
C GLN B 261 -45.12 -1.54 14.70
N PRO B 262 -44.41 -2.10 15.69
CA PRO B 262 -43.34 -3.06 15.36
C PRO B 262 -43.85 -4.32 14.69
N SER B 263 -45.17 -4.50 14.61
CA SER B 263 -45.75 -5.66 13.95
C SER B 263 -45.51 -5.66 12.45
N PHE B 264 -45.14 -4.53 11.86
CA PHE B 264 -44.86 -4.49 10.42
C PHE B 264 -43.66 -5.34 10.07
N ILE B 265 -42.66 -5.38 10.95
CA ILE B 265 -41.49 -6.21 10.74
C ILE B 265 -41.56 -7.50 11.56
N GLY B 266 -42.76 -7.91 11.96
CA GLY B 266 -42.95 -9.15 12.68
C GLY B 266 -42.37 -9.21 14.07
N MET B 267 -42.55 -8.16 14.86
CA MET B 267 -42.17 -8.16 16.27
C MET B 267 -43.42 -7.99 17.14
N GLU B 268 -43.41 -8.66 18.29
CA GLU B 268 -44.52 -8.59 19.22
C GLU B 268 -44.40 -7.42 20.20
N SER B 269 -43.31 -6.66 20.14
CA SER B 269 -43.09 -5.59 21.09
C SER B 269 -44.07 -4.44 20.85
N ALA B 270 -44.12 -3.54 21.83
CA ALA B 270 -44.97 -2.37 21.75
C ALA B 270 -44.21 -1.21 21.11
N GLY B 271 -44.95 -0.20 20.68
CA GLY B 271 -44.35 0.96 20.07
C GLY B 271 -43.52 1.75 21.07
N ILE B 272 -42.81 2.75 20.54
CA ILE B 272 -41.96 3.57 21.41
C ILE B 272 -42.80 4.37 22.38
N HIS B 273 -43.98 4.81 21.97
CA HIS B 273 -44.85 5.57 22.87
C HIS B 273 -45.35 4.70 24.03
N GLU B 274 -45.80 3.49 23.72
CA GLU B 274 -46.25 2.59 24.78
C GLU B 274 -45.10 2.14 25.66
N THR B 275 -43.92 1.95 25.08
CA THR B 275 -42.75 1.61 25.89
C THR B 275 -42.40 2.76 26.85
N THR B 276 -42.45 4.00 26.37
CA THR B 276 -42.19 5.14 27.23
C THR B 276 -43.23 5.25 28.34
N TYR B 277 -44.50 5.06 28.00
CA TYR B 277 -45.55 5.13 29.01
C TYR B 277 -45.38 4.03 30.05
N ASN B 278 -45.02 2.81 29.60
CA ASN B 278 -44.80 1.72 30.54
C ASN B 278 -43.61 1.99 31.45
N SER B 279 -42.55 2.56 30.90
CA SER B 279 -41.40 2.91 31.72
C SER B 279 -41.75 3.98 32.74
N ILE B 280 -42.56 4.95 32.35
CA ILE B 280 -43.01 5.98 33.30
C ILE B 280 -43.85 5.34 34.41
N MET B 281 -44.77 4.45 34.05
CA MET B 281 -45.66 3.86 35.04
C MET B 281 -44.95 2.89 35.98
N LYS B 282 -43.71 2.51 35.67
CA LYS B 282 -42.95 1.68 36.59
C LYS B 282 -42.20 2.49 37.64
N CYS B 283 -42.28 3.82 37.58
CA CYS B 283 -41.62 4.67 38.56
C CYS B 283 -42.59 5.00 39.69
N ASP B 284 -42.09 5.74 40.68
CA ASP B 284 -42.90 6.13 41.82
C ASP B 284 -43.98 7.11 41.39
N ILE B 285 -45.10 7.09 42.12
CA ILE B 285 -46.23 7.94 41.77
C ILE B 285 -45.89 9.41 41.93
N ASP B 286 -44.90 9.73 42.77
CA ASP B 286 -44.48 11.11 42.96
C ASP B 286 -43.46 11.55 41.92
N ILE B 287 -42.98 10.65 41.07
CA ILE B 287 -42.02 10.99 40.03
C ILE B 287 -42.70 11.20 38.68
N ARG B 288 -43.92 10.66 38.49
CA ARG B 288 -44.51 10.58 37.16
C ARG B 288 -44.82 11.96 36.58
N LYS B 289 -45.28 12.90 37.41
CA LYS B 289 -45.66 14.20 36.89
C LYS B 289 -44.46 14.95 36.32
N ASP B 290 -43.31 14.88 36.99
CA ASP B 290 -42.12 15.52 36.46
C ASP B 290 -41.59 14.84 35.22
N LEU B 291 -41.68 13.50 35.16
CA LEU B 291 -41.23 12.77 33.98
C LEU B 291 -42.12 13.06 32.77
N TYR B 292 -43.42 13.24 32.98
CA TYR B 292 -44.33 13.48 31.86
C TYR B 292 -43.97 14.75 31.10
N ALA B 293 -43.37 15.73 31.78
CA ALA B 293 -43.03 17.01 31.17
C ALA B 293 -41.55 17.12 30.81
N ASN B 294 -40.81 16.02 30.84
CA ASN B 294 -39.38 16.05 30.56
C ASN B 294 -39.00 14.87 29.67
N ASN B 295 -39.78 14.62 28.63
CA ASN B 295 -39.49 13.55 27.68
C ASN B 295 -38.40 14.04 26.73
N VAL B 296 -37.18 13.56 26.93
CA VAL B 296 -36.03 13.98 26.15
C VAL B 296 -35.77 12.94 25.07
N MET B 297 -35.71 13.38 23.82
CA MET B 297 -35.45 12.50 22.69
C MET B 297 -34.04 12.71 22.18
N SER B 298 -33.34 11.60 21.93
CA SER B 298 -31.95 11.65 21.51
C SER B 298 -31.70 10.59 20.45
N GLY B 299 -30.71 10.83 19.61
CA GLY B 299 -30.31 9.88 18.60
C GLY B 299 -30.73 10.31 17.20
N GLY B 300 -30.19 9.61 16.21
CA GLY B 300 -30.47 9.94 14.83
C GLY B 300 -31.82 9.45 14.34
N THR B 301 -32.34 8.37 14.92
CA THR B 301 -33.64 7.85 14.50
C THR B 301 -34.78 8.76 14.94
N THR B 302 -34.53 9.65 15.90
CA THR B 302 -35.53 10.62 16.34
C THR B 302 -35.55 11.88 15.48
N MET B 303 -34.85 11.86 14.35
CA MET B 303 -34.71 13.04 13.50
C MET B 303 -35.75 13.12 12.41
N TYR B 304 -36.71 12.21 12.38
CA TYR B 304 -37.75 12.26 11.37
C TYR B 304 -38.62 13.50 11.59
N PRO B 305 -39.04 14.18 10.52
CA PRO B 305 -40.00 15.28 10.68
C PRO B 305 -41.32 14.76 11.23
N GLY B 306 -41.84 15.47 12.24
CA GLY B 306 -43.13 15.13 12.81
C GLY B 306 -43.14 14.01 13.82
N ILE B 307 -41.97 13.53 14.25
CA ILE B 307 -41.94 12.44 15.21
C ILE B 307 -42.31 12.94 16.61
N ALA B 308 -41.88 14.14 16.97
CA ALA B 308 -42.19 14.68 18.29
C ALA B 308 -43.68 14.96 18.43
N ASP B 309 -44.32 15.46 17.37
CA ASP B 309 -45.75 15.72 17.42
C ASP B 309 -46.53 14.44 17.66
N ARG B 310 -46.18 13.37 16.95
CA ARG B 310 -46.89 12.11 17.16
C ARG B 310 -46.58 11.50 18.51
N MET B 311 -45.36 11.62 18.99
CA MET B 311 -45.05 11.13 20.34
C MET B 311 -45.89 11.85 21.37
N GLN B 312 -45.99 13.17 21.27
CA GLN B 312 -46.82 13.92 22.20
C GLN B 312 -48.29 13.51 22.10
N LYS B 313 -48.79 13.32 20.88
CA LYS B 313 -50.17 12.91 20.70
C LYS B 313 -50.43 11.55 21.35
N GLU B 314 -49.53 10.59 21.12
CA GLU B 314 -49.73 9.25 21.68
C GLU B 314 -49.64 9.25 23.19
N ILE B 315 -48.66 9.96 23.76
CA ILE B 315 -48.53 10.01 25.21
C ILE B 315 -49.73 10.72 25.83
N THR B 316 -50.22 11.78 25.19
CA THR B 316 -51.42 12.45 25.68
C THR B 316 -52.62 11.52 25.65
N ALA B 317 -52.75 10.72 24.60
CA ALA B 317 -53.82 9.74 24.54
C ALA B 317 -53.69 8.71 25.67
N LEU B 318 -52.46 8.29 25.97
CA LEU B 318 -52.26 7.29 27.01
C LEU B 318 -52.35 7.89 28.41
N ALA B 319 -51.61 8.97 28.66
CA ALA B 319 -51.56 9.56 29.99
C ALA B 319 -52.87 10.28 30.32
N PRO B 320 -53.17 10.47 31.60
CA PRO B 320 -54.37 11.21 31.99
C PRO B 320 -54.34 12.65 31.49
N SER B 321 -55.52 13.21 31.23
CA SER B 321 -55.63 14.55 30.68
C SER B 321 -55.16 15.62 31.66
N THR B 322 -55.10 15.31 32.95
CA THR B 322 -54.65 16.30 33.93
C THR B 322 -53.19 16.66 33.73
N MET B 323 -52.35 15.68 33.42
CA MET B 323 -50.91 15.92 33.29
C MET B 323 -50.60 16.72 32.04
N LYS B 324 -49.44 17.38 32.07
CA LYS B 324 -48.94 18.15 30.95
C LYS B 324 -47.78 17.40 30.31
N ILE B 325 -47.89 17.15 29.00
CA ILE B 325 -46.91 16.36 28.26
C ILE B 325 -46.03 17.31 27.45
N LYS B 326 -44.72 17.16 27.62
CA LYS B 326 -43.74 17.93 26.86
C LYS B 326 -42.73 16.98 26.25
N ILE B 327 -42.46 17.13 24.96
CA ILE B 327 -41.44 16.36 24.25
C ILE B 327 -40.32 17.32 23.90
N ILE B 328 -39.15 17.10 24.50
CA ILE B 328 -37.99 17.95 24.26
C ILE B 328 -37.15 17.31 23.16
N ALA B 329 -37.12 17.94 22.00
CA ALA B 329 -36.37 17.45 20.84
C ALA B 329 -35.49 18.58 20.34
N PRO B 330 -34.32 18.76 20.95
CA PRO B 330 -33.44 19.84 20.51
C PRO B 330 -32.97 19.60 19.09
N PRO B 331 -32.66 20.66 18.34
CA PRO B 331 -32.22 20.48 16.95
C PRO B 331 -30.93 19.71 16.82
N GLU B 332 -30.11 19.65 17.87
CA GLU B 332 -28.82 18.96 17.83
C GLU B 332 -28.86 17.62 18.57
N ARG B 333 -30.04 16.99 18.66
CA ARG B 333 -30.16 15.74 19.41
C ARG B 333 -29.43 14.59 18.75
N LYS B 334 -28.97 14.75 17.51
CA LYS B 334 -28.15 13.72 16.87
C LYS B 334 -26.78 13.59 17.53
N TYR B 335 -26.32 14.62 18.23
CA TYR B 335 -25.00 14.63 18.87
C TYR B 335 -25.10 14.83 20.37
N SER B 336 -26.27 14.61 20.95
CA SER B 336 -26.47 14.90 22.37
C SER B 336 -25.65 13.98 23.26
N VAL B 337 -25.52 12.72 22.88
CA VAL B 337 -24.72 11.79 23.69
C VAL B 337 -23.27 12.24 23.72
N TRP B 338 -22.73 12.61 22.56
CA TRP B 338 -21.34 13.08 22.53
C TRP B 338 -21.19 14.40 23.31
N ILE B 339 -22.15 15.32 23.18
CA ILE B 339 -22.05 16.59 23.89
C ILE B 339 -22.06 16.35 25.40
N GLY B 340 -22.94 15.47 25.86
CA GLY B 340 -22.98 15.15 27.29
C GLY B 340 -21.70 14.48 27.76
N GLY B 341 -21.16 13.57 26.95
CA GLY B 341 -19.90 12.94 27.31
C GLY B 341 -18.76 13.94 27.39
N SER B 342 -18.74 14.91 26.47
CA SER B 342 -17.74 15.97 26.50
C SER B 342 -17.89 16.83 27.74
N ILE B 343 -19.13 17.17 28.12
CA ILE B 343 -19.35 17.95 29.33
C ILE B 343 -18.88 17.18 30.55
N LEU B 344 -19.20 15.89 30.61
CA LEU B 344 -18.87 15.09 31.79
C LEU B 344 -17.38 14.85 31.91
N ALA B 345 -16.69 14.61 30.78
CA ALA B 345 -15.27 14.28 30.84
C ALA B 345 -14.41 15.49 31.17
N SER B 346 -14.94 16.70 31.03
CA SER B 346 -14.17 17.91 31.30
C SER B 346 -14.32 18.41 32.74
N LEU B 347 -15.18 17.77 33.54
CA LEU B 347 -15.37 18.20 34.91
C LEU B 347 -14.14 17.86 35.76
N SER B 348 -13.80 18.75 36.69
CA SER B 348 -12.67 18.50 37.58
C SER B 348 -13.01 17.44 38.62
N THR B 349 -14.26 17.38 39.08
CA THR B 349 -14.66 16.38 40.05
C THR B 349 -14.69 14.98 39.45
N PHE B 350 -14.80 14.87 38.13
CA PHE B 350 -14.84 13.58 37.45
C PHE B 350 -13.47 12.91 37.40
N GLN B 351 -12.40 13.63 37.70
CA GLN B 351 -11.06 13.05 37.57
C GLN B 351 -10.82 11.90 38.55
N GLN B 352 -11.66 11.76 39.56
CA GLN B 352 -11.53 10.68 40.52
C GLN B 352 -12.36 9.45 40.15
N MET B 353 -13.08 9.48 39.04
CA MET B 353 -13.92 8.37 38.62
C MET B 353 -13.32 7.58 37.45
N TRP B 354 -12.15 7.98 36.97
CA TRP B 354 -11.50 7.23 35.91
C TRP B 354 -11.03 5.87 36.43
N ILE B 355 -10.93 4.92 35.51
CA ILE B 355 -10.33 3.62 35.80
C ILE B 355 -8.87 3.72 35.38
N THR B 356 -7.97 3.87 36.34
CA THR B 356 -6.57 4.05 36.04
C THR B 356 -5.93 2.71 35.66
N LYS B 357 -4.74 2.79 35.07
CA LYS B 357 -4.04 1.59 34.64
C LYS B 357 -3.65 0.72 35.85
N GLN B 358 -3.29 1.35 36.96
CA GLN B 358 -2.94 0.60 38.16
C GLN B 358 -4.12 -0.22 38.67
N GLU B 359 -5.32 0.38 38.69
CA GLU B 359 -6.50 -0.36 39.14
C GLU B 359 -6.78 -1.55 38.24
N TYR B 360 -6.64 -1.36 36.92
CA TYR B 360 -6.81 -2.47 35.99
C TYR B 360 -5.79 -3.57 36.26
N ASP B 361 -4.52 -3.20 36.42
CA ASP B 361 -3.49 -4.19 36.70
C ASP B 361 -3.80 -4.96 37.98
N GLU B 362 -4.36 -4.28 38.97
CA GLU B 362 -4.66 -4.94 40.24
C GLU B 362 -5.86 -5.88 40.12
N ALA B 363 -6.92 -5.44 39.44
CA ALA B 363 -8.23 -6.09 39.57
C ALA B 363 -8.69 -6.82 38.30
N GLY B 364 -7.89 -6.84 37.23
CA GLY B 364 -8.32 -7.51 36.03
C GLY B 364 -9.35 -6.69 35.28
N PRO B 365 -9.89 -7.26 34.20
CA PRO B 365 -10.92 -6.54 33.43
C PRO B 365 -12.26 -6.38 34.13
N SER B 366 -12.45 -7.00 35.29
CA SER B 366 -13.72 -6.94 36.01
C SER B 366 -13.86 -5.70 36.87
N ILE B 367 -12.85 -4.83 36.90
CA ILE B 367 -12.94 -3.59 37.67
C ILE B 367 -14.01 -2.68 37.10
N VAL B 368 -14.27 -2.78 35.79
CA VAL B 368 -15.23 -1.90 35.13
C VAL B 368 -16.65 -2.12 35.61
N HIS B 369 -16.95 -3.30 36.18
CA HIS B 369 -18.30 -3.56 36.65
C HIS B 369 -18.62 -2.80 37.93
N ARG B 370 -17.63 -2.58 38.79
CA ARG B 370 -17.85 -1.84 40.02
C ARG B 370 -17.47 -0.37 39.91
N LYS B 371 -16.55 -0.01 39.01
CA LYS B 371 -16.19 1.39 38.87
C LYS B 371 -17.22 2.17 38.05
N CYS B 372 -17.84 1.52 37.05
CA CYS B 372 -18.78 2.18 36.16
C CYS B 372 -20.19 1.71 36.48
N PHE B 373 -21.09 2.67 36.69
CA PHE B 373 -22.48 2.40 37.06
C PHE B 373 -22.55 1.54 38.32
N ASP C 1 21.60 -10.60 -16.04
CA ASP C 1 21.19 -9.48 -15.22
C ASP C 1 20.21 -8.56 -15.96
N GLU C 2 20.75 -7.72 -16.84
CA GLU C 2 19.94 -6.79 -17.61
C GLU C 2 19.42 -7.51 -18.86
N THR C 3 18.45 -8.40 -18.63
CA THR C 3 17.80 -9.12 -19.72
C THR C 3 16.50 -8.40 -20.06
N THR C 4 16.49 -7.70 -21.19
CA THR C 4 15.33 -6.95 -21.61
C THR C 4 14.22 -7.91 -22.03
N ALA C 5 13.00 -7.65 -21.56
CA ALA C 5 11.87 -8.49 -21.91
C ALA C 5 11.37 -8.17 -23.31
N LEU C 6 10.76 -9.18 -23.94
CA LEU C 6 10.18 -9.04 -25.27
C LEU C 6 8.66 -8.99 -25.16
N VAL C 7 8.06 -8.02 -25.84
CA VAL C 7 6.62 -7.88 -25.90
C VAL C 7 6.17 -8.22 -27.31
N CYS C 8 5.36 -9.27 -27.44
CA CYS C 8 4.88 -9.75 -28.73
C CYS C 8 3.36 -9.74 -28.72
N ASP C 9 2.77 -8.76 -29.40
CA ASP C 9 1.33 -8.63 -29.50
C ASP C 9 0.90 -9.27 -30.82
N ASN C 10 0.86 -10.60 -30.84
CA ASN C 10 0.47 -11.33 -32.04
C ASN C 10 -1.05 -11.35 -32.13
N GLY C 11 -1.59 -10.48 -32.96
CA GLY C 11 -3.02 -10.43 -33.21
C GLY C 11 -3.43 -11.35 -34.34
N SER C 12 -4.70 -11.26 -34.70
CA SER C 12 -5.21 -12.08 -35.80
C SER C 12 -4.66 -11.63 -37.14
N GLY C 13 -4.44 -10.33 -37.31
CA GLY C 13 -4.01 -9.80 -38.60
C GLY C 13 -2.60 -9.28 -38.64
N LEU C 14 -2.15 -8.64 -37.56
CA LEU C 14 -0.84 -8.01 -37.50
C LEU C 14 -0.06 -8.55 -36.31
N VAL C 15 1.25 -8.65 -36.49
CA VAL C 15 2.17 -8.98 -35.40
C VAL C 15 2.87 -7.68 -34.99
N LYS C 16 2.78 -7.35 -33.71
CA LYS C 16 3.39 -6.15 -33.15
C LYS C 16 4.41 -6.59 -32.11
N ALA C 17 5.69 -6.51 -32.45
CA ALA C 17 6.76 -7.02 -31.61
C ALA C 17 7.78 -5.91 -31.34
N GLY C 18 8.49 -6.06 -30.24
CA GLY C 18 9.47 -5.06 -29.85
C GLY C 18 10.07 -5.41 -28.50
N PHE C 19 10.81 -4.43 -27.96
CA PHE C 19 11.49 -4.59 -26.68
C PHE C 19 10.81 -3.74 -25.62
N ALA C 20 10.76 -4.27 -24.39
CA ALA C 20 10.14 -3.55 -23.30
C ALA C 20 10.90 -2.27 -22.98
N GLY C 21 10.16 -1.19 -22.77
CA GLY C 21 10.73 0.12 -22.53
C GLY C 21 10.74 1.03 -23.73
N ASP C 22 10.56 0.50 -24.93
CA ASP C 22 10.49 1.32 -26.13
C ASP C 22 9.13 1.99 -26.25
N ASP C 23 9.07 3.02 -27.07
CA ASP C 23 7.84 3.77 -27.28
C ASP C 23 7.02 3.28 -28.46
N ALA C 24 7.55 2.37 -29.27
CA ALA C 24 6.85 1.89 -30.45
C ALA C 24 7.32 0.47 -30.76
N PRO C 25 6.49 -0.33 -31.43
CA PRO C 25 6.93 -1.68 -31.81
C PRO C 25 8.09 -1.62 -32.79
N ARG C 26 9.03 -2.54 -32.64
CA ARG C 26 10.17 -2.60 -33.55
C ARG C 26 9.77 -3.24 -34.89
N ALA C 27 8.94 -4.27 -34.86
CA ALA C 27 8.54 -5.00 -36.07
C ALA C 27 7.03 -5.06 -36.14
N VAL C 28 6.47 -4.60 -37.26
CA VAL C 28 5.05 -4.71 -37.54
C VAL C 28 4.90 -5.25 -38.95
N PHE C 29 4.26 -6.41 -39.08
CA PHE C 29 4.10 -7.05 -40.38
C PHE C 29 2.87 -7.94 -40.34
N PRO C 30 2.27 -8.24 -41.50
CA PRO C 30 1.07 -9.08 -41.51
C PRO C 30 1.35 -10.48 -41.01
N SER C 31 0.34 -11.08 -40.39
CA SER C 31 0.46 -12.42 -39.81
C SER C 31 -0.07 -13.45 -40.80
N ILE C 32 0.65 -13.58 -41.92
CA ILE C 32 0.26 -14.47 -42.99
C ILE C 32 1.43 -15.38 -43.35
N VAL C 33 1.09 -16.55 -43.87
CA VAL C 33 2.06 -17.49 -44.44
C VAL C 33 1.57 -17.86 -45.83
N GLY C 34 2.41 -17.67 -46.84
CA GLY C 34 2.06 -17.93 -48.21
C GLY C 34 2.84 -19.11 -48.78
N ARG C 35 2.20 -19.84 -49.69
CA ARG C 35 2.82 -20.98 -50.36
C ARG C 35 2.53 -20.89 -51.85
N PRO C 36 3.48 -21.27 -52.71
CA PRO C 36 3.25 -21.18 -54.15
C PRO C 36 2.10 -22.05 -54.61
N ARG C 37 1.34 -21.56 -55.57
CA ARG C 37 0.21 -22.29 -56.13
C ARG C 37 0.34 -22.51 -57.64
N HIS C 38 1.48 -22.16 -58.23
CA HIS C 38 1.72 -22.30 -59.65
C HIS C 38 2.89 -23.24 -59.89
N GLN C 39 3.30 -23.35 -61.15
CA GLN C 39 4.32 -24.32 -61.57
C GLN C 39 5.65 -23.61 -61.78
N GLY C 40 6.69 -24.10 -61.10
CA GLY C 40 8.03 -23.56 -61.26
C GLY C 40 8.77 -24.18 -62.43
N VAL C 41 9.20 -23.34 -63.38
CA VAL C 41 9.82 -23.83 -64.61
C VAL C 41 11.29 -23.52 -64.72
N MET C 42 11.81 -22.55 -63.97
CA MET C 42 13.23 -22.23 -64.01
C MET C 42 13.99 -23.01 -62.96
N VAL C 43 15.18 -23.48 -63.33
N VAL C 43 15.18 -23.46 -63.34
CA VAL C 43 15.98 -24.32 -62.45
CA VAL C 43 16.04 -24.30 -62.51
C VAL C 43 16.59 -23.45 -61.35
C VAL C 43 17.09 -23.43 -61.85
N GLY C 44 16.31 -23.80 -60.10
N GLY C 44 17.38 -23.70 -60.59
CA GLY C 44 16.76 -23.05 -58.96
CA GLY C 44 18.32 -22.91 -59.83
C GLY C 44 15.78 -22.02 -58.44
C GLY C 44 17.70 -21.73 -59.11
N MET C 45 14.75 -21.67 -59.23
N MET C 45 16.41 -21.51 -59.27
CA MET C 45 13.75 -20.70 -58.82
CA MET C 45 15.73 -20.44 -58.57
C MET C 45 12.51 -21.50 -58.39
C MET C 45 15.61 -20.78 -57.08
N GLY C 46 12.24 -21.48 -57.09
N GLY C 46 15.42 -19.73 -56.27
CA GLY C 46 11.17 -22.27 -56.53
CA GLY C 46 15.26 -19.89 -54.85
C GLY C 46 11.63 -23.22 -55.44
C GLY C 46 13.90 -20.44 -54.49
N GLN C 47 12.75 -22.88 -54.80
N GLN C 47 13.65 -21.70 -54.83
CA GLN C 47 13.30 -23.67 -53.71
CA GLN C 47 12.35 -22.33 -54.60
C GLN C 47 12.76 -23.25 -52.35
C GLN C 47 12.18 -22.57 -53.11
N LYS C 48 11.95 -22.20 -52.30
N LYS C 48 11.64 -21.55 -52.45
CA LYS C 48 11.37 -21.72 -51.05
CA LYS C 48 11.29 -21.59 -51.04
C LYS C 48 9.92 -22.21 -50.97
C LYS C 48 9.83 -22.06 -50.90
N ASP C 49 9.59 -22.88 -49.89
CA ASP C 49 8.27 -23.49 -49.71
C ASP C 49 7.33 -22.64 -48.87
N SER C 50 7.77 -21.50 -48.35
CA SER C 50 6.92 -20.69 -47.48
C SER C 50 7.44 -19.26 -47.46
N TYR C 51 6.51 -18.31 -47.36
CA TYR C 51 6.83 -16.90 -47.21
C TYR C 51 6.02 -16.35 -46.05
N VAL C 52 6.68 -15.63 -45.15
CA VAL C 52 6.06 -15.13 -43.93
C VAL C 52 6.20 -13.62 -43.88
N GLY C 53 5.10 -12.92 -43.66
CA GLY C 53 5.13 -11.51 -43.39
C GLY C 53 5.11 -10.67 -44.65
N ASP C 54 6.00 -9.69 -44.72
CA ASP C 54 6.01 -8.77 -45.86
C ASP C 54 6.49 -9.45 -47.14
N GLU C 55 7.38 -10.43 -47.03
CA GLU C 55 7.82 -11.17 -48.20
C GLU C 55 6.71 -12.05 -48.76
N ALA C 56 5.69 -12.37 -47.96
CA ALA C 56 4.53 -13.07 -48.47
C ALA C 56 3.59 -12.15 -49.24
N GLN C 57 3.69 -10.84 -49.01
CA GLN C 57 2.89 -9.88 -49.74
C GLN C 57 3.62 -9.30 -50.94
N SER C 58 4.95 -9.33 -50.94
CA SER C 58 5.68 -8.98 -52.15
C SER C 58 5.42 -9.98 -53.26
N LYS C 59 5.37 -11.27 -52.92
CA LYS C 59 5.07 -12.34 -53.87
C LYS C 59 3.59 -12.69 -53.88
N ARG C 60 2.73 -11.72 -53.61
CA ARG C 60 1.32 -12.00 -53.35
C ARG C 60 0.63 -12.69 -54.52
N GLY C 61 1.07 -12.42 -55.75
CA GLY C 61 0.38 -12.89 -56.92
C GLY C 61 0.67 -14.30 -57.37
N ILE C 62 1.49 -15.05 -56.64
CA ILE C 62 1.78 -16.43 -57.01
C ILE C 62 1.58 -17.34 -55.81
N LEU C 63 1.22 -16.75 -54.67
CA LEU C 63 1.09 -17.48 -53.42
C LEU C 63 -0.37 -17.63 -53.02
N THR C 64 -0.61 -18.61 -52.16
CA THR C 64 -1.87 -18.78 -51.45
C THR C 64 -1.65 -18.32 -50.02
N LEU C 65 -2.33 -17.24 -49.63
CA LEU C 65 -2.13 -16.64 -48.31
C LEU C 65 -3.11 -17.25 -47.32
N LYS C 66 -2.59 -17.65 -46.16
CA LYS C 66 -3.41 -18.22 -45.10
C LYS C 66 -3.06 -17.58 -43.78
N TYR C 67 -4.08 -17.37 -42.94
CA TYR C 67 -3.90 -16.79 -41.62
C TYR C 67 -3.85 -17.89 -40.58
N PRO C 68 -2.84 -17.92 -39.70
CA PRO C 68 -2.84 -18.95 -38.65
C PRO C 68 -3.84 -18.68 -37.53
N ILE C 69 -4.40 -17.48 -37.45
CA ILE C 69 -5.29 -17.09 -36.34
C ILE C 69 -6.60 -16.60 -36.92
N GLU C 70 -7.70 -17.19 -36.48
CA GLU C 70 -9.03 -16.65 -36.75
C GLU C 70 -9.80 -16.46 -35.47
N HIC C 71 -10.30 -15.24 -35.26
CA HIC C 71 -11.12 -14.90 -34.11
C HIC C 71 -10.33 -15.12 -32.83
O HIC C 71 -10.83 -15.55 -31.79
CB HIC C 71 -12.43 -15.68 -34.02
CG HIC C 71 -13.23 -15.58 -35.25
ND1 HIC C 71 -13.68 -14.38 -35.80
CD2 HIC C 71 -13.66 -16.65 -36.05
CE1 HIC C 71 -14.37 -14.71 -36.92
NE2 HIC C 71 -14.38 -16.10 -37.11
CZ HIC C 71 -15.00 -16.81 -38.18
N GLY C 72 -9.04 -14.81 -32.91
CA GLY C 72 -8.18 -14.84 -31.75
C GLY C 72 -7.70 -16.22 -31.31
N ILE C 73 -8.03 -17.24 -32.08
CA ILE C 73 -7.66 -18.61 -31.78
C ILE C 73 -6.67 -19.10 -32.84
N ILE C 74 -5.56 -19.65 -32.39
CA ILE C 74 -4.56 -20.19 -33.30
C ILE C 74 -5.05 -21.54 -33.80
N THR C 75 -5.34 -21.63 -35.09
CA THR C 75 -5.85 -22.87 -35.67
C THR C 75 -4.79 -23.67 -36.40
N ASN C 76 -3.72 -23.03 -36.85
CA ASN C 76 -2.60 -23.70 -37.49
C ASN C 76 -1.37 -23.51 -36.61
N TRP C 77 -0.88 -24.60 -36.02
CA TRP C 77 0.18 -24.51 -35.03
C TRP C 77 1.57 -24.65 -35.63
N ASP C 78 1.69 -24.96 -36.92
CA ASP C 78 2.99 -24.93 -37.58
C ASP C 78 3.25 -23.59 -38.25
N ASP C 79 2.22 -23.00 -38.86
CA ASP C 79 2.37 -21.65 -39.39
C ASP C 79 2.61 -20.65 -38.28
N MET C 80 1.99 -20.86 -37.11
CA MET C 80 2.24 -19.98 -35.97
C MET C 80 3.69 -20.09 -35.50
N GLU C 81 4.23 -21.31 -35.48
CA GLU C 81 5.64 -21.47 -35.14
C GLU C 81 6.54 -20.80 -36.16
N LYS C 82 6.19 -20.91 -37.45
CA LYS C 82 6.96 -20.21 -38.47
C LYS C 82 6.94 -18.70 -38.25
N ILE C 83 5.77 -18.16 -37.91
CA ILE C 83 5.64 -16.71 -37.71
C ILE C 83 6.43 -16.28 -36.48
N TRP C 84 6.37 -17.05 -35.40
CA TRP C 84 7.14 -16.70 -34.20
C TRP C 84 8.63 -16.78 -34.46
N HIS C 85 9.08 -17.81 -35.19
CA HIS C 85 10.49 -17.90 -35.55
C HIS C 85 10.93 -16.71 -36.39
N HIS C 86 10.10 -16.34 -37.37
CA HIS C 86 10.40 -15.15 -38.17
C HIS C 86 10.54 -13.92 -37.28
N THR C 87 9.56 -13.71 -36.39
CA THR C 87 9.57 -12.54 -35.51
C THR C 87 10.83 -12.51 -34.66
N PHE C 88 11.21 -13.64 -34.07
CA PHE C 88 12.34 -13.65 -33.16
C PHE C 88 13.65 -13.46 -33.91
N TYR C 89 13.82 -14.10 -35.06
CA TYR C 89 15.13 -14.13 -35.69
C TYR C 89 15.29 -13.14 -36.83
N ASN C 90 14.38 -13.11 -37.80
CA ASN C 90 14.59 -12.25 -38.96
C ASN C 90 14.17 -10.82 -38.72
N GLU C 91 13.23 -10.58 -37.79
CA GLU C 91 12.70 -9.24 -37.57
C GLU C 91 13.37 -8.55 -36.39
N LEU C 92 13.30 -9.15 -35.20
CA LEU C 92 13.92 -8.56 -34.02
C LEU C 92 15.41 -8.82 -33.94
N ARG C 93 15.91 -9.83 -34.66
CA ARG C 93 17.33 -10.16 -34.67
C ARG C 93 17.85 -10.42 -33.26
N VAL C 94 17.07 -11.18 -32.49
CA VAL C 94 17.40 -11.46 -31.09
C VAL C 94 17.28 -12.96 -30.86
N ALA C 95 18.00 -13.45 -29.85
CA ALA C 95 17.96 -14.86 -29.49
C ALA C 95 16.92 -15.06 -28.39
N PRO C 96 15.85 -15.80 -28.64
CA PRO C 96 14.78 -15.90 -27.63
C PRO C 96 15.19 -16.63 -26.36
N GLU C 97 16.27 -17.40 -26.37
CA GLU C 97 16.64 -18.18 -25.19
C GLU C 97 17.26 -17.35 -24.08
N GLU C 98 17.28 -16.02 -24.22
CA GLU C 98 17.82 -15.17 -23.17
C GLU C 98 16.98 -13.93 -22.93
N HIS C 99 15.70 -13.95 -23.30
CA HIS C 99 14.82 -12.80 -23.11
C HIS C 99 13.45 -13.31 -22.65
N PRO C 100 12.93 -12.80 -21.53
CA PRO C 100 11.55 -13.11 -21.16
C PRO C 100 10.59 -12.56 -22.22
N THR C 101 9.50 -13.29 -22.45
CA THR C 101 8.54 -12.95 -23.50
C THR C 101 7.17 -12.70 -22.88
N LEU C 102 6.52 -11.62 -23.31
CA LEU C 102 5.18 -11.28 -22.88
C LEU C 102 4.24 -11.39 -24.08
N LEU C 103 3.20 -12.21 -23.94
CA LEU C 103 2.24 -12.45 -25.01
C LEU C 103 0.85 -12.01 -24.55
N THR C 104 -0.03 -11.80 -25.53
CA THR C 104 -1.38 -11.32 -25.27
C THR C 104 -2.39 -12.31 -25.83
N GLU C 105 -3.62 -12.23 -25.31
CA GLU C 105 -4.67 -13.14 -25.70
C GLU C 105 -6.02 -12.50 -25.38
N ALA C 106 -7.06 -12.90 -26.14
CA ALA C 106 -8.39 -12.38 -25.91
C ALA C 106 -8.95 -12.92 -24.59
N PRO C 107 -9.86 -12.17 -23.96
CA PRO C 107 -10.32 -12.56 -22.60
C PRO C 107 -11.00 -13.91 -22.52
N LEU C 108 -11.77 -14.31 -23.54
CA LEU C 108 -12.60 -15.50 -23.40
C LEU C 108 -12.24 -16.57 -24.41
N ASN C 109 -10.94 -16.83 -24.58
CA ASN C 109 -10.47 -17.85 -25.50
C ASN C 109 -10.46 -19.22 -24.84
N PRO C 110 -10.40 -20.30 -25.63
CA PRO C 110 -10.22 -21.63 -25.04
C PRO C 110 -8.89 -21.75 -24.33
N LYS C 111 -8.88 -22.61 -23.31
CA LYS C 111 -7.68 -22.77 -22.48
C LYS C 111 -6.57 -23.49 -23.23
N ALA C 112 -6.92 -24.36 -24.17
CA ALA C 112 -5.91 -25.09 -24.93
C ALA C 112 -5.00 -24.15 -25.70
N ASN C 113 -5.54 -23.02 -26.18
CA ASN C 113 -4.72 -22.03 -26.88
C ASN C 113 -3.60 -21.52 -25.99
N ARG C 114 -3.94 -21.10 -24.77
CA ARG C 114 -2.95 -20.59 -23.84
C ARG C 114 -1.95 -21.67 -23.43
N GLU C 115 -2.43 -22.88 -23.17
CA GLU C 115 -1.52 -23.95 -22.80
C GLU C 115 -0.55 -24.28 -23.93
N LYS C 116 -1.03 -24.28 -25.17
CA LYS C 116 -0.16 -24.58 -26.30
C LYS C 116 0.86 -23.47 -26.51
N MET C 117 0.45 -22.20 -26.34
CA MET C 117 1.45 -21.13 -26.43
C MET C 117 2.52 -21.29 -25.37
N THR C 118 2.12 -21.64 -24.15
CA THR C 118 3.11 -21.86 -23.09
C THR C 118 4.06 -22.99 -23.45
N GLN C 119 3.53 -24.10 -23.95
CA GLN C 119 4.36 -25.23 -24.30
C GLN C 119 5.33 -24.89 -25.43
N ILE C 120 4.85 -24.17 -26.45
CA ILE C 120 5.71 -23.79 -27.57
C ILE C 120 6.82 -22.86 -27.11
N MET C 121 6.47 -21.88 -26.25
CA MET C 121 7.48 -20.96 -25.76
C MET C 121 8.52 -21.67 -24.92
N PHE C 122 8.12 -22.61 -24.07
CA PHE C 122 9.05 -23.23 -23.13
C PHE C 122 9.79 -24.43 -23.71
N GLU C 123 9.35 -24.98 -24.82
CA GLU C 123 9.97 -26.20 -25.35
C GLU C 123 10.63 -26.01 -26.70
N THR C 124 10.08 -25.14 -27.56
CA THR C 124 10.66 -24.92 -28.87
C THR C 124 11.65 -23.76 -28.87
N PHE C 125 11.30 -22.64 -28.26
CA PHE C 125 12.15 -21.46 -28.26
C PHE C 125 12.96 -21.30 -26.98
N ASN C 126 12.67 -22.10 -25.95
CA ASN C 126 13.47 -22.15 -24.72
C ASN C 126 13.62 -20.78 -24.07
N VAL C 127 12.52 -20.04 -23.97
CA VAL C 127 12.53 -18.74 -23.30
C VAL C 127 12.77 -18.96 -21.81
N PRO C 128 13.42 -18.03 -21.12
CA PRO C 128 13.63 -18.21 -19.68
C PRO C 128 12.41 -17.90 -18.83
N ALA C 129 11.48 -17.10 -19.33
CA ALA C 129 10.29 -16.74 -18.58
C ALA C 129 9.18 -16.40 -19.56
N MET C 130 7.95 -16.31 -19.03
CA MET C 130 6.79 -16.12 -19.88
C MET C 130 5.66 -15.49 -19.08
N TYR C 131 4.81 -14.74 -19.77
CA TYR C 131 3.57 -14.23 -19.19
C TYR C 131 2.58 -14.00 -20.32
N VAL C 132 1.30 -14.26 -20.03
CA VAL C 132 0.21 -14.03 -20.97
C VAL C 132 -0.73 -13.02 -20.34
N ALA C 133 -0.94 -11.90 -21.03
CA ALA C 133 -1.72 -10.78 -20.51
C ALA C 133 -3.02 -10.63 -21.29
N ILE C 134 -3.92 -9.83 -20.73
CA ILE C 134 -5.20 -9.51 -21.36
C ILE C 134 -5.07 -8.15 -22.03
N GLN C 135 -5.54 -8.05 -23.27
CA GLN C 135 -5.26 -6.89 -24.09
C GLN C 135 -5.92 -5.62 -23.57
N ALA C 136 -7.09 -5.73 -22.95
CA ALA C 136 -7.78 -4.53 -22.46
C ALA C 136 -7.05 -3.93 -21.27
N VAL C 137 -6.46 -4.77 -20.41
CA VAL C 137 -5.68 -4.25 -19.29
C VAL C 137 -4.47 -3.48 -19.81
N LEU C 138 -3.82 -4.00 -20.86
CA LEU C 138 -2.71 -3.28 -21.46
C LEU C 138 -3.17 -1.99 -22.13
N SER C 139 -4.38 -1.98 -22.69
CA SER C 139 -4.91 -0.73 -23.24
C SER C 139 -5.08 0.32 -22.14
N LEU C 140 -5.60 -0.09 -20.98
CA LEU C 140 -5.69 0.85 -19.87
C LEU C 140 -4.31 1.30 -19.40
N TYR C 141 -3.34 0.39 -19.36
CA TYR C 141 -1.98 0.77 -18.98
C TYR C 141 -1.43 1.84 -19.93
N ALA C 142 -1.64 1.67 -21.23
CA ALA C 142 -1.19 2.65 -22.19
C ALA C 142 -1.96 3.95 -22.10
N SER C 143 -3.22 3.91 -21.71
CA SER C 143 -4.04 5.11 -21.61
C SER C 143 -3.78 5.91 -20.34
N GLY C 144 -2.99 5.39 -19.42
CA GLY C 144 -2.73 6.07 -18.16
C GLY C 144 -3.94 6.19 -17.27
N ARG C 145 -4.72 5.12 -17.14
CA ARG C 145 -5.89 5.11 -16.28
C ARG C 145 -5.93 3.80 -15.51
N THR C 146 -6.65 3.81 -14.40
CA THR C 146 -6.95 2.61 -13.65
C THR C 146 -8.44 2.26 -13.64
N THR C 147 -9.30 3.17 -14.08
CA THR C 147 -10.73 2.94 -14.13
C THR C 147 -11.23 3.23 -15.53
N GLY C 148 -12.00 2.31 -16.09
CA GLY C 148 -12.59 2.51 -17.40
C GLY C 148 -12.96 1.20 -18.05
N ILE C 149 -13.85 1.30 -19.04
CA ILE C 149 -14.28 0.16 -19.84
C ILE C 149 -13.63 0.28 -21.21
N VAL C 150 -13.00 -0.80 -21.66
CA VAL C 150 -12.21 -0.80 -22.88
C VAL C 150 -12.96 -1.55 -23.97
N LEU C 151 -13.05 -0.93 -25.14
CA LEU C 151 -13.64 -1.55 -26.32
C LEU C 151 -12.49 -1.82 -27.30
N ASP C 152 -11.91 -3.01 -27.20
CA ASP C 152 -10.83 -3.40 -28.09
C ASP C 152 -11.40 -4.12 -29.30
N SER C 153 -10.89 -3.77 -30.49
CA SER C 153 -11.40 -4.34 -31.73
C SER C 153 -10.24 -4.42 -32.72
N GLY C 154 -9.67 -5.61 -32.88
CA GLY C 154 -8.64 -5.84 -33.87
C GLY C 154 -9.26 -6.23 -35.19
N ASP C 155 -8.92 -7.41 -35.70
CA ASP C 155 -9.67 -7.98 -36.81
C ASP C 155 -10.11 -9.42 -36.55
N GLY C 156 -9.84 -9.97 -35.38
CA GLY C 156 -10.41 -11.24 -35.01
C GLY C 156 -11.67 -11.12 -34.17
N VAL C 157 -11.58 -10.41 -33.04
CA VAL C 157 -12.67 -10.33 -32.08
C VAL C 157 -12.84 -8.90 -31.59
N THR C 158 -14.00 -8.64 -30.98
CA THR C 158 -14.29 -7.39 -30.31
C THR C 158 -14.77 -7.72 -28.89
N HIS C 159 -14.11 -7.15 -27.89
CA HIS C 159 -14.46 -7.47 -26.51
C HIS C 159 -14.50 -6.20 -25.67
N ASN C 160 -15.30 -6.26 -24.61
CA ASN C 160 -15.45 -5.19 -23.63
C ASN C 160 -14.97 -5.70 -22.28
N VAL C 161 -14.15 -4.90 -21.59
CA VAL C 161 -13.67 -5.26 -20.27
C VAL C 161 -13.81 -4.05 -19.34
N PRO C 162 -14.76 -4.07 -18.41
CA PRO C 162 -14.87 -2.96 -17.45
C PRO C 162 -13.96 -3.15 -16.24
N ILE C 163 -13.14 -2.14 -15.95
CA ILE C 163 -12.19 -2.19 -14.85
C ILE C 163 -12.36 -0.93 -14.01
N TYR C 164 -12.39 -1.10 -12.69
CA TYR C 164 -12.58 0.00 -11.75
C TYR C 164 -11.49 -0.04 -10.70
N GLU C 165 -10.65 0.99 -10.65
CA GLU C 165 -9.58 1.11 -9.67
C GLU C 165 -8.66 -0.13 -9.68
N GLY C 166 -8.42 -0.65 -10.88
CA GLY C 166 -7.57 -1.82 -11.01
C GLY C 166 -8.24 -3.14 -10.72
N TYR C 167 -9.55 -3.16 -10.50
CA TYR C 167 -10.29 -4.38 -10.25
C TYR C 167 -11.20 -4.67 -11.43
N ALA C 168 -11.07 -5.87 -12.00
CA ALA C 168 -11.88 -6.26 -13.15
C ALA C 168 -13.12 -7.01 -12.69
N LEU C 169 -14.20 -6.83 -13.45
CA LEU C 169 -15.47 -7.52 -13.22
C LEU C 169 -15.63 -8.59 -14.29
N PRO C 170 -15.16 -9.82 -14.06
CA PRO C 170 -15.18 -10.83 -15.13
C PRO C 170 -16.57 -11.19 -15.62
N HIS C 171 -17.60 -11.03 -14.80
CA HIS C 171 -18.95 -11.40 -15.23
C HIS C 171 -19.53 -10.42 -16.23
N ALA C 172 -18.95 -9.23 -16.36
CA ALA C 172 -19.41 -8.21 -17.29
C ALA C 172 -18.58 -8.14 -18.55
N ILE C 173 -17.71 -9.12 -18.79
CA ILE C 173 -16.85 -9.13 -19.97
C ILE C 173 -17.65 -9.65 -21.16
N MET C 174 -17.68 -8.88 -22.23
CA MET C 174 -18.37 -9.24 -23.46
C MET C 174 -17.36 -9.69 -24.51
N ARG C 175 -17.89 -10.31 -25.57
CA ARG C 175 -17.05 -10.79 -26.66
C ARG C 175 -17.91 -10.91 -27.91
N LEU C 176 -17.40 -10.41 -29.03
CA LEU C 176 -18.04 -10.55 -30.33
C LEU C 176 -17.05 -11.10 -31.33
N ASP C 177 -17.48 -12.07 -32.13
CA ASP C 177 -16.67 -12.55 -33.24
C ASP C 177 -16.98 -11.78 -34.51
N LEU C 178 -16.91 -10.45 -34.40
CA LEU C 178 -17.17 -9.55 -35.51
C LEU C 178 -16.13 -8.44 -35.44
N ALA C 179 -15.28 -8.36 -36.46
CA ALA C 179 -14.13 -7.46 -36.42
C ALA C 179 -13.70 -7.19 -37.86
N GLY C 180 -12.46 -6.71 -38.03
CA GLY C 180 -12.02 -6.20 -39.31
C GLY C 180 -12.09 -7.21 -40.44
N ARG C 181 -11.80 -8.48 -40.14
CA ARG C 181 -11.85 -9.49 -41.20
C ARG C 181 -13.26 -9.66 -41.76
N ASP C 182 -14.27 -9.65 -40.89
CA ASP C 182 -15.65 -9.70 -41.35
C ASP C 182 -16.01 -8.45 -42.14
N LEU C 183 -15.47 -7.29 -41.75
CA LEU C 183 -15.71 -6.08 -42.52
C LEU C 183 -15.10 -6.19 -43.92
N THR C 184 -13.90 -6.76 -44.03
CA THR C 184 -13.29 -6.95 -45.33
C THR C 184 -14.12 -7.90 -46.18
N ASP C 185 -14.61 -8.98 -45.58
CA ASP C 185 -15.44 -9.92 -46.34
C ASP C 185 -16.74 -9.28 -46.81
N TYR C 186 -17.37 -8.48 -45.94
CA TYR C 186 -18.61 -7.81 -46.32
C TYR C 186 -18.38 -6.78 -47.42
N LEU C 187 -17.28 -6.03 -47.33
CA LEU C 187 -16.95 -5.09 -48.41
C LEU C 187 -16.70 -5.82 -49.71
N MET C 188 -16.00 -6.96 -49.64
CA MET C 188 -15.79 -7.77 -50.84
C MET C 188 -17.12 -8.21 -51.44
N LYS C 189 -18.06 -8.60 -50.59
CA LYS C 189 -19.37 -9.03 -51.07
C LYS C 189 -20.14 -7.89 -51.73
N ILE C 190 -20.16 -6.72 -51.08
CA ILE C 190 -20.95 -5.60 -51.60
C ILE C 190 -20.26 -4.83 -52.71
N LEU C 191 -18.99 -5.13 -52.99
CA LEU C 191 -18.33 -4.54 -54.15
C LEU C 191 -18.77 -5.17 -55.46
N THR C 192 -19.48 -6.31 -55.41
CA THR C 192 -19.98 -6.94 -56.62
C THR C 192 -21.19 -6.22 -57.20
N GLU C 193 -21.83 -5.34 -56.44
CA GLU C 193 -22.98 -4.61 -56.96
C GLU C 193 -22.60 -3.63 -58.06
N ARG C 194 -21.35 -3.16 -58.08
CA ARG C 194 -20.86 -2.30 -59.14
C ARG C 194 -20.05 -3.07 -60.18
N GLY C 195 -19.99 -4.39 -60.07
CA GLY C 195 -19.31 -5.19 -61.06
C GLY C 195 -17.85 -5.49 -60.80
N TYR C 196 -17.37 -5.25 -59.58
CA TYR C 196 -15.99 -5.52 -59.22
C TYR C 196 -15.91 -6.88 -58.55
N SER C 197 -15.09 -7.76 -59.09
CA SER C 197 -14.97 -9.14 -58.60
C SER C 197 -13.59 -9.32 -57.99
N PHE C 198 -13.55 -9.54 -56.67
CA PHE C 198 -12.34 -9.89 -55.96
C PHE C 198 -12.58 -11.25 -55.32
N VAL C 199 -11.83 -12.26 -55.77
CA VAL C 199 -12.09 -13.66 -55.41
C VAL C 199 -10.94 -14.25 -54.60
N THR C 200 -9.72 -14.18 -55.13
CA THR C 200 -8.60 -14.89 -54.53
C THR C 200 -8.20 -14.25 -53.20
N THR C 201 -7.30 -14.94 -52.49
CA THR C 201 -6.80 -14.40 -51.23
C THR C 201 -5.89 -13.21 -51.45
N ALA C 202 -5.28 -13.10 -52.63
CA ALA C 202 -4.43 -11.95 -52.93
C ALA C 202 -5.25 -10.69 -53.16
N GLU C 203 -6.49 -10.83 -53.64
CA GLU C 203 -7.38 -9.70 -53.77
C GLU C 203 -8.05 -9.31 -52.46
N ARG C 204 -8.04 -10.21 -51.48
CA ARG C 204 -8.50 -9.83 -50.15
C ARG C 204 -7.65 -8.72 -49.56
N GLU C 205 -6.34 -8.74 -49.83
CA GLU C 205 -5.46 -7.68 -49.37
C GLU C 205 -5.78 -6.35 -50.05
N ILE C 206 -6.10 -6.38 -51.34
CA ILE C 206 -6.49 -5.17 -52.05
C ILE C 206 -7.78 -4.60 -51.47
N VAL C 207 -8.75 -5.47 -51.19
CA VAL C 207 -10.00 -5.02 -50.58
C VAL C 207 -9.74 -4.45 -49.19
N ARG C 208 -8.83 -5.06 -48.44
CA ARG C 208 -8.48 -4.55 -47.12
C ARG C 208 -7.86 -3.16 -47.21
N ASP C 209 -6.98 -2.95 -48.20
CA ASP C 209 -6.41 -1.63 -48.40
C ASP C 209 -7.47 -0.60 -48.78
N ILE C 210 -8.43 -1.00 -49.64
CA ILE C 210 -9.53 -0.11 -49.98
C ILE C 210 -10.32 0.27 -48.73
N LYS C 211 -10.61 -0.71 -47.89
CA LYS C 211 -11.36 -0.46 -46.66
C LYS C 211 -10.61 0.48 -45.73
N GLU C 212 -9.29 0.29 -45.60
CA GLU C 212 -8.51 1.16 -44.73
C GLU C 212 -8.45 2.58 -45.28
N LYS C 213 -8.34 2.75 -46.59
CA LYS C 213 -8.14 4.08 -47.15
C LYS C 213 -9.43 4.88 -47.29
N LEU C 214 -10.54 4.25 -47.70
CA LEU C 214 -11.72 5.00 -48.10
C LEU C 214 -12.90 4.92 -47.15
N CYS C 215 -13.04 3.84 -46.38
CA CYS C 215 -14.22 3.64 -45.57
C CYS C 215 -14.24 4.57 -44.36
N TYR C 216 -15.44 4.96 -43.94
CA TYR C 216 -15.63 5.81 -42.77
C TYR C 216 -16.98 5.47 -42.16
N VAL C 217 -17.22 6.02 -40.97
CA VAL C 217 -18.45 5.78 -40.22
C VAL C 217 -19.32 7.03 -40.31
N ALA C 218 -20.57 6.84 -40.71
CA ALA C 218 -21.52 7.94 -40.82
C ALA C 218 -22.13 8.25 -39.46
N LEU C 219 -22.33 9.54 -39.19
CA LEU C 219 -22.95 9.94 -37.92
C LEU C 219 -24.37 9.40 -37.82
N ASP C 220 -25.12 9.46 -38.91
CA ASP C 220 -26.45 8.86 -39.00
C ASP C 220 -26.60 8.17 -40.36
N PHE C 221 -27.14 6.96 -40.34
CA PHE C 221 -27.07 6.09 -41.51
C PHE C 221 -28.09 6.48 -42.57
N GLU C 222 -29.33 6.78 -42.16
CA GLU C 222 -30.41 6.95 -43.12
C GLU C 222 -30.24 8.23 -43.93
N ASN C 223 -29.97 9.35 -43.27
CA ASN C 223 -29.75 10.60 -44.00
C ASN C 223 -28.47 10.54 -44.82
N GLU C 224 -27.45 9.81 -44.36
CA GLU C 224 -26.25 9.62 -45.18
C GLU C 224 -26.59 8.86 -46.46
N MET C 225 -27.41 7.81 -46.35
CA MET C 225 -27.81 7.07 -47.54
C MET C 225 -28.64 7.95 -48.48
N ALA C 226 -29.54 8.76 -47.91
CA ALA C 226 -30.32 9.68 -48.74
C ALA C 226 -29.45 10.67 -49.48
N THR C 227 -28.44 11.22 -48.78
CA THR C 227 -27.52 12.16 -49.43
C THR C 227 -26.71 11.47 -50.52
N ALA C 228 -26.24 10.24 -50.25
CA ALA C 228 -25.46 9.53 -51.26
C ALA C 228 -26.30 9.18 -52.48
N ALA C 229 -27.57 8.88 -52.27
CA ALA C 229 -28.44 8.55 -53.41
C ALA C 229 -28.85 9.80 -54.18
N SER C 230 -29.00 10.95 -53.50
CA SER C 230 -29.49 12.15 -54.14
C SER C 230 -28.39 12.95 -54.83
N SER C 231 -27.14 12.55 -54.73
CA SER C 231 -26.04 13.29 -55.34
C SER C 231 -24.91 12.30 -55.64
N SER C 232 -23.74 12.84 -55.99
CA SER C 232 -22.56 12.03 -56.29
C SER C 232 -21.31 12.65 -55.70
N SER C 233 -21.45 13.39 -54.59
CA SER C 233 -20.33 14.06 -53.96
C SER C 233 -19.60 13.20 -52.94
N LEU C 234 -20.10 11.99 -52.66
CA LEU C 234 -19.49 11.10 -51.69
C LEU C 234 -18.69 9.98 -52.34
N GLU C 235 -18.46 10.05 -53.66
CA GLU C 235 -17.78 9.00 -54.38
C GLU C 235 -16.28 9.31 -54.47
N LYS C 236 -15.46 8.27 -54.30
CA LYS C 236 -14.02 8.40 -54.39
C LYS C 236 -13.48 7.28 -55.27
N SER C 237 -12.32 7.54 -55.89
CA SER C 237 -11.70 6.62 -56.81
C SER C 237 -10.51 5.93 -56.16
N TYR C 238 -10.25 4.71 -56.61
CA TYR C 238 -9.13 3.91 -56.13
C TYR C 238 -8.47 3.25 -57.32
N GLU C 239 -7.14 3.19 -57.30
CA GLU C 239 -6.36 2.63 -58.40
C GLU C 239 -5.88 1.24 -58.02
N LEU C 240 -6.23 0.25 -58.83
CA LEU C 240 -5.83 -1.12 -58.61
C LEU C 240 -4.38 -1.33 -59.01
N PRO C 241 -3.74 -2.42 -58.56
CA PRO C 241 -2.32 -2.61 -58.87
C PRO C 241 -1.98 -2.61 -60.35
N ASP C 242 -2.89 -3.06 -61.21
CA ASP C 242 -2.62 -3.11 -62.65
C ASP C 242 -3.07 -1.88 -63.39
N GLY C 243 -3.56 -0.85 -62.69
CA GLY C 243 -3.90 0.40 -63.31
C GLY C 243 -5.39 0.68 -63.44
N GLN C 244 -6.24 -0.33 -63.27
CA GLN C 244 -7.67 -0.11 -63.36
C GLN C 244 -8.15 0.73 -62.19
N VAL C 245 -9.15 1.58 -62.45
CA VAL C 245 -9.67 2.51 -61.46
C VAL C 245 -11.09 2.11 -61.11
N ILE C 246 -11.36 1.95 -59.82
CA ILE C 246 -12.69 1.62 -59.32
C ILE C 246 -13.23 2.83 -58.56
N THR C 247 -14.56 2.90 -58.46
CA THR C 247 -15.24 3.98 -57.77
C THR C 247 -16.29 3.38 -56.83
N ILE C 248 -16.34 3.90 -55.61
CA ILE C 248 -17.30 3.43 -54.61
C ILE C 248 -17.99 4.62 -53.98
N GLY C 249 -19.29 4.46 -53.72
CA GLY C 249 -20.09 5.51 -53.12
C GLY C 249 -20.56 5.18 -51.72
N ASN C 250 -21.80 4.73 -51.58
CA ASN C 250 -22.35 4.40 -50.27
C ASN C 250 -21.65 3.20 -49.63
N GLU C 251 -20.90 2.42 -50.40
CA GLU C 251 -20.12 1.33 -49.82
C GLU C 251 -19.05 1.85 -48.87
N ARG C 252 -18.71 3.14 -48.94
CA ARG C 252 -17.72 3.69 -48.03
C ARG C 252 -18.19 3.66 -46.59
N PHE C 253 -19.46 3.99 -46.34
CA PHE C 253 -19.99 3.96 -44.99
C PHE C 253 -20.90 2.77 -44.72
N ARG C 254 -21.27 1.99 -45.73
CA ARG C 254 -22.08 0.80 -45.49
C ARG C 254 -21.24 -0.32 -44.91
N CYS C 255 -19.93 -0.35 -45.21
CA CYS C 255 -19.08 -1.40 -44.66
C CYS C 255 -18.91 -1.28 -43.14
N PRO C 256 -18.49 -0.14 -42.58
CA PRO C 256 -18.35 -0.07 -41.12
C PRO C 256 -19.67 -0.05 -40.37
N GLU C 257 -20.80 0.07 -41.08
CA GLU C 257 -22.09 0.07 -40.41
C GLU C 257 -22.43 -1.28 -39.78
N THR C 258 -21.80 -2.36 -40.23
CA THR C 258 -22.08 -3.66 -39.65
C THR C 258 -21.55 -3.79 -38.23
N LEU C 259 -20.74 -2.84 -37.76
CA LEU C 259 -20.35 -2.83 -36.35
C LEU C 259 -21.52 -2.46 -35.46
N PHE C 260 -22.40 -1.58 -35.94
CA PHE C 260 -23.58 -1.18 -35.19
C PHE C 260 -24.83 -1.96 -35.58
N GLN C 261 -24.84 -2.59 -36.76
CA GLN C 261 -25.93 -3.43 -37.21
C GLN C 261 -25.37 -4.75 -37.70
N PRO C 262 -25.06 -5.68 -36.80
CA PRO C 262 -24.49 -6.96 -37.21
C PRO C 262 -25.42 -7.80 -38.07
N SER C 263 -26.68 -7.36 -38.21
CA SER C 263 -27.65 -8.06 -39.04
C SER C 263 -27.31 -7.98 -40.53
N PHE C 264 -26.44 -7.06 -40.94
CA PHE C 264 -26.05 -6.99 -42.35
C PHE C 264 -25.31 -8.23 -42.79
N ILE C 265 -24.50 -8.82 -41.90
CA ILE C 265 -23.78 -10.04 -42.20
C ILE C 265 -24.48 -11.26 -41.57
N GLY C 266 -25.77 -11.14 -41.27
CA GLY C 266 -26.54 -12.25 -40.75
C GLY C 266 -26.16 -12.72 -39.35
N MET C 267 -25.93 -11.80 -38.42
CA MET C 267 -25.70 -12.13 -37.03
C MET C 267 -26.82 -11.54 -36.18
N GLU C 268 -27.19 -12.27 -35.13
CA GLU C 268 -28.25 -11.83 -34.22
C GLU C 268 -27.73 -10.96 -33.09
N SER C 269 -26.41 -10.76 -33.02
CA SER C 269 -25.83 -10.02 -31.91
C SER C 269 -26.19 -8.53 -32.00
N ALA C 270 -25.93 -7.83 -30.91
CA ALA C 270 -26.18 -6.40 -30.84
C ALA C 270 -24.94 -5.62 -31.28
N GLY C 271 -25.14 -4.34 -31.59
CA GLY C 271 -24.05 -3.50 -32.00
C GLY C 271 -23.05 -3.28 -30.89
N ILE C 272 -21.93 -2.64 -31.25
CA ILE C 272 -20.88 -2.39 -30.27
C ILE C 272 -21.37 -1.42 -29.19
N HIS C 273 -22.21 -0.45 -29.57
CA HIS C 273 -22.73 0.49 -28.59
C HIS C 273 -23.65 -0.21 -27.59
N GLU C 274 -24.57 -1.05 -28.07
CA GLU C 274 -25.45 -1.78 -27.16
C GLU C 274 -24.68 -2.79 -26.33
N THR C 275 -23.65 -3.41 -26.90
CA THR C 275 -22.80 -4.31 -26.12
C THR C 275 -22.10 -3.57 -25.01
N THR C 276 -21.56 -2.37 -25.30
CA THR C 276 -20.89 -1.59 -24.27
C THR C 276 -21.87 -1.16 -23.19
N TYR C 277 -23.07 -0.73 -23.58
CA TYR C 277 -24.07 -0.34 -22.60
C TYR C 277 -24.48 -1.51 -21.72
N ASN C 278 -24.65 -2.70 -22.32
CA ASN C 278 -25.00 -3.88 -21.55
C ASN C 278 -23.90 -4.26 -20.59
N SER C 279 -22.64 -4.15 -21.03
CA SER C 279 -21.53 -4.44 -20.14
C SER C 279 -21.47 -3.47 -18.98
N ILE C 280 -21.74 -2.18 -19.24
CA ILE C 280 -21.79 -1.20 -18.17
C ILE C 280 -22.90 -1.53 -17.18
N MET C 281 -24.08 -1.87 -17.69
CA MET C 281 -25.22 -2.12 -16.82
C MET C 281 -25.09 -3.40 -16.01
N LYS C 282 -24.11 -4.26 -16.33
CA LYS C 282 -23.85 -5.44 -15.53
C LYS C 282 -22.93 -5.16 -14.35
N CYS C 283 -22.42 -3.95 -14.22
CA CYS C 283 -21.54 -3.59 -13.12
C CYS C 283 -22.36 -3.00 -11.97
N ASP C 284 -21.67 -2.69 -10.88
CA ASP C 284 -22.33 -2.12 -9.71
C ASP C 284 -22.85 -0.72 -10.02
N ILE C 285 -23.92 -0.34 -9.33
CA ILE C 285 -24.54 0.96 -9.58
C ILE C 285 -23.61 2.10 -9.21
N ASP C 286 -22.66 1.85 -8.31
CA ASP C 286 -21.69 2.86 -7.91
C ASP C 286 -20.50 2.95 -8.85
N ILE C 287 -20.38 2.03 -9.80
CA ILE C 287 -19.30 2.04 -10.77
C ILE C 287 -19.71 2.68 -12.09
N ARG C 288 -21.01 2.76 -12.38
CA ARG C 288 -21.47 3.10 -13.73
C ARG C 288 -21.10 4.54 -14.10
N LYS C 289 -21.18 5.47 -13.16
CA LYS C 289 -20.91 6.87 -13.49
C LYS C 289 -19.47 7.07 -13.94
N ASP C 290 -18.53 6.42 -13.25
CA ASP C 290 -17.12 6.54 -13.64
C ASP C 290 -16.85 5.85 -14.97
N LEU C 291 -17.50 4.71 -15.22
CA LEU C 291 -17.31 4.00 -16.48
C LEU C 291 -17.88 4.78 -17.66
N TYR C 292 -18.99 5.49 -17.46
CA TYR C 292 -19.61 6.24 -18.55
C TYR C 292 -18.67 7.30 -19.11
N ALA C 293 -17.77 7.83 -18.29
CA ALA C 293 -16.87 8.89 -18.70
C ALA C 293 -15.47 8.39 -19.00
N ASN C 294 -15.27 7.08 -19.11
CA ASN C 294 -13.95 6.50 -19.36
C ASN C 294 -14.03 5.39 -20.40
N ASN C 295 -14.76 5.63 -21.48
CA ASN C 295 -14.89 4.67 -22.56
C ASN C 295 -13.62 4.74 -23.41
N VAL C 296 -12.74 3.76 -23.25
CA VAL C 296 -11.45 3.71 -23.93
C VAL C 296 -11.59 2.81 -25.15
N MET C 297 -11.24 3.32 -26.32
CA MET C 297 -11.29 2.55 -27.56
C MET C 297 -9.89 2.18 -28.00
N SER C 298 -9.72 0.92 -28.39
CA SER C 298 -8.41 0.40 -28.77
C SER C 298 -8.57 -0.52 -29.96
N GLY C 299 -7.49 -0.65 -30.73
CA GLY C 299 -7.46 -1.55 -31.87
C GLY C 299 -7.54 -0.81 -33.19
N GLY C 300 -7.27 -1.56 -34.26
CA GLY C 300 -7.28 -0.98 -35.59
C GLY C 300 -8.65 -0.75 -36.17
N THR C 301 -9.63 -1.56 -35.77
CA THR C 301 -10.98 -1.40 -36.29
C THR C 301 -11.65 -0.14 -35.74
N THR C 302 -11.13 0.42 -34.66
CA THR C 302 -11.64 1.67 -34.11
C THR C 302 -11.05 2.90 -34.78
N MET C 303 -10.32 2.71 -35.89
CA MET C 303 -9.61 3.80 -36.55
C MET C 303 -10.44 4.46 -37.65
N TYR C 304 -11.69 4.07 -37.83
CA TYR C 304 -12.52 4.69 -38.85
C TYR C 304 -12.78 6.15 -38.47
N PRO C 305 -12.78 7.07 -39.45
CA PRO C 305 -13.17 8.45 -39.14
C PRO C 305 -14.63 8.51 -38.71
N GLY C 306 -14.88 9.25 -37.63
CA GLY C 306 -16.22 9.45 -37.14
C GLY C 306 -16.80 8.33 -36.29
N ILE C 307 -15.99 7.34 -35.91
CA ILE C 307 -16.52 6.23 -35.11
C ILE C 307 -16.75 6.68 -33.68
N ALA C 308 -15.87 7.52 -33.13
CA ALA C 308 -16.04 7.98 -31.76
C ALA C 308 -17.27 8.86 -31.62
N ASP C 309 -17.53 9.72 -32.60
CA ASP C 309 -18.71 10.58 -32.55
C ASP C 309 -19.98 9.75 -32.51
N ARG C 310 -20.07 8.72 -33.36
CA ARG C 310 -21.28 7.90 -33.35
C ARG C 310 -21.38 7.05 -32.09
N MET C 311 -20.25 6.56 -31.56
CA MET C 311 -20.31 5.83 -30.30
C MET C 311 -20.83 6.71 -29.19
N GLN C 312 -20.36 7.96 -29.12
CA GLN C 312 -20.85 8.87 -28.10
C GLN C 312 -22.33 9.15 -28.29
N LYS C 313 -22.76 9.36 -29.54
CA LYS C 313 -24.17 9.62 -29.81
C LYS C 313 -25.04 8.44 -29.37
N GLU C 314 -24.64 7.22 -29.71
CA GLU C 314 -25.43 6.05 -29.36
C GLU C 314 -25.48 5.82 -27.85
N ILE C 315 -24.33 5.97 -27.17
CA ILE C 315 -24.33 5.79 -25.72
C ILE C 315 -25.16 6.86 -25.04
N THR C 316 -25.08 8.11 -25.53
CA THR C 316 -25.90 9.17 -24.97
C THR C 316 -27.38 8.88 -25.16
N ALA C 317 -27.76 8.34 -26.33
CA ALA C 317 -29.14 7.94 -26.55
C ALA C 317 -29.56 6.84 -25.59
N LEU C 318 -28.66 5.89 -25.31
CA LEU C 318 -29.01 4.78 -24.42
C LEU C 318 -28.94 5.19 -22.95
N ALA C 319 -27.83 5.80 -22.53
CA ALA C 319 -27.64 6.14 -21.13
C ALA C 319 -28.54 7.32 -20.73
N PRO C 320 -28.82 7.47 -19.43
CA PRO C 320 -29.62 8.62 -18.98
C PRO C 320 -28.92 9.93 -19.27
N SER C 321 -29.73 10.98 -19.47
CA SER C 321 -29.20 12.28 -19.82
C SER C 321 -28.40 12.92 -18.70
N THR C 322 -28.58 12.46 -17.46
CA THR C 322 -27.84 13.04 -16.33
C THR C 322 -26.34 12.74 -16.45
N MET C 323 -26.00 11.53 -16.88
CA MET C 323 -24.60 11.13 -16.94
C MET C 323 -23.86 11.86 -18.06
N LYS C 324 -22.53 11.93 -17.90
CA LYS C 324 -21.66 12.53 -18.90
C LYS C 324 -20.89 11.43 -19.61
N ILE C 325 -20.98 11.42 -20.94
CA ILE C 325 -20.38 10.37 -21.77
C ILE C 325 -19.12 10.91 -22.40
N LYS C 326 -18.01 10.19 -22.23
CA LYS C 326 -16.74 10.54 -22.85
C LYS C 326 -16.19 9.32 -23.57
N ILE C 327 -15.78 9.49 -24.81
CA ILE C 327 -15.15 8.44 -25.60
C ILE C 327 -13.68 8.83 -25.79
N ILE C 328 -12.78 8.06 -25.19
CA ILE C 328 -11.35 8.34 -25.28
C ILE C 328 -10.79 7.52 -26.44
N ALA C 329 -10.39 8.21 -27.51
CA ALA C 329 -9.83 7.59 -28.70
C ALA C 329 -8.50 8.27 -29.01
N PRO C 330 -7.43 7.84 -28.37
CA PRO C 330 -6.14 8.47 -28.62
C PRO C 330 -5.69 8.22 -30.04
N PRO C 331 -4.90 9.12 -30.62
CA PRO C 331 -4.47 8.94 -32.01
C PRO C 331 -3.62 7.68 -32.23
N GLU C 332 -3.00 7.14 -31.17
CA GLU C 332 -2.15 5.97 -31.29
C GLU C 332 -2.82 4.71 -30.75
N ARG C 333 -4.15 4.67 -30.77
CA ARG C 333 -4.86 3.52 -30.22
C ARG C 333 -4.64 2.24 -31.02
N LYS C 334 -4.06 2.33 -32.21
CA LYS C 334 -3.73 1.13 -32.97
C LYS C 334 -2.60 0.33 -32.30
N TYR C 335 -1.79 0.97 -31.45
CA TYR C 335 -0.66 0.31 -30.79
C TYR C 335 -0.79 0.35 -29.27
N SER C 336 -1.99 0.61 -28.75
CA SER C 336 -2.17 0.79 -27.32
C SER C 336 -1.90 -0.49 -26.56
N VAL C 337 -2.29 -1.64 -27.11
CA VAL C 337 -2.05 -2.91 -26.43
C VAL C 337 -0.55 -3.15 -26.29
N TRP C 338 0.21 -2.92 -27.37
CA TRP C 338 1.64 -3.09 -27.30
C TRP C 338 2.29 -2.10 -26.35
N ILE C 339 1.84 -0.84 -26.36
CA ILE C 339 2.41 0.16 -25.47
C ILE C 339 2.17 -0.22 -24.02
N GLY C 340 0.96 -0.67 -23.70
CA GLY C 340 0.68 -1.11 -22.34
C GLY C 340 1.49 -2.32 -21.94
N GLY C 341 1.65 -3.27 -22.86
CA GLY C 341 2.48 -4.43 -22.56
C GLY C 341 3.93 -4.04 -22.31
N SER C 342 4.44 -3.08 -23.08
CA SER C 342 5.79 -2.59 -22.88
C SER C 342 5.93 -1.89 -21.54
N ILE C 343 4.93 -1.10 -21.15
CA ILE C 343 4.97 -0.44 -19.84
C ILE C 343 4.96 -1.48 -18.73
N LEU C 344 4.10 -2.51 -18.86
CA LEU C 344 3.96 -3.50 -17.80
C LEU C 344 5.19 -4.38 -17.68
N ALA C 345 5.79 -4.76 -18.81
CA ALA C 345 6.92 -5.69 -18.77
C ALA C 345 8.19 -5.02 -18.25
N SER C 346 8.25 -3.70 -18.22
CA SER C 346 9.43 -2.98 -17.77
C SER C 346 9.39 -2.66 -16.28
N LEU C 347 8.29 -2.94 -15.60
CA LEU C 347 8.19 -2.63 -14.18
C LEU C 347 9.07 -3.58 -13.36
N SER C 348 9.69 -3.04 -12.31
CA SER C 348 10.51 -3.86 -11.43
C SER C 348 9.68 -4.78 -10.56
N THR C 349 8.48 -4.34 -10.15
CA THR C 349 7.61 -5.17 -9.35
C THR C 349 7.02 -6.33 -10.14
N PHE C 350 6.99 -6.23 -11.46
CA PHE C 350 6.45 -7.28 -12.31
C PHE C 350 7.39 -8.48 -12.44
N GLN C 351 8.65 -8.34 -12.01
CA GLN C 351 9.62 -9.42 -12.18
C GLN C 351 9.25 -10.66 -11.38
N GLN C 352 8.35 -10.55 -10.41
CA GLN C 352 7.91 -11.69 -9.61
C GLN C 352 6.67 -12.37 -10.17
N MET C 353 6.14 -11.89 -11.29
CA MET C 353 4.94 -12.46 -11.89
C MET C 353 5.23 -13.28 -13.13
N TRP C 354 6.50 -13.39 -13.54
CA TRP C 354 6.84 -14.23 -14.67
C TRP C 354 6.64 -15.69 -14.35
N ILE C 355 6.39 -16.48 -15.39
CA ILE C 355 6.34 -17.94 -15.27
C ILE C 355 7.74 -18.44 -15.65
N THR C 356 8.52 -18.81 -14.64
CA THR C 356 9.88 -19.24 -14.89
C THR C 356 9.91 -20.66 -15.44
N LYS C 357 11.06 -21.04 -15.99
CA LYS C 357 11.22 -22.37 -16.56
C LYS C 357 11.09 -23.46 -15.49
N GLN C 358 11.59 -23.18 -14.28
CA GLN C 358 11.47 -24.15 -13.20
C GLN C 358 10.01 -24.42 -12.84
N GLU C 359 9.20 -23.38 -12.76
CA GLU C 359 7.79 -23.56 -12.45
C GLU C 359 7.09 -24.38 -13.53
N TYR C 360 7.42 -24.13 -14.79
CA TYR C 360 6.86 -24.93 -15.87
C TYR C 360 7.27 -26.38 -15.75
N ASP C 361 8.57 -26.63 -15.50
CA ASP C 361 9.03 -28.01 -15.34
C ASP C 361 8.33 -28.71 -14.19
N GLU C 362 8.03 -27.97 -13.12
CA GLU C 362 7.37 -28.58 -11.97
C GLU C 362 5.90 -28.87 -12.26
N ALA C 363 5.19 -27.93 -12.88
CA ALA C 363 3.73 -27.96 -12.90
C ALA C 363 3.11 -28.25 -14.25
N GLY C 364 3.89 -28.50 -15.29
CA GLY C 364 3.33 -28.75 -16.59
C GLY C 364 2.82 -27.49 -17.25
N PRO C 365 2.17 -27.62 -18.41
CA PRO C 365 1.63 -26.44 -19.10
C PRO C 365 0.44 -25.80 -18.40
N SER C 366 -0.10 -26.42 -17.35
CA SER C 366 -1.28 -25.88 -16.66
C SER C 366 -0.93 -24.80 -15.64
N ILE C 367 0.34 -24.49 -15.45
CA ILE C 367 0.73 -23.43 -14.52
C ILE C 367 0.21 -22.08 -14.98
N VAL C 368 0.04 -21.90 -16.29
CA VAL C 368 -0.38 -20.62 -16.84
C VAL C 368 -1.80 -20.25 -16.43
N HIS C 369 -2.62 -21.24 -16.04
CA HIS C 369 -3.99 -20.92 -15.64
C HIS C 369 -4.06 -20.28 -14.28
N ARG C 370 -3.14 -20.62 -13.37
CA ARG C 370 -3.12 -20.00 -12.05
C ARG C 370 -2.13 -18.85 -11.94
N LYS C 371 -1.08 -18.82 -12.76
CA LYS C 371 -0.14 -17.71 -12.69
C LYS C 371 -0.65 -16.48 -13.42
N CYS C 372 -1.40 -16.65 -14.51
CA CYS C 372 -1.89 -15.55 -15.32
C CYS C 372 -3.40 -15.39 -15.11
N PHE C 373 -3.81 -14.16 -14.78
CA PHE C 373 -5.20 -13.85 -14.49
C PHE C 373 -5.74 -14.72 -13.36
N ASP D 1 -73.29 -23.78 -13.57
CA ASP D 1 -73.25 -24.59 -12.36
C ASP D 1 -71.90 -25.27 -12.20
N GLU D 2 -71.70 -26.36 -12.95
CA GLU D 2 -70.46 -27.13 -12.89
C GLU D 2 -69.45 -26.50 -13.84
N THR D 3 -68.94 -25.33 -13.43
CA THR D 3 -67.91 -24.64 -14.20
C THR D 3 -66.55 -24.99 -13.60
N THR D 4 -65.80 -25.83 -14.32
CA THR D 4 -64.49 -26.25 -13.83
C THR D 4 -63.51 -25.09 -13.90
N ALA D 5 -62.75 -24.91 -12.82
CA ALA D 5 -61.77 -23.84 -12.77
C ALA D 5 -60.52 -24.21 -13.56
N LEU D 6 -59.84 -23.18 -14.06
CA LEU D 6 -58.59 -23.35 -14.79
C LEU D 6 -57.41 -22.94 -13.92
N VAL D 7 -56.39 -23.78 -13.89
CA VAL D 7 -55.16 -23.50 -13.17
C VAL D 7 -54.06 -23.27 -14.18
N CYS D 8 -53.50 -22.07 -14.18
CA CYS D 8 -52.46 -21.67 -15.13
C CYS D 8 -51.22 -21.24 -14.34
N ASP D 9 -50.21 -22.10 -14.30
CA ASP D 9 -48.96 -21.80 -13.61
C ASP D 9 -47.96 -21.29 -14.66
N ASN D 10 -48.14 -20.03 -15.03
CA ASN D 10 -47.26 -19.41 -16.02
C ASN D 10 -45.98 -18.96 -15.32
N GLY D 11 -44.93 -19.75 -15.47
CA GLY D 11 -43.63 -19.41 -14.94
C GLY D 11 -42.81 -18.61 -15.91
N SER D 12 -41.55 -18.37 -15.52
CA SER D 12 -40.66 -17.62 -16.39
C SER D 12 -40.28 -18.42 -17.64
N GLY D 13 -40.14 -19.74 -17.51
CA GLY D 13 -39.69 -20.55 -18.62
C GLY D 13 -40.74 -21.47 -19.21
N LEU D 14 -41.59 -22.05 -18.38
CA LEU D 14 -42.60 -23.00 -18.83
C LEU D 14 -43.98 -22.53 -18.41
N VAL D 15 -44.97 -22.84 -19.25
CA VAL D 15 -46.37 -22.64 -18.93
C VAL D 15 -46.96 -24.01 -18.57
N LYS D 16 -47.56 -24.10 -17.39
CA LYS D 16 -48.18 -25.32 -16.90
C LYS D 16 -49.66 -25.04 -16.71
N ALA D 17 -50.49 -25.54 -17.62
CA ALA D 17 -51.91 -25.25 -17.62
C ALA D 17 -52.72 -26.54 -17.60
N GLY D 18 -53.95 -26.44 -17.11
CA GLY D 18 -54.81 -27.60 -17.00
C GLY D 18 -56.11 -27.25 -16.30
N PHE D 19 -56.85 -28.29 -15.96
CA PHE D 19 -58.15 -28.15 -15.32
C PHE D 19 -58.07 -28.59 -13.87
N ALA D 20 -58.81 -27.89 -13.01
CA ALA D 20 -58.80 -28.22 -11.58
C ALA D 20 -59.40 -29.60 -11.36
N GLY D 21 -58.74 -30.37 -10.49
CA GLY D 21 -59.14 -31.72 -10.21
C GLY D 21 -58.32 -32.78 -10.92
N ASP D 22 -57.58 -32.40 -11.96
CA ASP D 22 -56.73 -33.35 -12.66
C ASP D 22 -55.45 -33.60 -11.86
N ASP D 23 -54.77 -34.69 -12.20
CA ASP D 23 -53.54 -35.07 -11.52
C ASP D 23 -52.28 -34.55 -12.21
N ALA D 24 -52.40 -33.97 -13.40
CA ALA D 24 -51.24 -33.50 -14.15
C ALA D 24 -51.67 -32.34 -15.04
N PRO D 25 -50.75 -31.44 -15.40
CA PRO D 25 -51.11 -30.36 -16.32
C PRO D 25 -51.47 -30.92 -17.69
N ARG D 26 -52.47 -30.28 -18.31
CA ARG D 26 -52.89 -30.70 -19.65
C ARG D 26 -51.93 -30.20 -20.71
N ALA D 27 -51.42 -28.98 -20.56
CA ALA D 27 -50.54 -28.36 -21.55
C ALA D 27 -49.28 -27.87 -20.86
N VAL D 28 -48.12 -28.31 -21.35
CA VAL D 28 -46.82 -27.84 -20.89
C VAL D 28 -45.98 -27.50 -22.11
N PHE D 29 -45.58 -26.24 -22.24
CA PHE D 29 -44.83 -25.79 -23.39
C PHE D 29 -43.99 -24.59 -22.99
N PRO D 30 -42.90 -24.31 -23.71
CA PRO D 30 -42.05 -23.17 -23.35
C PRO D 30 -42.78 -21.85 -23.50
N SER D 31 -42.41 -20.90 -22.66
CA SER D 31 -43.04 -19.58 -22.62
C SER D 31 -42.22 -18.60 -23.47
N ILE D 32 -42.19 -18.86 -24.77
CA ILE D 32 -41.41 -18.07 -25.71
C ILE D 32 -42.30 -17.62 -26.85
N VAL D 33 -41.92 -16.48 -27.44
CA VAL D 33 -42.52 -15.98 -28.66
C VAL D 33 -41.39 -15.69 -29.65
N GLY D 34 -41.49 -16.27 -30.84
CA GLY D 34 -40.46 -16.13 -31.86
C GLY D 34 -40.96 -15.33 -33.04
N ARG D 35 -40.04 -14.60 -33.69
CA ARG D 35 -40.35 -13.82 -34.87
C ARG D 35 -39.26 -14.04 -35.90
N PRO D 36 -39.61 -14.09 -37.18
CA PRO D 36 -38.60 -14.34 -38.22
C PRO D 36 -37.54 -13.24 -38.25
N ARG D 37 -36.30 -13.64 -38.51
CA ARG D 37 -35.19 -12.70 -38.60
C ARG D 37 -34.48 -12.77 -39.95
N HIS D 38 -35.02 -13.52 -40.90
CA HIS D 38 -34.43 -13.69 -42.23
C HIS D 38 -35.39 -13.17 -43.29
N GLN D 39 -35.03 -13.38 -44.56
CA GLN D 39 -35.77 -12.83 -45.69
C GLN D 39 -36.62 -13.91 -46.33
N GLY D 40 -37.92 -13.65 -46.45
CA GLY D 40 -38.83 -14.58 -47.10
C GLY D 40 -38.87 -14.40 -48.60
N VAL D 41 -38.56 -15.45 -49.35
CA VAL D 41 -38.43 -15.36 -50.80
C VAL D 41 -39.53 -16.10 -51.55
N MET D 42 -40.21 -17.06 -50.93
CA MET D 42 -41.28 -17.78 -51.60
C MET D 42 -42.62 -17.10 -51.35
N VAL D 43 -43.45 -17.06 -52.39
N VAL D 43 -43.45 -17.08 -52.39
CA VAL D 43 -44.73 -16.36 -52.33
CA VAL D 43 -44.73 -16.40 -52.39
C VAL D 43 -45.71 -17.19 -51.50
C VAL D 43 -45.82 -17.44 -52.15
N GLY D 44 -46.23 -16.59 -50.44
N GLY D 44 -46.82 -17.07 -51.35
CA GLY D 44 -47.13 -17.26 -49.52
CA GLY D 44 -47.88 -17.97 -50.98
C GLY D 44 -46.45 -17.85 -48.31
C GLY D 44 -47.60 -18.79 -49.75
N MET D 45 -45.13 -18.00 -48.32
N MET D 45 -46.42 -18.64 -49.16
CA MET D 45 -44.39 -18.56 -47.21
CA MET D 45 -46.11 -19.35 -47.92
C MET D 45 -43.76 -17.38 -46.45
C MET D 45 -46.90 -18.76 -46.76
N GLY D 46 -44.28 -17.12 -45.26
N GLY D 46 -47.04 -19.57 -45.71
CA GLY D 46 -43.84 -15.97 -44.49
CA GLY D 46 -47.74 -19.15 -44.52
C GLY D 46 -44.98 -15.05 -44.12
C GLY D 46 -46.91 -18.18 -43.69
N GLN D 47 -46.19 -15.59 -44.07
N GLN D 47 -46.73 -16.97 -44.20
CA GLN D 47 -47.37 -14.84 -43.69
CA GLN D 47 -45.90 -15.96 -43.55
C GLN D 47 -47.64 -14.87 -42.19
C GLN D 47 -46.63 -15.46 -42.31
N LYS D 48 -46.86 -15.62 -41.43
N LYS D 48 -46.42 -16.17 -41.20
CA LYS D 48 -47.01 -15.71 -39.98
CA LYS D 48 -46.93 -15.81 -39.90
C LYS D 48 -45.96 -14.82 -39.32
C LYS D 48 -45.91 -14.92 -39.18
N ASP D 49 -46.41 -13.91 -38.47
CA ASP D 49 -45.54 -12.94 -37.83
C ASP D 49 -45.11 -13.33 -36.43
N SER D 50 -45.58 -14.45 -35.90
CA SER D 50 -45.26 -14.84 -34.53
C SER D 50 -45.46 -16.33 -34.36
N TYR D 51 -44.61 -16.94 -33.54
CA TYR D 51 -44.73 -18.34 -33.17
C TYR D 51 -44.65 -18.45 -31.65
N VAL D 52 -45.58 -19.18 -31.06
CA VAL D 52 -45.68 -19.28 -29.60
C VAL D 52 -45.58 -20.75 -29.20
N GLY D 53 -44.70 -21.04 -28.26
CA GLY D 53 -44.66 -22.36 -27.64
C GLY D 53 -43.80 -23.33 -28.41
N ASP D 54 -44.33 -24.53 -28.64
CA ASP D 54 -43.55 -25.57 -29.31
C ASP D 54 -43.33 -25.27 -30.78
N GLU D 55 -44.27 -24.59 -31.42
CA GLU D 55 -44.08 -24.20 -32.82
C GLU D 55 -43.00 -23.13 -32.96
N ALA D 56 -42.68 -22.41 -31.88
CA ALA D 56 -41.56 -21.48 -31.92
C ALA D 56 -40.22 -22.20 -31.79
N GLN D 57 -40.23 -23.43 -31.27
CA GLN D 57 -39.01 -24.21 -31.18
C GLN D 57 -38.84 -25.17 -32.36
N SER D 58 -39.91 -25.52 -33.05
CA SER D 58 -39.77 -26.25 -34.29
C SER D 58 -39.09 -25.40 -35.35
N LYS D 59 -39.44 -24.12 -35.44
CA LYS D 59 -38.84 -23.16 -36.35
C LYS D 59 -37.68 -22.40 -35.72
N ARG D 60 -36.98 -23.02 -34.77
CA ARG D 60 -36.03 -22.31 -33.92
C ARG D 60 -34.93 -21.64 -34.73
N GLY D 61 -34.55 -22.21 -35.87
CA GLY D 61 -33.39 -21.75 -36.61
C GLY D 61 -33.60 -20.57 -37.53
N ILE D 62 -34.80 -19.99 -37.58
CA ILE D 62 -35.04 -18.82 -38.41
C ILE D 62 -35.70 -17.72 -37.60
N LEU D 63 -35.96 -18.00 -36.32
CA LEU D 63 -36.68 -17.09 -35.46
C LEU D 63 -35.74 -16.45 -34.44
N THR D 64 -36.18 -15.32 -33.90
CA THR D 64 -35.58 -14.69 -32.73
C THR D 64 -36.50 -14.97 -31.55
N LEU D 65 -36.01 -15.74 -30.58
CA LEU D 65 -36.81 -16.15 -29.44
C LEU D 65 -36.67 -15.15 -28.30
N LYS D 66 -37.80 -14.72 -27.74
CA LYS D 66 -37.84 -13.78 -26.64
C LYS D 66 -38.77 -14.30 -25.55
N TYR D 67 -38.38 -14.06 -24.30
CA TYR D 67 -39.18 -14.47 -23.15
C TYR D 67 -39.97 -13.28 -22.65
N PRO D 68 -41.29 -13.40 -22.45
CA PRO D 68 -42.05 -12.27 -21.90
C PRO D 68 -41.83 -12.06 -20.41
N ILE D 69 -41.23 -13.01 -19.71
CA ILE D 69 -41.08 -12.95 -18.26
C ILE D 69 -39.61 -13.13 -17.90
N GLU D 70 -39.05 -12.18 -17.17
CA GLU D 70 -37.74 -12.35 -16.56
C GLU D 70 -37.80 -12.11 -15.06
N HIC D 71 -37.33 -13.08 -14.29
CA HIC D 71 -37.27 -12.99 -12.85
C HIC D 71 -38.65 -12.80 -12.27
O HIC D 71 -38.91 -12.09 -11.29
CB HIC D 71 -36.37 -11.84 -12.33
CG HIC D 71 -35.02 -11.90 -12.89
ND1 HIC D 71 -34.15 -13.00 -12.76
CD2 HIC D 71 -34.39 -10.88 -13.64
CE1 HIC D 71 -33.02 -12.65 -13.42
NE2 HIC D 71 -33.12 -11.36 -13.96
CZ HIC D 71 -32.13 -10.68 -14.72
N GLY D 72 -39.60 -13.48 -12.90
CA GLY D 72 -40.96 -13.53 -12.41
C GLY D 72 -41.81 -12.31 -12.68
N ILE D 73 -41.27 -11.36 -13.45
CA ILE D 73 -41.97 -10.12 -13.78
C ILE D 73 -42.24 -10.11 -15.28
N ILE D 74 -43.50 -9.84 -15.64
CA ILE D 74 -43.88 -9.76 -17.05
C ILE D 74 -43.40 -8.42 -17.59
N THR D 75 -42.46 -8.46 -18.53
CA THR D 75 -41.90 -7.23 -19.09
C THR D 75 -42.49 -6.89 -20.46
N ASN D 76 -42.99 -7.88 -21.18
CA ASN D 76 -43.66 -7.68 -22.46
C ASN D 76 -45.11 -8.07 -22.31
N TRP D 77 -46.01 -7.10 -22.41
CA TRP D 77 -47.41 -7.34 -22.12
C TRP D 77 -48.23 -7.71 -23.35
N ASP D 78 -47.64 -7.65 -24.55
CA ASP D 78 -48.31 -8.15 -25.73
C ASP D 78 -47.94 -9.60 -26.01
N ASP D 79 -46.67 -9.95 -25.82
CA ASP D 79 -46.27 -11.36 -25.93
C ASP D 79 -46.95 -12.20 -24.86
N MET D 80 -47.13 -11.63 -23.66
CA MET D 80 -47.84 -12.36 -22.61
C MET D 80 -49.30 -12.60 -23.00
N GLU D 81 -49.94 -11.61 -23.61
CA GLU D 81 -51.30 -11.81 -24.09
C GLU D 81 -51.35 -12.87 -25.18
N LYS D 82 -50.36 -12.87 -26.08
CA LYS D 82 -50.29 -13.91 -27.10
C LYS D 82 -50.16 -15.29 -26.47
N ILE D 83 -49.31 -15.41 -25.46
CA ILE D 83 -49.09 -16.70 -24.80
C ILE D 83 -50.36 -17.16 -24.09
N TRP D 84 -51.05 -16.25 -23.40
CA TRP D 84 -52.29 -16.61 -22.71
C TRP D 84 -53.37 -17.01 -23.70
N HIS D 85 -53.49 -16.29 -24.83
CA HIS D 85 -54.44 -16.66 -25.86
C HIS D 85 -54.14 -18.04 -26.41
N HIS D 86 -52.85 -18.31 -26.69
CA HIS D 86 -52.45 -19.64 -27.14
C HIS D 86 -52.87 -20.70 -26.13
N THR D 87 -52.55 -20.48 -24.86
CA THR D 87 -52.87 -21.45 -23.81
C THR D 87 -54.37 -21.72 -23.74
N PHE D 88 -55.17 -20.67 -23.79
CA PHE D 88 -56.61 -20.84 -23.64
C PHE D 88 -57.23 -21.52 -24.85
N TYR D 89 -56.81 -21.15 -26.05
CA TYR D 89 -57.52 -21.59 -27.24
C TYR D 89 -56.87 -22.76 -27.96
N ASN D 90 -55.56 -22.66 -28.27
CA ASN D 90 -54.94 -23.71 -29.08
C ASN D 90 -54.52 -24.91 -28.25
N GLU D 91 -54.24 -24.72 -26.96
CA GLU D 91 -53.72 -25.80 -26.11
C GLU D 91 -54.82 -26.46 -25.29
N LEU D 92 -55.53 -25.69 -24.47
CA LEU D 92 -56.61 -26.25 -23.65
C LEU D 92 -57.91 -26.42 -24.43
N ARG D 93 -58.06 -25.73 -25.55
CA ARG D 93 -59.26 -25.82 -26.39
C ARG D 93 -60.52 -25.51 -25.58
N VAL D 94 -60.44 -24.45 -24.78
CA VAL D 94 -61.53 -24.06 -23.89
C VAL D 94 -61.81 -22.58 -24.07
N ALA D 95 -63.04 -22.18 -23.76
CA ALA D 95 -63.43 -20.78 -23.85
C ALA D 95 -63.25 -20.11 -22.50
N PRO D 96 -62.35 -19.13 -22.37
CA PRO D 96 -62.07 -18.57 -21.04
C PRO D 96 -63.23 -17.80 -20.43
N GLU D 97 -64.22 -17.40 -21.20
CA GLU D 97 -65.31 -16.58 -20.67
C GLU D 97 -66.30 -17.38 -19.84
N GLU D 98 -66.03 -18.66 -19.58
CA GLU D 98 -66.94 -19.45 -18.75
C GLU D 98 -66.19 -20.35 -17.77
N HIS D 99 -64.94 -20.02 -17.43
CA HIS D 99 -64.16 -20.81 -16.49
C HIS D 99 -63.39 -19.87 -15.57
N PRO D 100 -63.53 -20.01 -14.25
CA PRO D 100 -62.65 -19.27 -13.34
C PRO D 100 -61.19 -19.67 -13.54
N THR D 101 -60.30 -18.71 -13.40
CA THR D 101 -58.88 -18.90 -13.66
C THR D 101 -58.08 -18.64 -12.40
N LEU D 102 -57.14 -19.54 -12.10
CA LEU D 102 -56.24 -19.40 -10.96
C LEU D 102 -54.82 -19.21 -11.49
N LEU D 103 -54.19 -18.12 -11.09
CA LEU D 103 -52.84 -17.78 -11.53
C LEU D 103 -51.90 -17.71 -10.34
N THR D 104 -50.60 -17.81 -10.62
CA THR D 104 -49.58 -17.83 -9.59
C THR D 104 -48.59 -16.68 -9.81
N GLU D 105 -47.88 -16.32 -8.74
CA GLU D 105 -46.94 -15.22 -8.78
C GLU D 105 -45.94 -15.38 -7.66
N ALA D 106 -44.75 -14.83 -7.86
CA ALA D 106 -43.70 -14.89 -6.85
C ALA D 106 -44.07 -14.01 -5.64
N PRO D 107 -43.59 -14.36 -4.45
CA PRO D 107 -44.03 -13.65 -3.24
C PRO D 107 -43.74 -12.16 -3.22
N LEU D 108 -42.60 -11.72 -3.76
CA LEU D 108 -42.20 -10.33 -3.57
C LEU D 108 -42.10 -9.57 -4.89
N ASN D 109 -43.08 -9.73 -5.76
CA ASN D 109 -43.11 -9.05 -7.05
C ASN D 109 -43.71 -7.66 -6.91
N PRO D 110 -43.47 -6.79 -7.88
CA PRO D 110 -44.16 -5.49 -7.89
C PRO D 110 -45.66 -5.65 -8.02
N LYS D 111 -46.39 -4.69 -7.46
CA LYS D 111 -47.85 -4.77 -7.45
C LYS D 111 -48.45 -4.52 -8.82
N ALA D 112 -47.76 -3.74 -9.66
CA ALA D 112 -48.27 -3.46 -11.00
C ALA D 112 -48.42 -4.73 -11.82
N ASN D 113 -47.54 -5.71 -11.60
CA ASN D 113 -47.65 -6.99 -12.29
C ASN D 113 -48.99 -7.67 -11.99
N ARG D 114 -49.33 -7.77 -10.70
CA ARG D 114 -50.58 -8.40 -10.31
C ARG D 114 -51.78 -7.62 -10.80
N GLU D 115 -51.73 -6.29 -10.69
CA GLU D 115 -52.85 -5.48 -11.17
C GLU D 115 -53.05 -5.63 -12.66
N LYS D 116 -51.96 -5.68 -13.43
CA LYS D 116 -52.08 -5.83 -14.87
C LYS D 116 -52.59 -7.21 -15.25
N MET D 117 -52.18 -8.25 -14.53
CA MET D 117 -52.76 -9.57 -14.81
C MET D 117 -54.26 -9.57 -14.54
N THR D 118 -54.68 -8.93 -13.44
CA THR D 118 -56.10 -8.85 -13.14
C THR D 118 -56.86 -8.12 -14.25
N GLN D 119 -56.32 -6.99 -14.71
CA GLN D 119 -56.97 -6.21 -15.75
C GLN D 119 -57.07 -7.00 -17.05
N ILE D 120 -55.99 -7.70 -17.42
CA ILE D 120 -56.00 -8.47 -18.67
C ILE D 120 -57.00 -9.60 -18.57
N MET D 121 -57.05 -10.29 -17.43
CA MET D 121 -58.00 -11.39 -17.27
C MET D 121 -59.44 -10.89 -17.34
N PHE D 122 -59.73 -9.75 -16.71
CA PHE D 122 -61.11 -9.31 -16.60
C PHE D 122 -61.58 -8.47 -17.79
N GLU D 123 -60.67 -7.98 -18.63
CA GLU D 123 -61.08 -7.11 -19.72
C GLU D 123 -60.81 -7.68 -21.10
N THR D 124 -59.76 -8.46 -21.26
CA THR D 124 -59.45 -9.05 -22.57
C THR D 124 -60.06 -10.43 -22.74
N PHE D 125 -59.95 -11.29 -21.73
CA PHE D 125 -60.45 -12.66 -21.81
C PHE D 125 -61.82 -12.84 -21.16
N ASN D 126 -62.28 -11.86 -20.38
CA ASN D 126 -63.63 -11.85 -19.82
C ASN D 126 -63.90 -13.09 -18.97
N VAL D 127 -62.96 -13.45 -18.12
CA VAL D 127 -63.13 -14.57 -17.21
C VAL D 127 -64.20 -14.21 -16.18
N PRO D 128 -64.98 -15.16 -15.68
CA PRO D 128 -65.99 -14.83 -14.66
C PRO D 128 -65.43 -14.64 -13.27
N ALA D 129 -64.26 -15.20 -12.97
CA ALA D 129 -63.66 -15.07 -11.65
C ALA D 129 -62.16 -15.23 -11.78
N MET D 130 -61.44 -14.87 -10.71
CA MET D 130 -59.99 -14.85 -10.75
C MET D 130 -59.44 -14.98 -9.35
N TYR D 131 -58.24 -15.56 -9.25
CA TYR D 131 -57.48 -15.59 -8.01
C TYR D 131 -56.00 -15.68 -8.35
N VAL D 132 -55.18 -15.03 -7.54
CA VAL D 132 -53.72 -15.07 -7.68
C VAL D 132 -53.15 -15.66 -6.40
N ALA D 133 -52.42 -16.76 -6.54
CA ALA D 133 -51.90 -17.50 -5.40
C ALA D 133 -50.39 -17.38 -5.32
N ILE D 134 -49.84 -17.80 -4.18
CA ILE D 134 -48.40 -17.82 -3.95
C ILE D 134 -47.92 -19.25 -4.16
N GLN D 135 -46.81 -19.39 -4.90
CA GLN D 135 -46.40 -20.71 -5.38
C GLN D 135 -45.96 -21.63 -4.25
N ALA D 136 -45.38 -21.09 -3.18
CA ALA D 136 -44.92 -21.94 -2.08
C ALA D 136 -46.08 -22.54 -1.31
N VAL D 137 -47.17 -21.78 -1.16
CA VAL D 137 -48.36 -22.33 -0.51
C VAL D 137 -48.91 -23.48 -1.31
N LEU D 138 -48.93 -23.35 -2.64
CA LEU D 138 -49.37 -24.44 -3.48
C LEU D 138 -48.42 -25.63 -3.43
N SER D 139 -47.12 -25.38 -3.27
CA SER D 139 -46.19 -26.48 -3.08
C SER D 139 -46.50 -27.25 -1.80
N LEU D 140 -46.81 -26.54 -0.71
CA LEU D 140 -47.22 -27.23 0.51
C LEU D 140 -48.52 -27.99 0.32
N TYR D 141 -49.47 -27.40 -0.41
CA TYR D 141 -50.73 -28.10 -0.68
C TYR D 141 -50.48 -29.40 -1.41
N ALA D 142 -49.60 -29.38 -2.41
CA ALA D 142 -49.27 -30.60 -3.14
C ALA D 142 -48.49 -31.59 -2.30
N SER D 143 -47.69 -31.13 -1.35
CA SER D 143 -46.90 -32.00 -0.51
C SER D 143 -47.70 -32.64 0.63
N GLY D 144 -48.95 -32.23 0.82
CA GLY D 144 -49.75 -32.76 1.90
C GLY D 144 -49.27 -32.38 3.28
N ARG D 145 -48.86 -31.12 3.47
CA ARG D 145 -48.40 -30.64 4.76
C ARG D 145 -49.01 -29.27 5.03
N THR D 146 -49.05 -28.91 6.30
CA THR D 146 -49.42 -27.56 6.71
C THR D 146 -48.28 -26.80 7.36
N THR D 147 -47.18 -27.47 7.72
CA THR D 147 -46.03 -26.85 8.34
C THR D 147 -44.79 -27.19 7.54
N GLY D 148 -43.99 -26.19 7.20
CA GLY D 148 -42.75 -26.41 6.51
C GLY D 148 -42.29 -25.17 5.80
N ILE D 149 -41.01 -25.15 5.46
CA ILE D 149 -40.38 -24.07 4.70
C ILE D 149 -40.11 -24.59 3.30
N VAL D 150 -40.53 -23.81 2.29
CA VAL D 150 -40.50 -24.23 0.90
C VAL D 150 -39.38 -23.48 0.18
N LEU D 151 -38.55 -24.22 -0.54
CA LEU D 151 -37.50 -23.65 -1.39
C LEU D 151 -37.93 -23.88 -2.83
N ASP D 152 -38.64 -22.92 -3.40
CA ASP D 152 -39.08 -23.00 -4.78
C ASP D 152 -38.04 -22.34 -5.68
N SER D 153 -37.74 -23.00 -6.80
CA SER D 153 -36.71 -22.50 -7.71
C SER D 153 -37.11 -22.91 -9.13
N GLY D 154 -37.66 -21.98 -9.89
CA GLY D 154 -37.98 -22.22 -11.28
C GLY D 154 -36.80 -21.87 -12.16
N ASP D 155 -36.97 -20.94 -13.08
CA ASP D 155 -35.83 -20.35 -13.77
C ASP D 155 -35.84 -18.83 -13.75
N GLY D 156 -36.80 -18.21 -13.10
CA GLY D 156 -36.75 -16.78 -12.87
C GLY D 156 -36.18 -16.40 -11.51
N VAL D 157 -36.77 -16.93 -10.44
CA VAL D 157 -36.42 -16.53 -9.08
C VAL D 157 -36.34 -17.77 -8.19
N THR D 158 -35.70 -17.57 -7.03
CA THR D 158 -35.65 -18.56 -5.96
C THR D 158 -36.11 -17.89 -4.68
N HIS D 159 -37.13 -18.46 -4.03
CA HIS D 159 -37.68 -17.85 -2.83
C HIS D 159 -37.90 -18.91 -1.75
N ASN D 160 -37.86 -18.45 -0.50
CA ASN D 160 -38.14 -19.27 0.67
C ASN D 160 -39.37 -18.72 1.38
N VAL D 161 -40.28 -19.60 1.74
CA VAL D 161 -41.49 -19.20 2.47
C VAL D 161 -41.70 -20.15 3.64
N PRO D 162 -41.46 -19.72 4.88
CA PRO D 162 -41.74 -20.58 6.04
C PRO D 162 -43.18 -20.49 6.50
N ILE D 163 -43.85 -21.63 6.62
CA ILE D 163 -45.26 -21.69 7.01
C ILE D 163 -45.39 -22.70 8.14
N TYR D 164 -46.13 -22.32 9.18
CA TYR D 164 -46.34 -23.17 10.35
C TYR D 164 -47.83 -23.27 10.65
N GLU D 165 -48.36 -24.49 10.55
CA GLU D 165 -49.78 -24.77 10.83
C GLU D 165 -50.70 -23.87 10.01
N GLY D 166 -50.31 -23.62 8.76
CA GLY D 166 -51.10 -22.79 7.88
C GLY D 166 -50.93 -21.31 8.07
N TYR D 167 -50.00 -20.87 8.90
CA TYR D 167 -49.73 -19.46 9.14
C TYR D 167 -48.37 -19.11 8.55
N ALA D 168 -48.35 -18.11 7.69
CA ALA D 168 -47.11 -17.67 7.04
C ALA D 168 -46.48 -16.54 7.84
N LEU D 169 -45.14 -16.50 7.81
CA LEU D 169 -44.36 -15.44 8.45
C LEU D 169 -43.79 -14.56 7.36
N PRO D 170 -44.49 -13.50 6.95
CA PRO D 170 -44.04 -12.71 5.80
C PRO D 170 -42.69 -12.04 6.00
N HIS D 171 -42.29 -11.77 7.24
CA HIS D 171 -41.02 -11.09 7.47
C HIS D 171 -39.83 -12.00 7.24
N ALA D 172 -40.04 -13.32 7.17
CA ALA D 172 -38.96 -14.28 6.95
C ALA D 172 -38.93 -14.79 5.52
N ILE D 173 -39.65 -14.14 4.60
CA ILE D 173 -39.67 -14.58 3.22
C ILE D 173 -38.45 -14.03 2.50
N MET D 174 -37.69 -14.92 1.87
CA MET D 174 -36.50 -14.56 1.12
C MET D 174 -36.80 -14.59 -0.37
N ARG D 175 -35.87 -14.02 -1.15
CA ARG D 175 -36.01 -13.99 -2.60
C ARG D 175 -34.63 -13.81 -3.21
N LEU D 176 -34.33 -14.61 -4.22
CA LEU D 176 -33.10 -14.48 -4.99
C LEU D 176 -33.44 -14.42 -6.47
N ASP D 177 -32.77 -13.50 -7.18
CA ASP D 177 -32.88 -13.44 -8.64
C ASP D 177 -31.79 -14.29 -9.29
N LEU D 178 -31.70 -15.54 -8.85
CA LEU D 178 -30.72 -16.49 -9.36
C LEU D 178 -31.43 -17.83 -9.50
N ALA D 179 -31.52 -18.32 -10.73
CA ALA D 179 -32.34 -19.48 -11.03
C ALA D 179 -31.84 -20.09 -12.35
N GLY D 180 -32.68 -20.93 -12.96
CA GLY D 180 -32.22 -21.73 -14.08
C GLY D 180 -31.69 -20.94 -15.26
N ARG D 181 -32.29 -19.78 -15.53
CA ARG D 181 -31.82 -18.97 -16.66
C ARG D 181 -30.39 -18.49 -16.44
N ASP D 182 -30.06 -18.08 -15.22
CA ASP D 182 -28.69 -17.69 -14.90
C ASP D 182 -27.75 -18.88 -15.01
N LEU D 183 -28.22 -20.08 -14.63
CA LEU D 183 -27.41 -21.27 -14.78
C LEU D 183 -27.12 -21.56 -16.25
N THR D 184 -28.12 -21.40 -17.11
CA THR D 184 -27.92 -21.58 -18.54
C THR D 184 -26.92 -20.58 -19.09
N ASP D 185 -27.02 -19.31 -18.66
CA ASP D 185 -26.08 -18.31 -19.13
C ASP D 185 -24.66 -18.62 -18.65
N TYR D 186 -24.51 -19.05 -17.40
CA TYR D 186 -23.18 -19.37 -16.89
C TYR D 186 -22.59 -20.59 -17.59
N LEU D 187 -23.41 -21.60 -17.87
CA LEU D 187 -22.92 -22.75 -18.63
C LEU D 187 -22.51 -22.34 -20.04
N MET D 188 -23.29 -21.46 -20.66
CA MET D 188 -22.91 -20.94 -21.97
C MET D 188 -21.58 -20.22 -21.92
N LYS D 189 -21.35 -19.46 -20.85
CA LYS D 189 -20.08 -18.74 -20.70
C LYS D 189 -18.91 -19.69 -20.51
N ILE D 190 -19.07 -20.70 -19.65
CA ILE D 190 -17.96 -21.59 -19.34
C ILE D 190 -17.78 -22.70 -20.37
N LEU D 191 -18.70 -22.83 -21.33
CA LEU D 191 -18.48 -23.76 -22.43
C LEU D 191 -17.48 -23.24 -23.45
N THR D 192 -17.12 -21.95 -23.38
CA THR D 192 -16.13 -21.40 -24.29
C THR D 192 -14.71 -21.81 -23.95
N GLU D 193 -14.47 -22.34 -22.74
CA GLU D 193 -13.15 -22.78 -22.36
C GLU D 193 -12.68 -23.98 -23.17
N ARG D 194 -13.60 -24.79 -23.68
CA ARG D 194 -13.26 -25.91 -24.55
C ARG D 194 -13.45 -25.58 -26.02
N GLY D 195 -13.78 -24.34 -26.35
CA GLY D 195 -13.88 -23.92 -27.73
C GLY D 195 -15.27 -24.04 -28.34
N TYR D 196 -16.31 -24.21 -27.53
CA TYR D 196 -17.68 -24.31 -28.02
C TYR D 196 -18.33 -22.93 -27.90
N SER D 197 -18.83 -22.42 -29.02
CA SER D 197 -19.41 -21.09 -29.08
C SER D 197 -20.91 -21.21 -29.34
N PHE D 198 -21.71 -20.82 -28.36
CA PHE D 198 -23.16 -20.73 -28.48
C PHE D 198 -23.54 -19.27 -28.24
N VAL D 199 -24.06 -18.61 -29.28
CA VAL D 199 -24.26 -17.17 -29.26
C VAL D 199 -25.74 -16.81 -29.36
N THR D 200 -26.42 -17.32 -30.39
CA THR D 200 -27.78 -16.89 -30.68
C THR D 200 -28.75 -17.41 -29.63
N THR D 201 -30.00 -16.91 -29.70
CA THR D 201 -31.03 -17.35 -28.78
C THR D 201 -31.46 -18.79 -29.07
N ALA D 202 -31.27 -19.25 -30.31
CA ALA D 202 -31.61 -20.62 -30.65
C ALA D 202 -30.61 -21.61 -30.05
N GLU D 203 -29.36 -21.19 -29.85
CA GLU D 203 -28.38 -22.03 -29.19
C GLU D 203 -28.51 -21.99 -27.67
N ARG D 204 -29.22 -21.00 -27.13
CA ARG D 204 -29.54 -21.01 -25.71
C ARG D 204 -30.38 -22.22 -25.35
N GLU D 205 -31.29 -22.61 -26.24
CA GLU D 205 -32.10 -23.81 -26.00
C GLU D 205 -31.25 -25.07 -26.01
N ILE D 206 -30.26 -25.14 -26.90
CA ILE D 206 -29.37 -26.29 -26.92
C ILE D 206 -28.56 -26.36 -25.64
N VAL D 207 -28.05 -25.21 -25.17
CA VAL D 207 -27.32 -25.18 -23.92
C VAL D 207 -28.22 -25.58 -22.75
N ARG D 208 -29.48 -25.15 -22.78
CA ARG D 208 -30.43 -25.54 -21.73
C ARG D 208 -30.66 -27.04 -21.73
N ASP D 209 -30.78 -27.65 -22.91
CA ASP D 209 -30.92 -29.09 -22.99
C ASP D 209 -29.69 -29.80 -22.45
N ILE D 210 -28.50 -29.29 -22.78
CA ILE D 210 -27.27 -29.87 -22.24
C ILE D 210 -27.27 -29.81 -20.72
N LYS D 211 -27.67 -28.66 -20.17
CA LYS D 211 -27.71 -28.49 -18.72
C LYS D 211 -28.70 -29.45 -18.08
N GLU D 212 -29.87 -29.62 -18.69
CA GLU D 212 -30.85 -30.54 -18.14
C GLU D 212 -30.37 -31.99 -18.19
N LYS D 213 -29.70 -32.38 -19.26
CA LYS D 213 -29.33 -33.78 -19.43
C LYS D 213 -28.07 -34.18 -18.66
N LEU D 214 -27.05 -33.33 -18.61
CA LEU D 214 -25.75 -33.75 -18.12
C LEU D 214 -25.34 -33.18 -16.77
N CYS D 215 -25.83 -32.01 -16.39
CA CYS D 215 -25.36 -31.35 -15.19
C CYS D 215 -25.89 -32.04 -13.93
N TYR D 216 -25.08 -31.99 -12.87
CA TYR D 216 -25.45 -32.55 -11.58
C TYR D 216 -24.77 -31.75 -10.49
N VAL D 217 -25.15 -32.01 -9.25
CA VAL D 217 -24.61 -31.32 -8.08
C VAL D 217 -23.66 -32.26 -7.35
N ALA D 218 -22.44 -31.77 -7.10
CA ALA D 218 -21.45 -32.55 -6.39
C ALA D 218 -21.67 -32.45 -4.88
N LEU D 219 -21.46 -33.57 -4.18
CA LEU D 219 -21.61 -33.58 -2.73
C LEU D 219 -20.60 -32.64 -2.08
N ASP D 220 -19.36 -32.65 -2.56
CA ASP D 220 -18.34 -31.70 -2.14
C ASP D 220 -17.56 -31.22 -3.36
N PHE D 221 -17.32 -29.91 -3.42
CA PHE D 221 -16.85 -29.30 -4.67
C PHE D 221 -15.36 -29.54 -4.89
N GLU D 222 -14.55 -29.39 -3.83
CA GLU D 222 -13.10 -29.39 -4.02
C GLU D 222 -12.58 -30.77 -4.39
N ASN D 223 -13.00 -31.80 -3.67
CA ASN D 223 -12.57 -33.15 -4.02
C ASN D 223 -13.15 -33.61 -5.35
N GLU D 224 -14.35 -33.14 -5.70
CA GLU D 224 -14.88 -33.43 -7.03
C GLU D 224 -14.02 -32.82 -8.12
N MET D 225 -13.57 -31.57 -7.92
CA MET D 225 -12.69 -30.95 -8.90
C MET D 225 -11.36 -31.67 -8.97
N ALA D 226 -10.82 -32.10 -7.82
CA ALA D 226 -9.56 -32.84 -7.82
C ALA D 226 -9.71 -34.16 -8.58
N THR D 227 -10.82 -34.87 -8.37
CA THR D 227 -11.06 -36.12 -9.10
C THR D 227 -11.20 -35.87 -10.60
N ALA D 228 -11.93 -34.82 -10.97
CA ALA D 228 -12.12 -34.52 -12.39
C ALA D 228 -10.80 -34.13 -13.05
N ALA D 229 -9.93 -33.44 -12.33
CA ALA D 229 -8.64 -33.07 -12.90
C ALA D 229 -7.67 -34.25 -12.95
N SER D 230 -7.76 -35.17 -12.01
CA SER D 230 -6.81 -36.27 -11.93
C SER D 230 -7.18 -37.45 -12.81
N SER D 231 -8.32 -37.42 -13.48
CA SER D 231 -8.75 -38.53 -14.33
C SER D 231 -9.65 -37.97 -15.43
N SER D 232 -10.32 -38.88 -16.15
CA SER D 232 -11.23 -38.51 -17.22
C SER D 232 -12.48 -39.36 -17.19
N SER D 233 -12.87 -39.84 -16.02
CA SER D 233 -14.04 -40.71 -15.88
C SER D 233 -15.33 -39.94 -15.66
N LEU D 234 -15.28 -38.62 -15.54
CA LEU D 234 -16.47 -37.81 -15.32
C LEU D 234 -16.92 -37.09 -16.59
N GLU D 235 -16.34 -37.42 -17.74
CA GLU D 235 -16.67 -36.75 -18.98
C GLU D 235 -17.78 -37.49 -19.72
N LYS D 236 -18.69 -36.71 -20.30
CA LYS D 236 -19.80 -37.27 -21.08
C LYS D 236 -19.92 -36.51 -22.38
N SER D 237 -20.46 -37.19 -23.39
CA SER D 237 -20.59 -36.64 -24.73
C SER D 237 -22.03 -36.24 -25.00
N TYR D 238 -22.19 -35.22 -25.86
CA TYR D 238 -23.49 -34.72 -26.27
C TYR D 238 -23.46 -34.47 -27.76
N GLU D 239 -24.56 -34.81 -28.44
CA GLU D 239 -24.65 -34.66 -29.88
C GLU D 239 -25.47 -33.44 -30.22
N LEU D 240 -24.89 -32.53 -30.98
CA LEU D 240 -25.56 -31.31 -31.41
C LEU D 240 -26.54 -31.61 -32.53
N PRO D 241 -27.48 -30.69 -32.81
CA PRO D 241 -28.49 -30.98 -33.84
C PRO D 241 -27.92 -31.30 -35.22
N ASP D 242 -26.78 -30.74 -35.58
CA ASP D 242 -26.20 -30.99 -36.89
C ASP D 242 -25.22 -32.15 -36.91
N GLY D 243 -25.06 -32.87 -35.80
CA GLY D 243 -24.23 -34.05 -35.76
C GLY D 243 -22.90 -33.89 -35.04
N GLN D 244 -22.47 -32.66 -34.76
CA GLN D 244 -21.22 -32.47 -34.04
C GLN D 244 -21.37 -32.94 -32.59
N VAL D 245 -20.28 -33.49 -32.05
CA VAL D 245 -20.27 -34.07 -30.72
C VAL D 245 -19.37 -33.22 -29.83
N ILE D 246 -19.91 -32.80 -28.69
CA ILE D 246 -19.16 -32.02 -27.70
C ILE D 246 -18.96 -32.88 -26.47
N THR D 247 -17.93 -32.55 -25.69
CA THR D 247 -17.60 -33.26 -24.48
C THR D 247 -17.38 -32.25 -23.36
N ILE D 248 -17.93 -32.53 -22.18
CA ILE D 248 -17.80 -31.65 -21.03
C ILE D 248 -17.41 -32.48 -19.81
N GLY D 249 -16.53 -31.91 -18.99
CA GLY D 249 -16.05 -32.57 -17.80
C GLY D 249 -16.52 -31.91 -16.52
N ASN D 250 -15.65 -31.10 -15.90
CA ASN D 250 -16.00 -30.43 -14.66
C ASN D 250 -17.12 -29.40 -14.83
N GLU D 251 -17.42 -29.00 -16.08
CA GLU D 251 -18.55 -28.12 -16.31
C GLU D 251 -19.87 -28.76 -15.93
N ARG D 252 -19.90 -30.09 -15.79
CA ARG D 252 -21.12 -30.77 -15.39
C ARG D 252 -21.57 -30.38 -13.99
N PHE D 253 -20.63 -30.27 -13.06
CA PHE D 253 -20.97 -29.88 -11.69
C PHE D 253 -20.57 -28.45 -11.35
N ARG D 254 -19.80 -27.78 -12.23
CA ARG D 254 -19.49 -26.38 -11.97
C ARG D 254 -20.68 -25.46 -12.25
N CYS D 255 -21.57 -25.87 -13.15
CA CYS D 255 -22.73 -25.03 -13.44
C CYS D 255 -23.71 -24.97 -12.27
N PRO D 256 -24.18 -26.08 -11.69
CA PRO D 256 -25.11 -25.96 -10.55
C PRO D 256 -24.45 -25.47 -9.28
N GLU D 257 -23.12 -25.37 -9.24
CA GLU D 257 -22.45 -24.90 -8.05
C GLU D 257 -22.75 -23.43 -7.75
N THR D 258 -23.17 -22.66 -8.75
CA THR D 258 -23.48 -21.26 -8.52
C THR D 258 -24.73 -21.07 -7.66
N LEU D 259 -25.50 -22.13 -7.42
CA LEU D 259 -26.61 -22.03 -6.48
C LEU D 259 -26.11 -21.91 -5.04
N PHE D 260 -24.99 -22.55 -4.74
CA PHE D 260 -24.39 -22.47 -3.42
C PHE D 260 -23.28 -21.43 -3.32
N GLN D 261 -22.70 -21.02 -4.45
CA GLN D 261 -21.69 -19.97 -4.50
C GLN D 261 -22.09 -18.97 -5.58
N PRO D 262 -22.99 -18.04 -5.26
CA PRO D 262 -23.42 -17.06 -6.27
C PRO D 262 -22.31 -16.13 -6.73
N SER D 263 -21.14 -16.21 -6.07
CA SER D 263 -20.00 -15.38 -6.47
C SER D 263 -19.43 -15.78 -7.82
N PHE D 264 -19.75 -16.98 -8.33
CA PHE D 264 -19.26 -17.38 -9.64
C PHE D 264 -19.81 -16.48 -10.74
N ILE D 265 -21.06 -16.03 -10.60
CA ILE D 265 -21.67 -15.13 -11.56
C ILE D 265 -21.65 -13.69 -11.05
N GLY D 266 -20.76 -13.37 -10.12
CA GLY D 266 -20.61 -12.02 -9.61
C GLY D 266 -21.77 -11.47 -8.82
N MET D 267 -22.33 -12.26 -7.91
CA MET D 267 -23.36 -11.80 -6.99
C MET D 267 -22.84 -11.90 -5.56
N GLU D 268 -23.24 -10.94 -4.73
CA GLU D 268 -22.84 -10.90 -3.34
C GLU D 268 -23.76 -11.70 -2.43
N SER D 269 -24.83 -12.27 -2.98
CA SER D 269 -25.81 -12.97 -2.17
C SER D 269 -25.23 -14.28 -1.63
N ALA D 270 -25.95 -14.86 -0.67
CA ALA D 270 -25.56 -16.12 -0.07
C ALA D 270 -26.19 -17.28 -0.84
N GLY D 271 -25.65 -18.47 -0.62
CA GLY D 271 -26.18 -19.65 -1.26
C GLY D 271 -27.59 -19.98 -0.80
N ILE D 272 -28.18 -20.96 -1.47
CA ILE D 272 -29.54 -21.35 -1.14
C ILE D 272 -29.60 -21.95 0.26
N HIS D 273 -28.56 -22.68 0.66
CA HIS D 273 -28.53 -23.28 2.00
C HIS D 273 -28.47 -22.20 3.07
N GLU D 274 -27.59 -21.20 2.90
CA GLU D 274 -27.50 -20.12 3.87
C GLU D 274 -28.75 -19.27 3.86
N THR D 275 -29.36 -19.07 2.70
CA THR D 275 -30.62 -18.34 2.64
C THR D 275 -31.72 -19.08 3.40
N THR D 276 -31.79 -20.40 3.24
CA THR D 276 -32.79 -21.18 3.96
C THR D 276 -32.54 -21.14 5.47
N TYR D 277 -31.27 -21.26 5.89
CA TYR D 277 -30.96 -21.19 7.30
C TYR D 277 -31.31 -19.81 7.87
N ASN D 278 -31.02 -18.75 7.13
CA ASN D 278 -31.35 -17.41 7.59
C ASN D 278 -32.85 -17.22 7.70
N SER D 279 -33.61 -17.75 6.73
CA SER D 279 -35.06 -17.66 6.81
C SER D 279 -35.61 -18.43 8.00
N ILE D 280 -35.04 -19.60 8.30
CA ILE D 280 -35.44 -20.35 9.47
C ILE D 280 -35.16 -19.56 10.75
N MET D 281 -33.96 -18.96 10.84
CA MET D 281 -33.58 -18.26 12.05
C MET D 281 -34.35 -16.97 12.26
N LYS D 282 -35.08 -16.50 11.26
CA LYS D 282 -35.93 -15.33 11.44
C LYS D 282 -37.31 -15.68 12.01
N CYS D 283 -37.60 -16.96 12.21
CA CYS D 283 -38.87 -17.38 12.75
C CYS D 283 -38.76 -17.52 14.27
N ASP D 284 -39.89 -17.84 14.90
CA ASP D 284 -39.93 -18.00 16.35
C ASP D 284 -39.11 -19.23 16.76
N ILE D 285 -38.56 -19.18 17.98
CA ILE D 285 -37.71 -20.26 18.46
C ILE D 285 -38.50 -21.55 18.63
N ASP D 286 -39.82 -21.45 18.79
CA ASP D 286 -40.67 -22.63 18.93
C ASP D 286 -41.09 -23.20 17.58
N ILE D 287 -40.79 -22.51 16.48
CA ILE D 287 -41.13 -22.98 15.15
C ILE D 287 -39.95 -23.67 14.47
N ARG D 288 -38.72 -23.42 14.92
CA ARG D 288 -37.54 -23.82 14.17
C ARG D 288 -37.38 -25.33 14.08
N LYS D 289 -37.71 -26.04 15.16
CA LYS D 289 -37.52 -27.49 15.16
C LYS D 289 -38.41 -28.18 14.13
N ASP D 290 -39.66 -27.73 14.01
CA ASP D 290 -40.56 -28.31 13.02
C ASP D 290 -40.14 -27.94 11.60
N LEU D 291 -39.65 -26.71 11.40
CA LEU D 291 -39.20 -26.30 10.07
C LEU D 291 -37.96 -27.05 9.64
N TYR D 292 -37.07 -27.36 10.57
CA TYR D 292 -35.83 -28.05 10.22
C TYR D 292 -36.10 -29.41 9.60
N ALA D 293 -37.20 -30.05 9.95
CA ALA D 293 -37.55 -31.38 9.46
C ALA D 293 -38.60 -31.37 8.36
N ASN D 294 -38.90 -30.20 7.79
CA ASN D 294 -39.92 -30.09 6.75
C ASN D 294 -39.44 -29.17 5.64
N ASN D 295 -38.19 -29.36 5.21
CA ASN D 295 -37.64 -28.58 4.10
C ASN D 295 -38.17 -29.14 2.80
N VAL D 296 -39.13 -28.44 2.19
CA VAL D 296 -39.80 -28.89 0.97
C VAL D 296 -39.15 -28.17 -0.21
N MET D 297 -38.69 -28.94 -1.19
CA MET D 297 -38.07 -28.40 -2.39
C MET D 297 -39.02 -28.51 -3.56
N SER D 298 -39.14 -27.43 -4.33
CA SER D 298 -40.05 -27.40 -5.45
C SER D 298 -39.41 -26.66 -6.61
N GLY D 299 -39.86 -26.96 -7.82
CA GLY D 299 -39.39 -26.31 -9.02
C GLY D 299 -38.46 -27.19 -9.84
N GLY D 300 -38.20 -26.72 -11.06
CA GLY D 300 -37.35 -27.47 -11.97
C GLY D 300 -35.87 -27.37 -11.67
N THR D 301 -35.43 -26.26 -11.08
CA THR D 301 -34.02 -26.10 -10.77
C THR D 301 -33.58 -27.01 -9.62
N THR D 302 -34.52 -27.53 -8.84
CA THR D 302 -34.22 -28.47 -7.78
C THR D 302 -34.13 -29.91 -8.28
N MET D 303 -34.12 -30.12 -9.59
CA MET D 303 -34.15 -31.45 -10.17
C MET D 303 -32.77 -32.01 -10.45
N TYR D 304 -31.71 -31.30 -10.08
CA TYR D 304 -30.37 -31.81 -10.29
C TYR D 304 -30.14 -33.04 -9.44
N PRO D 305 -29.45 -34.07 -9.96
CA PRO D 305 -29.07 -35.21 -9.13
C PRO D 305 -28.13 -34.77 -8.00
N GLY D 306 -28.42 -35.22 -6.79
CA GLY D 306 -27.58 -34.95 -5.66
C GLY D 306 -27.77 -33.60 -5.00
N ILE D 307 -28.79 -32.83 -5.39
CA ILE D 307 -28.98 -31.52 -4.79
C ILE D 307 -29.53 -31.64 -3.38
N ALA D 308 -30.42 -32.61 -3.14
CA ALA D 308 -31.00 -32.78 -1.82
C ALA D 308 -29.94 -33.24 -0.81
N ASP D 309 -29.03 -34.12 -1.24
CA ASP D 309 -27.97 -34.58 -0.35
C ASP D 309 -27.09 -33.42 0.10
N ARG D 310 -26.71 -32.56 -0.84
CA ARG D 310 -25.86 -31.42 -0.47
C ARG D 310 -26.63 -30.41 0.36
N MET D 311 -27.91 -30.19 0.08
CA MET D 311 -28.69 -29.29 0.92
C MET D 311 -28.76 -29.79 2.34
N GLN D 312 -28.99 -31.10 2.52
CA GLN D 312 -29.02 -31.66 3.86
C GLN D 312 -27.66 -31.52 4.54
N LYS D 313 -26.58 -31.79 3.81
CA LYS D 313 -25.24 -31.66 4.38
C LYS D 313 -24.97 -30.23 4.84
N GLU D 314 -25.30 -29.25 4.00
CA GLU D 314 -25.05 -27.86 4.35
C GLU D 314 -25.89 -27.40 5.53
N ILE D 315 -27.17 -27.76 5.55
CA ILE D 315 -28.02 -27.36 6.66
C ILE D 315 -27.58 -28.03 7.95
N THR D 316 -27.16 -29.31 7.87
CA THR D 316 -26.63 -29.99 9.05
C THR D 316 -25.38 -29.30 9.57
N ALA D 317 -24.51 -28.87 8.65
CA ALA D 317 -23.32 -28.13 9.06
C ALA D 317 -23.71 -26.82 9.74
N LEU D 318 -24.74 -26.14 9.23
CA LEU D 318 -25.13 -24.86 9.81
C LEU D 318 -25.95 -25.03 11.09
N ALA D 319 -26.98 -25.86 11.04
CA ALA D 319 -27.88 -26.03 12.18
C ALA D 319 -27.18 -26.82 13.30
N PRO D 320 -27.67 -26.68 14.53
CA PRO D 320 -27.10 -27.46 15.63
C PRO D 320 -27.29 -28.95 15.43
N SER D 321 -26.35 -29.73 15.99
CA SER D 321 -26.38 -31.18 15.81
C SER D 321 -27.57 -31.83 16.50
N THR D 322 -28.19 -31.15 17.47
CA THR D 322 -29.33 -31.75 18.16
C THR D 322 -30.53 -31.91 17.22
N MET D 323 -30.76 -30.94 16.35
CA MET D 323 -31.92 -30.97 15.47
C MET D 323 -31.78 -32.05 14.40
N LYS D 324 -32.93 -32.48 13.88
CA LYS D 324 -32.99 -33.46 12.79
C LYS D 324 -33.37 -32.76 11.51
N ILE D 325 -32.56 -32.92 10.47
CA ILE D 325 -32.74 -32.23 9.20
C ILE D 325 -33.32 -33.21 8.19
N LYS D 326 -34.42 -32.83 7.56
CA LYS D 326 -35.05 -33.62 6.52
C LYS D 326 -35.29 -32.74 5.31
N ILE D 327 -34.89 -33.22 4.13
CA ILE D 327 -35.13 -32.53 2.87
C ILE D 327 -36.14 -33.36 2.08
N ILE D 328 -37.33 -32.80 1.89
CA ILE D 328 -38.40 -33.49 1.17
C ILE D 328 -38.33 -33.06 -0.29
N ALA D 329 -37.94 -33.99 -1.17
CA ALA D 329 -37.81 -33.75 -2.60
C ALA D 329 -38.61 -34.82 -3.33
N PRO D 330 -39.91 -34.64 -3.47
CA PRO D 330 -40.72 -35.64 -4.15
C PRO D 330 -40.31 -35.76 -5.60
N PRO D 331 -40.48 -36.94 -6.22
CA PRO D 331 -40.08 -37.09 -7.62
C PRO D 331 -40.84 -36.20 -8.59
N GLU D 332 -42.02 -35.70 -8.21
CA GLU D 332 -42.84 -34.87 -9.07
C GLU D 332 -42.79 -33.39 -8.66
N ARG D 333 -41.70 -32.97 -8.01
CA ARG D 333 -41.63 -31.59 -7.53
C ARG D 333 -41.55 -30.57 -8.66
N LYS D 334 -41.34 -31.00 -9.90
CA LYS D 334 -41.37 -30.09 -11.03
C LYS D 334 -42.78 -29.57 -11.29
N TYR D 335 -43.82 -30.27 -10.83
CA TYR D 335 -45.20 -29.88 -11.06
C TYR D 335 -45.95 -29.64 -9.75
N SER D 336 -45.23 -29.45 -8.65
CA SER D 336 -45.87 -29.36 -7.34
C SER D 336 -46.73 -28.10 -7.23
N VAL D 337 -46.27 -26.99 -7.80
CA VAL D 337 -47.06 -25.75 -7.74
C VAL D 337 -48.39 -25.95 -8.47
N TRP D 338 -48.35 -26.56 -9.66
CA TRP D 338 -49.59 -26.80 -10.39
C TRP D 338 -50.49 -27.77 -9.65
N ILE D 339 -49.91 -28.83 -9.07
CA ILE D 339 -50.72 -29.80 -8.35
C ILE D 339 -51.41 -29.16 -7.16
N GLY D 340 -50.68 -28.33 -6.42
CA GLY D 340 -51.28 -27.62 -5.30
C GLY D 340 -52.36 -26.64 -5.73
N GLY D 341 -52.13 -25.93 -6.84
CA GLY D 341 -53.16 -25.05 -7.35
C GLY D 341 -54.40 -25.79 -7.77
N SER D 342 -54.23 -26.96 -8.38
CA SER D 342 -55.37 -27.80 -8.76
C SER D 342 -56.13 -28.28 -7.54
N ILE D 343 -55.41 -28.68 -6.49
CA ILE D 343 -56.08 -29.11 -5.26
C ILE D 343 -56.85 -27.95 -4.65
N LEU D 344 -56.26 -26.76 -4.63
CA LEU D 344 -56.89 -25.62 -3.97
C LEU D 344 -58.10 -25.12 -4.76
N ALA D 345 -58.00 -25.10 -6.09
CA ALA D 345 -59.09 -24.56 -6.90
C ALA D 345 -60.30 -25.47 -6.93
N SER D 346 -60.15 -26.74 -6.56
CA SER D 346 -61.27 -27.69 -6.58
C SER D 346 -62.02 -27.76 -5.25
N LEU D 347 -61.55 -27.06 -4.23
CA LEU D 347 -62.22 -27.10 -2.93
C LEU D 347 -63.54 -26.34 -3.00
N SER D 348 -64.55 -26.86 -2.29
CA SER D 348 -65.84 -26.19 -2.24
C SER D 348 -65.81 -24.95 -1.38
N THR D 349 -65.01 -24.96 -0.31
CA THR D 349 -64.88 -23.79 0.55
C THR D 349 -64.14 -22.64 -0.14
N PHE D 350 -63.35 -22.94 -1.16
CA PHE D 350 -62.60 -21.92 -1.88
C PHE D 350 -63.48 -21.09 -2.81
N GLN D 351 -64.72 -21.51 -3.06
CA GLN D 351 -65.57 -20.80 -4.00
C GLN D 351 -65.93 -19.39 -3.53
N GLN D 352 -65.73 -19.10 -2.25
CA GLN D 352 -66.00 -17.78 -1.71
C GLN D 352 -64.79 -16.85 -1.74
N MET D 353 -63.64 -17.32 -2.23
CA MET D 353 -62.43 -16.53 -2.27
C MET D 353 -62.09 -16.02 -3.67
N TRP D 354 -62.91 -16.35 -4.67
CA TRP D 354 -62.68 -15.85 -6.01
C TRP D 354 -62.93 -14.35 -6.06
N ILE D 355 -62.26 -13.68 -7.02
CA ILE D 355 -62.52 -12.29 -7.31
C ILE D 355 -63.52 -12.28 -8.47
N THR D 356 -64.78 -11.99 -8.16
CA THR D 356 -65.81 -12.03 -9.18
C THR D 356 -65.75 -10.78 -10.06
N LYS D 357 -66.43 -10.84 -11.19
CA LYS D 357 -66.45 -9.72 -12.12
C LYS D 357 -67.11 -8.49 -11.50
N GLN D 358 -68.15 -8.71 -10.69
CA GLN D 358 -68.83 -7.59 -10.04
C GLN D 358 -67.90 -6.85 -9.09
N GLU D 359 -67.11 -7.60 -8.31
CA GLU D 359 -66.17 -6.96 -7.39
C GLU D 359 -65.13 -6.15 -8.14
N TYR D 360 -64.63 -6.68 -9.26
CA TYR D 360 -63.69 -5.93 -10.09
C TYR D 360 -64.35 -4.66 -10.62
N ASP D 361 -65.56 -4.76 -11.15
CA ASP D 361 -66.26 -3.58 -11.66
C ASP D 361 -66.43 -2.54 -10.56
N GLU D 362 -66.68 -2.97 -9.33
CA GLU D 362 -66.89 -2.02 -8.24
C GLU D 362 -65.58 -1.37 -7.81
N ALA D 363 -64.51 -2.15 -7.68
CA ALA D 363 -63.33 -1.70 -6.96
C ALA D 363 -62.11 -1.45 -7.83
N GLY D 364 -62.19 -1.61 -9.14
CA GLY D 364 -61.03 -1.40 -9.99
C GLY D 364 -60.06 -2.55 -9.89
N PRO D 365 -58.90 -2.42 -10.54
CA PRO D 365 -57.88 -3.48 -10.49
C PRO D 365 -57.21 -3.62 -9.13
N SER D 366 -57.46 -2.73 -8.17
CA SER D 366 -56.81 -2.79 -6.88
C SER D 366 -57.50 -3.74 -5.90
N ILE D 367 -58.59 -4.38 -6.32
CA ILE D 367 -59.26 -5.35 -5.44
C ILE D 367 -58.37 -6.54 -5.16
N VAL D 368 -57.47 -6.86 -6.09
CA VAL D 368 -56.61 -8.03 -5.95
C VAL D 368 -55.64 -7.90 -4.79
N HIS D 369 -55.34 -6.68 -4.34
CA HIS D 369 -54.40 -6.51 -3.23
C HIS D 369 -55.02 -6.90 -1.90
N ARG D 370 -56.33 -6.71 -1.74
CA ARG D 370 -56.99 -7.09 -0.50
C ARG D 370 -57.67 -8.45 -0.57
N LYS D 371 -58.06 -8.90 -1.76
CA LYS D 371 -58.68 -10.22 -1.86
C LYS D 371 -57.65 -11.34 -1.83
N CYS D 372 -56.48 -11.13 -2.38
CA CYS D 372 -55.45 -12.15 -2.47
C CYS D 372 -54.32 -11.83 -1.50
N PHE D 373 -53.97 -12.82 -0.67
CA PHE D 373 -52.96 -12.67 0.37
C PHE D 373 -53.30 -11.50 1.31
N GLU E 1 53.18 16.56 25.38
CA GLU E 1 53.35 15.16 25.01
C GLU E 1 52.22 14.30 25.55
N ASP E 2 51.12 14.95 25.94
CA ASP E 2 49.96 14.24 26.47
C ASP E 2 49.08 13.67 25.36
N GLY E 3 49.05 14.29 24.20
CA GLY E 3 48.23 13.79 23.11
C GLY E 3 48.86 12.60 22.41
N VAL E 4 48.06 11.95 21.56
CA VAL E 4 48.50 10.80 20.80
C VAL E 4 48.16 11.02 19.33
N GLU E 5 48.91 10.35 18.46
CA GLU E 5 48.73 10.50 17.02
C GLU E 5 47.78 9.44 16.46
N ASP E 6 48.10 8.17 16.67
CA ASP E 6 47.28 7.08 16.17
C ASP E 6 46.42 6.52 17.30
N MET E 7 45.11 6.57 17.13
CA MET E 7 44.19 6.02 18.12
C MET E 7 44.02 4.51 18.00
N THR E 8 44.62 3.89 16.98
CA THR E 8 44.58 2.44 16.88
C THR E 8 45.32 1.78 18.04
N GLN E 9 46.43 2.39 18.47
CA GLN E 9 47.24 1.84 19.54
C GLN E 9 46.60 1.98 20.92
N LEU E 10 45.50 2.73 21.03
CA LEU E 10 44.85 2.89 22.33
C LEU E 10 44.23 1.59 22.79
N GLU E 11 44.14 1.43 24.11
CA GLU E 11 43.59 0.23 24.72
C GLU E 11 42.08 0.27 24.88
N ASP E 12 41.49 1.45 25.05
CA ASP E 12 40.05 1.61 25.16
C ASP E 12 39.62 2.74 24.23
N LEU E 13 38.97 2.39 23.12
CA LEU E 13 38.57 3.35 22.10
C LEU E 13 37.07 3.53 22.17
N GLN E 14 36.64 4.66 22.71
CA GLN E 14 35.24 5.02 22.82
C GLN E 14 35.02 6.40 22.22
N GLU E 15 33.75 6.74 21.99
CA GLU E 15 33.43 8.04 21.41
C GLU E 15 33.92 9.18 22.29
N THR E 16 33.74 9.06 23.61
CA THR E 16 34.25 10.07 24.52
C THR E 16 35.78 10.16 24.45
N THR E 17 36.45 9.01 24.38
CA THR E 17 37.91 9.02 24.28
C THR E 17 38.37 9.66 22.98
N VAL E 18 37.71 9.33 21.86
CA VAL E 18 38.08 9.94 20.59
C VAL E 18 37.86 11.45 20.62
N LEU E 19 36.72 11.90 21.16
CA LEU E 19 36.48 13.34 21.24
C LEU E 19 37.53 14.02 22.11
N ALA E 20 37.85 13.44 23.26
CA ALA E 20 38.82 14.04 24.16
C ALA E 20 40.19 14.13 23.49
N ASN E 21 40.64 13.05 22.83
CA ASN E 21 41.93 13.08 22.16
C ASN E 21 41.95 14.11 21.04
N LEU E 22 40.88 14.16 20.24
CA LEU E 22 40.83 15.12 19.14
C LEU E 22 40.87 16.56 19.64
N LYS E 23 40.13 16.86 20.72
CA LYS E 23 40.13 18.23 21.21
C LYS E 23 41.45 18.57 21.90
N THR E 24 42.08 17.58 22.53
CA THR E 24 43.42 17.80 23.07
C THR E 24 44.42 18.12 21.96
N ARG E 25 44.35 17.38 20.85
CA ARG E 25 45.22 17.67 19.71
C ARG E 25 44.94 19.04 19.12
N PHE E 26 43.65 19.39 18.99
CA PHE E 26 43.28 20.67 18.42
C PHE E 26 43.69 21.85 19.29
N GLU E 27 43.62 21.70 20.62
CA GLU E 27 44.01 22.77 21.52
C GLU E 27 45.50 23.05 21.46
N ARG E 28 46.31 22.09 21.02
CA ARG E 28 47.74 22.26 20.85
C ARG E 28 48.13 22.64 19.43
N ASN E 29 47.16 23.10 18.63
CA ASN E 29 47.39 23.48 17.23
C ASN E 29 47.96 22.31 16.43
N LEU E 30 47.49 21.11 16.75
CA LEU E 30 47.85 19.90 16.00
C LEU E 30 46.59 19.43 15.28
N ILE E 31 46.52 19.73 13.98
CA ILE E 31 45.29 19.49 13.22
C ILE E 31 45.16 18.02 12.85
N TYR E 32 46.18 17.45 12.23
CA TYR E 32 46.07 16.12 11.63
C TYR E 32 46.27 15.04 12.67
N THR E 33 45.43 14.00 12.61
CA THR E 33 45.54 12.82 13.44
C THR E 33 45.44 11.58 12.57
N TYR E 34 45.71 10.42 13.17
CA TYR E 34 45.74 9.15 12.47
C TYR E 34 44.74 8.17 13.08
N ILE E 35 43.99 7.50 12.22
CA ILE E 35 43.23 6.31 12.58
C ILE E 35 43.76 5.19 11.68
N GLY E 36 44.74 4.43 12.20
CA GLY E 36 45.43 3.48 11.35
C GLY E 36 46.13 4.19 10.21
N SER E 37 45.63 3.99 9.00
CA SER E 37 46.10 4.72 7.83
C SER E 37 45.12 5.80 7.38
N ILE E 38 44.12 6.11 8.20
CA ILE E 38 43.07 7.06 7.85
C ILE E 38 43.38 8.38 8.53
N LEU E 39 43.48 9.45 7.74
CA LEU E 39 43.80 10.76 8.27
C LEU E 39 42.52 11.53 8.61
N VAL E 40 42.61 12.35 9.66
CA VAL E 40 41.52 13.21 10.09
C VAL E 40 42.06 14.63 10.18
N SER E 41 41.38 15.57 9.53
CA SER E 41 41.82 16.96 9.46
C SER E 41 40.66 17.87 9.90
N VAL E 42 40.91 18.70 10.90
CA VAL E 42 39.91 19.67 11.36
C VAL E 42 40.23 21.03 10.77
N ASN E 43 39.25 21.66 10.15
CA ASN E 43 39.46 22.97 9.55
C ASN E 43 39.63 24.02 10.63
N PRO E 44 40.77 24.72 10.69
CA PRO E 44 41.00 25.69 11.77
C PRO E 44 40.57 27.12 11.44
N TYR E 45 40.19 27.40 10.20
CA TYR E 45 39.86 28.76 9.76
C TYR E 45 41.01 29.72 10.04
N ARG E 46 42.23 29.22 9.86
CA ARG E 46 43.43 29.99 10.17
C ARG E 46 44.59 29.42 9.37
N MET E 47 45.49 30.30 8.93
CA MET E 47 46.61 29.88 8.10
C MET E 47 47.62 29.11 8.95
N PHE E 48 47.93 27.89 8.53
CA PHE E 48 48.83 27.03 9.26
C PHE E 48 49.93 26.54 8.31
N ALA E 49 51.07 26.18 8.88
CA ALA E 49 52.23 25.75 8.10
C ALA E 49 51.96 24.34 7.56
N ILE E 50 51.20 24.30 6.46
CA ILE E 50 50.88 23.04 5.79
C ILE E 50 51.59 23.06 4.44
N TYR E 51 52.67 23.81 4.36
CA TYR E 51 53.40 24.00 3.11
C TYR E 51 54.87 24.16 3.42
N GLY E 52 55.64 24.57 2.42
CA GLY E 52 57.07 24.76 2.58
C GLY E 52 57.86 23.55 2.12
N PRO E 53 58.94 23.79 1.38
CA PRO E 53 59.77 22.67 0.90
C PRO E 53 60.38 21.85 2.02
N GLU E 54 60.70 22.46 3.16
CA GLU E 54 61.32 21.72 4.25
C GLU E 54 60.39 20.63 4.78
N GLN E 55 59.08 20.90 4.80
CA GLN E 55 58.12 19.85 5.12
C GLN E 55 58.15 18.74 4.06
N VAL E 56 58.32 19.11 2.79
CA VAL E 56 58.34 18.11 1.72
C VAL E 56 59.53 17.18 1.89
N GLN E 57 60.72 17.73 2.13
CA GLN E 57 61.89 16.88 2.33
C GLN E 57 61.83 16.13 3.65
N GLN E 58 61.21 16.72 4.67
CA GLN E 58 61.02 16.01 5.94
C GLN E 58 60.16 14.77 5.75
N TYR E 59 59.09 14.89 4.96
CA TYR E 59 58.21 13.78 4.66
C TYR E 59 58.61 13.02 3.40
N SER E 60 59.72 13.40 2.77
CA SER E 60 60.17 12.75 1.54
C SER E 60 60.54 11.30 1.84
N GLY E 61 59.78 10.37 1.25
CA GLY E 61 60.07 8.96 1.46
C GLY E 61 59.66 8.49 2.85
N ARG E 62 60.28 7.39 3.28
CA ARG E 62 60.00 6.76 4.56
C ARG E 62 61.02 7.15 5.62
N ALA E 63 61.60 8.34 5.50
CA ALA E 63 62.66 8.75 6.41
C ALA E 63 62.14 9.42 7.69
N LEU E 64 60.85 9.72 7.76
CA LEU E 64 60.31 10.43 8.92
C LEU E 64 59.72 9.48 9.96
N GLY E 65 59.11 8.38 9.54
CA GLY E 65 58.43 7.49 10.45
C GLY E 65 57.00 7.85 10.74
N GLU E 66 56.47 8.89 10.10
CA GLU E 66 55.08 9.35 10.29
C GLU E 66 54.78 9.69 11.75
N ASN E 67 55.80 10.15 12.48
CA ASN E 67 55.57 10.61 13.85
C ASN E 67 54.66 11.83 13.86
N PRO E 68 54.89 12.86 13.04
CA PRO E 68 53.90 13.93 12.92
C PRO E 68 52.94 13.65 11.78
N PRO E 69 51.63 13.84 12.00
CA PRO E 69 50.66 13.62 10.94
C PRO E 69 50.54 14.81 9.99
N HIS E 70 50.40 14.49 8.70
CA HIS E 70 50.32 15.51 7.67
C HIS E 70 49.75 14.89 6.40
N LEU E 71 49.26 15.76 5.51
CA LEU E 71 48.80 15.30 4.21
C LEU E 71 49.95 14.79 3.35
N PHE E 72 51.14 15.35 3.52
CA PHE E 72 52.30 14.86 2.78
C PHE E 72 52.58 13.40 3.10
N ALA E 73 52.23 12.95 4.30
CA ALA E 73 52.32 11.53 4.61
C ALA E 73 51.38 10.72 3.73
N ILE E 74 50.15 11.18 3.53
CA ILE E 74 49.24 10.48 2.62
C ILE E 74 49.81 10.47 1.21
N ALA E 75 50.35 11.61 0.77
CA ALA E 75 50.88 11.70 -0.59
C ALA E 75 52.03 10.74 -0.82
N ASN E 76 53.03 10.76 0.06
CA ASN E 76 54.20 9.91 -0.17
C ASN E 76 53.89 8.44 0.12
N LEU E 77 52.92 8.18 1.00
CA LEU E 77 52.45 6.80 1.16
C LEU E 77 51.80 6.28 -0.11
N ALA E 78 50.96 7.09 -0.76
CA ALA E 78 50.38 6.68 -2.03
C ALA E 78 51.46 6.47 -3.09
N PHE E 79 52.45 7.36 -3.13
CA PHE E 79 53.55 7.21 -4.08
C PHE E 79 54.34 5.92 -3.83
N ALA E 80 54.63 5.62 -2.55
CA ALA E 80 55.36 4.40 -2.23
C ALA E 80 54.55 3.16 -2.58
N LYS E 81 53.24 3.18 -2.31
CA LYS E 81 52.41 2.04 -2.70
C LYS E 81 52.38 1.87 -4.21
N MET E 82 52.33 2.96 -4.96
CA MET E 82 52.39 2.86 -6.42
C MET E 82 53.70 2.26 -6.88
N LEU E 83 54.83 2.68 -6.30
CA LEU E 83 56.12 2.15 -6.73
C LEU E 83 56.31 0.71 -6.26
N ASP E 84 55.60 0.29 -5.21
CA ASP E 84 55.72 -1.09 -4.74
C ASP E 84 54.86 -2.03 -5.57
N ALA E 85 53.57 -1.73 -5.68
CA ALA E 85 52.63 -2.65 -6.32
C ALA E 85 52.54 -2.47 -7.83
N LYS E 86 53.16 -1.43 -8.39
CA LYS E 86 53.05 -1.13 -9.82
C LYS E 86 51.59 -0.99 -10.25
N GLN E 87 50.79 -0.37 -9.39
CA GLN E 87 49.36 -0.22 -9.62
C GLN E 87 48.92 1.17 -9.22
N ASN E 88 47.79 1.60 -9.78
CA ASN E 88 47.24 2.90 -9.45
C ASN E 88 46.69 2.90 -8.03
N GLN E 89 46.55 4.10 -7.47
CA GLN E 89 45.90 4.30 -6.18
C GLN E 89 45.08 5.59 -6.22
N CYS E 90 44.08 5.68 -5.36
CA CYS E 90 43.23 6.84 -5.27
C CYS E 90 43.16 7.31 -3.84
N VAL E 91 43.01 8.63 -3.67
CA VAL E 91 42.85 9.26 -2.37
C VAL E 91 41.50 9.94 -2.36
N ILE E 92 40.65 9.59 -1.40
CA ILE E 92 39.28 10.09 -1.32
C ILE E 92 39.25 11.14 -0.22
N ILE E 93 39.00 12.40 -0.62
CA ILE E 93 38.88 13.50 0.34
C ILE E 93 37.39 13.79 0.49
N SER E 94 36.80 13.32 1.59
CA SER E 94 35.39 13.51 1.87
C SER E 94 35.21 14.59 2.93
N GLY E 95 33.96 14.81 3.30
CA GLY E 95 33.64 15.80 4.32
C GLY E 95 32.61 16.80 3.87
N GLU E 96 32.06 17.57 4.82
CA GLU E 96 31.06 18.57 4.50
C GLU E 96 31.69 19.73 3.76
N SER E 97 30.84 20.52 3.09
CA SER E 97 31.30 21.71 2.40
C SER E 97 31.80 22.74 3.40
N GLY E 98 32.94 23.34 3.09
CA GLY E 98 33.58 24.28 3.99
C GLY E 98 34.40 23.65 5.08
N SER E 99 34.51 22.33 5.12
CA SER E 99 35.31 21.63 6.12
C SER E 99 36.77 21.53 5.72
N GLY E 100 37.14 22.05 4.56
CA GLY E 100 38.53 22.09 4.17
C GLY E 100 38.97 21.04 3.18
N LYS E 101 38.05 20.52 2.37
CA LYS E 101 38.43 19.53 1.37
C LYS E 101 39.11 20.18 0.17
N THR E 102 38.68 21.39 -0.22
CA THR E 102 39.20 22.00 -1.43
C THR E 102 40.68 22.33 -1.31
N GLU E 103 41.08 23.02 -0.23
CA GLU E 103 42.49 23.34 -0.09
C GLU E 103 43.31 22.10 0.23
N ALA E 104 42.68 21.08 0.81
CA ALA E 104 43.36 19.79 0.96
C ALA E 104 43.71 19.21 -0.40
N THR E 105 42.77 19.24 -1.34
CA THR E 105 43.05 18.76 -2.69
C THR E 105 44.13 19.61 -3.36
N LYS E 106 44.06 20.93 -3.20
CA LYS E 106 45.09 21.78 -3.81
C LYS E 106 46.47 21.51 -3.22
N LEU E 107 46.55 21.30 -1.91
CA LEU E 107 47.84 21.00 -1.29
C LEU E 107 48.37 19.64 -1.73
N ILE E 108 47.50 18.64 -1.87
CA ILE E 108 47.94 17.36 -2.40
C ILE E 108 48.46 17.52 -3.82
N LEU E 109 47.75 18.29 -4.65
CA LEU E 109 48.18 18.51 -6.02
C LEU E 109 49.54 19.21 -6.07
N ARG E 110 49.74 20.20 -5.20
CA ARG E 110 51.03 20.88 -5.14
C ARG E 110 52.15 19.95 -4.66
N CYS E 111 51.87 19.12 -3.64
CA CYS E 111 52.90 18.24 -3.12
C CYS E 111 53.32 17.21 -4.16
N LEU E 112 52.36 16.58 -4.83
CA LEU E 112 52.70 15.62 -5.88
C LEU E 112 53.49 16.27 -6.99
N ALA E 113 53.07 17.46 -7.44
CA ALA E 113 53.78 18.15 -8.50
C ALA E 113 55.19 18.53 -8.08
N ALA E 114 55.39 18.84 -6.80
CA ALA E 114 56.72 19.19 -6.31
C ALA E 114 57.62 17.96 -6.16
N MET E 115 57.07 16.81 -5.78
CA MET E 115 57.95 15.69 -5.45
C MET E 115 58.14 14.72 -6.60
N ASN E 116 57.21 14.65 -7.55
CA ASN E 116 57.37 13.73 -8.68
C ASN E 116 58.28 14.30 -9.77
N GLN E 117 57.85 15.39 -10.40
CA GLN E 117 58.55 15.89 -11.58
C GLN E 117 59.72 16.79 -11.19
N ARG E 118 59.48 17.74 -10.28
CA ARG E 118 60.47 18.67 -9.72
C ARG E 118 61.35 19.31 -10.80
N ARG E 119 60.90 19.29 -12.06
CA ARG E 119 61.62 19.93 -13.15
C ARG E 119 60.68 20.81 -13.96
N ASP E 120 59.42 20.42 -14.03
CA ASP E 120 58.40 21.16 -14.77
C ASP E 120 57.11 21.16 -13.97
N VAL E 121 56.50 22.33 -13.83
CA VAL E 121 55.28 22.46 -13.03
C VAL E 121 54.16 23.01 -13.90
N MET E 122 54.21 22.73 -15.20
CA MET E 122 53.17 23.20 -16.11
C MET E 122 51.87 22.43 -15.94
N GLN E 123 51.94 21.15 -15.55
CA GLN E 123 50.73 20.37 -15.35
C GLN E 123 49.87 20.93 -14.24
N GLN E 124 50.49 21.28 -13.11
CA GLN E 124 49.73 21.83 -11.98
C GLN E 124 49.16 23.20 -12.31
N ILE E 125 49.89 24.01 -13.08
CA ILE E 125 49.36 25.30 -13.50
C ILE E 125 48.16 25.11 -14.42
N LYS E 126 48.25 24.16 -15.36
CA LYS E 126 47.14 23.93 -16.28
C LYS E 126 45.93 23.30 -15.61
N ILE E 127 46.12 22.52 -14.55
CA ILE E 127 44.97 21.92 -13.88
C ILE E 127 44.40 22.81 -12.78
N LEU E 128 45.18 23.75 -12.25
CA LEU E 128 44.64 24.68 -11.26
C LEU E 128 43.78 25.76 -11.90
N GLU E 129 44.11 26.18 -13.12
CA GLU E 129 43.35 27.23 -13.80
C GLU E 129 41.97 26.77 -14.23
N ALA E 130 41.72 25.47 -14.32
CA ALA E 130 40.40 24.95 -14.63
C ALA E 130 39.50 24.85 -13.41
N THR E 131 40.04 25.04 -12.21
CA THR E 131 39.24 24.95 -11.00
C THR E 131 38.12 25.98 -10.94
N PRO E 132 38.34 27.27 -11.23
CA PRO E 132 37.23 28.23 -11.13
C PRO E 132 36.05 27.89 -12.04
N LEU E 133 36.31 27.37 -13.23
CA LEU E 133 35.21 27.00 -14.13
C LEU E 133 34.35 25.90 -13.53
N LEU E 134 34.99 24.86 -12.99
CA LEU E 134 34.23 23.79 -12.35
C LEU E 134 33.51 24.28 -11.11
N GLU E 135 34.14 25.15 -10.33
CA GLU E 135 33.49 25.70 -9.15
C GLU E 135 32.27 26.53 -9.51
N ALA E 136 32.34 27.29 -10.60
CA ALA E 136 31.19 28.08 -11.02
C ALA E 136 30.09 27.23 -11.63
N PHE E 137 30.44 26.14 -12.31
CA PHE E 137 29.45 25.30 -12.97
C PHE E 137 28.93 24.17 -12.09
N GLY E 138 29.48 23.96 -10.91
CA GLY E 138 29.10 22.81 -10.11
C GLY E 138 28.79 23.08 -8.66
N ASN E 139 28.77 24.35 -8.26
CA ASN E 139 28.45 24.73 -6.89
C ASN E 139 27.17 25.54 -6.83
N ALA E 140 26.54 25.52 -5.66
CA ALA E 140 25.33 26.30 -5.43
C ALA E 140 25.20 26.57 -3.94
N LYS E 141 24.39 27.57 -3.62
CA LYS E 141 24.14 27.94 -2.23
C LYS E 141 23.00 27.11 -1.68
N THR E 142 23.24 26.43 -0.57
CA THR E 142 22.25 25.61 0.11
C THR E 142 21.81 26.28 1.40
N VAL E 143 20.90 25.64 2.12
CA VAL E 143 20.44 26.16 3.41
C VAL E 143 21.47 25.95 4.51
N ARG E 144 22.52 25.16 4.26
CA ARG E 144 23.56 24.90 5.24
C ARG E 144 24.89 25.54 4.91
N ASN E 145 25.20 25.74 3.63
CA ASN E 145 26.45 26.35 3.23
C ASN E 145 26.18 27.37 2.12
N ASP E 146 27.06 28.37 2.04
CA ASP E 146 26.96 29.39 1.00
C ASP E 146 27.67 29.00 -0.29
N ASN E 147 28.52 27.98 -0.25
CA ASN E 147 29.19 27.50 -1.46
C ASN E 147 29.43 26.01 -1.28
N SER E 148 28.53 25.20 -1.81
CA SER E 148 28.58 23.75 -1.66
C SER E 148 28.71 23.10 -3.03
N SER E 149 29.66 22.18 -3.15
CA SER E 149 29.86 21.45 -4.40
C SER E 149 28.85 20.32 -4.49
N ARG E 150 28.03 20.34 -5.55
CA ARG E 150 26.96 19.36 -5.73
C ARG E 150 27.35 18.22 -6.65
N PHE E 151 28.65 17.91 -6.72
CA PHE E 151 29.12 16.84 -7.59
C PHE E 151 30.45 16.32 -7.05
N GLY E 152 30.93 15.23 -7.62
CA GLY E 152 32.20 14.66 -7.23
C GLY E 152 33.28 14.84 -8.28
N LYS E 153 34.27 15.66 -7.97
CA LYS E 153 35.37 15.94 -8.89
C LYS E 153 36.40 14.82 -8.84
N PHE E 154 36.76 14.29 -9.99
CA PHE E 154 37.69 13.17 -10.11
C PHE E 154 38.89 13.61 -10.93
N VAL E 155 39.98 13.96 -10.26
CA VAL E 155 41.22 14.36 -10.91
C VAL E 155 42.18 13.18 -10.89
N GLU E 156 42.68 12.82 -12.07
CA GLU E 156 43.58 11.67 -12.22
C GLU E 156 44.92 12.17 -12.75
N ILE E 157 45.95 12.08 -11.91
CA ILE E 157 47.30 12.49 -12.28
C ILE E 157 48.04 11.26 -12.79
N PHE E 158 48.50 11.32 -14.04
CA PHE E 158 49.23 10.21 -14.64
C PHE E 158 50.73 10.37 -14.40
N LEU E 159 51.37 9.29 -13.98
CA LEU E 159 52.78 9.28 -13.66
C LEU E 159 53.48 8.17 -14.43
N GLU E 160 54.70 8.46 -14.90
CA GLU E 160 55.53 7.51 -15.62
C GLU E 160 56.91 7.52 -14.98
N GLY E 161 57.08 6.72 -13.94
CA GLY E 161 58.35 6.65 -13.23
C GLY E 161 58.77 7.97 -12.62
N GLY E 162 57.83 8.73 -12.07
CA GLY E 162 58.12 10.04 -11.53
C GLY E 162 57.93 11.19 -12.49
N VAL E 163 57.51 10.92 -13.73
CA VAL E 163 57.28 11.94 -14.73
C VAL E 163 55.78 12.22 -14.80
N ILE E 164 55.39 13.47 -14.60
CA ILE E 164 53.98 13.83 -14.58
C ILE E 164 53.51 14.05 -16.01
N CYS E 165 52.62 13.17 -16.47
CA CYS E 165 52.01 13.31 -17.78
C CYS E 165 50.74 14.16 -17.65
N GLY E 166 49.92 14.18 -18.70
CA GLY E 166 48.68 14.92 -18.65
C GLY E 166 47.70 14.34 -17.66
N ALA E 167 46.77 15.19 -17.21
CA ALA E 167 45.77 14.81 -16.23
C ALA E 167 44.39 14.80 -16.86
N ILE E 168 43.53 13.92 -16.36
CA ILE E 168 42.17 13.77 -16.86
C ILE E 168 41.21 14.10 -15.73
N THR E 169 40.32 15.06 -15.97
CA THR E 169 39.31 15.45 -15.00
C THR E 169 37.96 14.86 -15.38
N SER E 170 37.26 14.33 -14.38
CA SER E 170 35.95 13.72 -14.59
C SER E 170 34.98 14.19 -13.51
N GLN E 171 33.70 14.20 -13.84
CA GLN E 171 32.65 14.59 -12.92
C GLN E 171 31.71 13.41 -12.70
N TYR E 172 31.13 13.34 -11.49
CA TYR E 172 30.23 12.27 -11.14
C TYR E 172 29.19 12.78 -10.16
N LEU E 173 28.04 12.09 -10.13
CA LEU E 173 27.00 12.32 -9.13
C LEU E 173 26.53 13.77 -9.13
N LEU E 174 26.37 14.35 -10.32
CA LEU E 174 25.88 15.71 -10.44
C LEU E 174 24.38 15.76 -10.14
N GLU E 175 23.96 16.80 -9.42
CA GLU E 175 22.56 16.98 -9.05
C GLU E 175 21.80 17.56 -10.24
N LYS E 176 20.96 16.73 -10.87
CA LYS E 176 20.21 17.17 -12.04
C LYS E 176 18.97 17.98 -11.66
N SER E 177 18.39 17.74 -10.49
CA SER E 177 17.12 18.37 -10.14
C SER E 177 17.26 19.80 -9.66
N ARG E 178 18.49 20.26 -9.36
CA ARG E 178 18.67 21.63 -8.92
C ARG E 178 18.56 22.64 -10.06
N ILE E 179 18.72 22.19 -11.30
CA ILE E 179 18.66 23.11 -12.43
C ILE E 179 17.25 23.69 -12.57
N VAL E 180 16.22 22.91 -12.27
CA VAL E 180 14.84 23.36 -12.46
C VAL E 180 14.09 23.54 -11.15
N PHE E 181 14.58 23.02 -10.03
CA PHE E 181 13.88 23.15 -8.75
C PHE E 181 14.85 23.51 -7.65
N GLN E 182 14.52 24.54 -6.88
CA GLN E 182 15.27 24.91 -5.70
C GLN E 182 14.31 25.11 -4.53
N ALA E 183 14.78 24.77 -3.34
CA ALA E 183 13.95 24.87 -2.14
C ALA E 183 14.00 26.30 -1.60
N LYS E 184 13.45 26.51 -0.41
CA LYS E 184 13.44 27.83 0.19
C LYS E 184 14.84 28.23 0.63
N ASN E 185 15.18 29.51 0.39
CA ASN E 185 16.44 30.10 0.83
C ASN E 185 17.65 29.40 0.24
N GLU E 186 17.52 28.90 -0.99
CA GLU E 186 18.66 28.38 -1.73
C GLU E 186 18.52 28.77 -3.19
N ARG E 187 19.65 28.81 -3.88
CA ARG E 187 19.72 29.30 -5.25
C ARG E 187 20.06 28.17 -6.20
N ASN E 188 20.09 28.49 -7.49
CA ASN E 188 20.57 27.59 -8.52
C ASN E 188 22.10 27.60 -8.52
N TYR E 189 22.70 27.03 -9.55
CA TYR E 189 24.15 27.08 -9.67
C TYR E 189 24.61 28.53 -9.86
N HIS E 190 25.83 28.80 -9.41
CA HIS E 190 26.33 30.17 -9.41
C HIS E 190 26.45 30.75 -10.81
N ILE E 191 26.57 29.88 -11.82
CA ILE E 191 26.86 30.35 -13.17
C ILE E 191 25.73 31.21 -13.72
N PHE E 192 24.48 30.85 -13.47
CA PHE E 192 23.37 31.65 -14.00
C PHE E 192 23.35 33.05 -13.42
N TYR E 193 23.51 33.17 -12.10
CA TYR E 193 23.53 34.48 -11.45
C TYR E 193 24.74 35.31 -11.88
N GLU E 194 25.92 34.67 -11.98
CA GLU E 194 27.09 35.39 -12.47
C GLU E 194 26.88 35.90 -13.90
N LEU E 195 26.28 35.08 -14.76
CA LEU E 195 26.01 35.49 -16.13
C LEU E 195 25.03 36.66 -16.15
N LEU E 196 23.97 36.58 -15.36
CA LEU E 196 22.99 37.66 -15.34
C LEU E 196 23.50 38.94 -14.70
N ALA E 197 24.53 38.84 -13.86
CA ALA E 197 25.05 40.03 -13.19
C ALA E 197 26.17 40.70 -13.99
N GLY E 198 27.21 39.95 -14.33
CA GLY E 198 28.40 40.55 -14.93
C GLY E 198 28.44 40.60 -16.44
N LEU E 199 27.36 40.25 -17.13
CA LEU E 199 27.40 40.27 -18.59
C LEU E 199 27.43 41.71 -19.11
N PRO E 200 28.15 41.96 -20.21
CA PRO E 200 28.09 43.27 -20.85
C PRO E 200 26.68 43.58 -21.33
N ALA E 201 26.36 44.88 -21.35
CA ALA E 201 25.00 45.31 -21.65
C ALA E 201 24.53 44.90 -23.04
N GLN E 202 25.36 45.08 -24.07
CA GLN E 202 24.91 44.77 -25.41
C GLN E 202 24.72 43.27 -25.61
N LEU E 203 25.49 42.45 -24.89
CA LEU E 203 25.19 41.02 -24.86
C LEU E 203 23.81 40.75 -24.29
N ARG E 204 23.44 41.45 -23.20
CA ARG E 204 22.12 41.27 -22.62
C ARG E 204 21.02 41.72 -23.57
N GLN E 205 21.22 42.83 -24.28
CA GLN E 205 20.25 43.24 -25.29
C GLN E 205 20.14 42.24 -26.43
N ALA E 206 21.26 41.63 -26.83
CA ALA E 206 21.22 40.61 -27.87
C ALA E 206 20.49 39.36 -27.41
N PHE E 207 20.66 38.97 -26.13
CA PHE E 207 20.03 37.78 -25.59
C PHE E 207 18.69 38.07 -24.91
N SER E 208 18.29 39.33 -24.84
CA SER E 208 17.01 39.74 -24.24
C SER E 208 16.89 39.25 -22.79
N LEU E 209 18.00 39.34 -22.06
CA LEU E 209 18.02 38.91 -20.67
C LEU E 209 17.53 40.02 -19.75
N GLN E 210 17.13 39.63 -18.54
CA GLN E 210 16.68 40.56 -17.52
C GLN E 210 17.26 40.19 -16.16
N GLU E 211 16.76 40.82 -15.10
CA GLU E 211 17.24 40.50 -13.76
C GLU E 211 16.79 39.11 -13.35
N ALA E 212 17.54 38.51 -12.43
CA ALA E 212 17.33 37.13 -12.02
C ALA E 212 15.98 36.90 -11.33
N GLU E 213 15.35 37.95 -10.80
CA GLU E 213 14.08 37.76 -10.12
C GLU E 213 12.95 37.40 -11.07
N THR E 214 13.06 37.76 -12.34
CA THR E 214 12.00 37.48 -13.29
C THR E 214 11.95 36.02 -13.72
N TYR E 215 13.10 35.35 -13.77
CA TYR E 215 13.17 34.00 -14.30
C TYR E 215 12.62 32.99 -13.31
N TYR E 216 11.85 32.02 -13.83
CA TYR E 216 11.24 31.02 -12.97
C TYR E 216 12.24 30.01 -12.43
N TYR E 217 13.29 29.73 -13.20
CA TYR E 217 14.29 28.74 -12.78
C TYR E 217 15.21 29.25 -11.69
N LEU E 218 15.13 30.53 -11.33
CA LEU E 218 16.04 31.11 -10.35
C LEU E 218 15.32 31.73 -9.15
N ASN E 219 14.09 32.19 -9.32
CA ASN E 219 13.40 32.93 -8.28
C ASN E 219 12.64 32.04 -7.30
N GLN E 220 12.73 30.71 -7.45
CA GLN E 220 12.00 29.83 -6.56
C GLN E 220 12.49 29.95 -5.12
N GLY E 221 13.80 30.11 -4.92
CA GLY E 221 14.33 30.25 -3.58
C GLY E 221 13.85 31.50 -2.87
N GLY E 222 13.65 32.59 -3.61
CA GLY E 222 13.21 33.84 -3.05
C GLY E 222 14.31 34.78 -2.61
N ASN E 223 15.56 34.33 -2.63
CA ASN E 223 16.72 35.15 -2.27
C ASN E 223 17.77 34.94 -3.35
N CYS E 224 17.74 35.78 -4.38
CA CYS E 224 18.63 35.63 -5.53
C CYS E 224 20.01 36.23 -5.31
N GLU E 225 20.25 36.86 -4.17
CA GLU E 225 21.52 37.53 -3.89
C GLU E 225 22.13 36.96 -2.63
N ILE E 226 23.44 36.73 -2.66
CA ILE E 226 24.19 36.24 -1.50
C ILE E 226 24.88 37.40 -0.83
N ALA E 227 24.68 37.53 0.49
CA ALA E 227 25.29 38.61 1.26
C ALA E 227 26.74 38.25 1.56
N GLY E 228 27.64 38.73 0.72
CA GLY E 228 29.06 38.46 0.90
C GLY E 228 29.71 37.84 -0.32
N LYS E 229 29.04 37.93 -1.47
CA LYS E 229 29.56 37.40 -2.72
C LYS E 229 29.38 38.43 -3.83
N SER E 230 30.42 38.58 -4.64
CA SER E 230 30.40 39.50 -5.79
C SER E 230 30.36 38.66 -7.05
N ASP E 231 29.22 38.70 -7.76
CA ASP E 231 29.06 37.90 -8.96
C ASP E 231 29.89 38.42 -10.12
N ALA E 232 30.00 39.74 -10.27
CA ALA E 232 30.71 40.30 -11.41
C ALA E 232 32.19 39.95 -11.38
N ASP E 233 32.83 40.04 -10.21
CA ASP E 233 34.24 39.72 -10.10
C ASP E 233 34.50 38.26 -10.44
N ASP E 234 33.66 37.36 -9.91
CA ASP E 234 33.81 35.94 -10.23
C ASP E 234 33.57 35.67 -11.71
N PHE E 235 32.61 36.37 -12.32
CA PHE E 235 32.33 36.17 -13.73
C PHE E 235 33.51 36.62 -14.59
N ARG E 236 34.11 37.76 -14.22
CA ARG E 236 35.30 38.22 -14.94
C ARG E 236 36.48 37.28 -14.76
N ARG E 237 36.64 36.73 -13.55
CA ARG E 237 37.69 35.73 -13.32
C ARG E 237 37.43 34.49 -14.16
N LEU E 238 36.17 34.11 -14.32
CA LEU E 238 35.82 32.98 -15.17
C LEU E 238 36.18 33.27 -16.63
N LEU E 239 35.92 34.50 -17.08
CA LEU E 239 36.35 34.89 -18.43
C LEU E 239 37.86 34.80 -18.58
N ALA E 240 38.59 35.26 -17.56
CA ALA E 240 40.05 35.17 -17.62
C ALA E 240 40.50 33.71 -17.69
N ALA E 241 39.87 32.83 -16.91
CA ALA E 241 40.20 31.42 -16.95
C ALA E 241 39.91 30.81 -18.31
N MET E 242 38.76 31.15 -18.91
CA MET E 242 38.45 30.64 -20.24
C MET E 242 39.46 31.13 -21.27
N GLU E 243 39.85 32.40 -21.19
CA GLU E 243 40.88 32.91 -22.10
C GLU E 243 42.20 32.19 -21.91
N VAL E 244 42.56 31.89 -20.66
CA VAL E 244 43.77 31.11 -20.42
C VAL E 244 43.60 29.68 -20.94
N LEU E 245 42.41 29.12 -20.80
CA LEU E 245 42.14 27.74 -21.20
C LEU E 245 41.84 27.60 -22.69
N GLY E 246 42.11 28.64 -23.48
CA GLY E 246 41.96 28.54 -24.92
C GLY E 246 40.56 28.69 -25.45
N PHE E 247 39.60 29.06 -24.61
CA PHE E 247 38.23 29.26 -25.08
C PHE E 247 38.13 30.59 -25.82
N THR E 248 37.84 30.51 -27.11
CA THR E 248 37.75 31.70 -27.94
C THR E 248 36.46 32.47 -27.63
N SER E 249 36.31 33.62 -28.28
CA SER E 249 35.11 34.42 -28.10
C SER E 249 33.87 33.71 -28.63
N GLU E 250 34.00 32.98 -29.74
CA GLU E 250 32.86 32.26 -30.29
C GLU E 250 32.37 31.18 -29.34
N ASP E 251 33.29 30.44 -28.72
CA ASP E 251 32.89 29.41 -27.77
C ASP E 251 32.19 30.01 -26.56
N GLN E 252 32.72 31.12 -26.04
CA GLN E 252 32.08 31.79 -24.91
C GLN E 252 30.69 32.29 -25.30
N ASP E 253 30.55 32.84 -26.50
CA ASP E 253 29.25 33.30 -26.96
C ASP E 253 28.28 32.14 -27.10
N SER E 254 28.73 30.99 -27.59
CA SER E 254 27.88 29.82 -27.69
C SER E 254 27.44 29.34 -26.31
N ILE E 255 28.36 29.34 -25.35
CA ILE E 255 28.01 28.92 -23.99
C ILE E 255 26.97 29.85 -23.40
N PHE E 256 27.16 31.17 -23.57
CA PHE E 256 26.18 32.13 -23.07
C PHE E 256 24.85 31.96 -23.77
N ARG E 257 24.86 31.67 -25.07
CA ARG E 257 23.62 31.42 -25.79
C ARG E 257 22.88 30.20 -25.23
N ILE E 258 23.62 29.13 -24.94
CA ILE E 258 23.00 27.93 -24.39
C ILE E 258 22.38 28.23 -23.02
N LEU E 259 23.11 28.94 -22.16
CA LEU E 259 22.60 29.26 -20.84
C LEU E 259 21.38 30.17 -20.93
N ALA E 260 21.41 31.16 -21.81
CA ALA E 260 20.25 32.02 -22.00
C ALA E 260 19.07 31.24 -22.56
N SER E 261 19.32 30.28 -23.44
CA SER E 261 18.25 29.43 -23.94
C SER E 261 17.61 28.61 -22.83
N ILE E 262 18.42 28.07 -21.93
CA ILE E 262 17.87 27.35 -20.77
C ILE E 262 17.03 28.28 -19.92
N LEU E 263 17.55 29.49 -19.65
CA LEU E 263 16.81 30.43 -18.81
C LEU E 263 15.48 30.81 -19.44
N HIS E 264 15.46 31.06 -20.76
CA HIS E 264 14.23 31.42 -21.44
C HIS E 264 13.26 30.24 -21.53
N LEU E 265 13.78 29.03 -21.74
CA LEU E 265 12.93 27.85 -21.72
C LEU E 265 12.28 27.66 -20.37
N GLY E 266 12.95 28.08 -19.30
CA GLY E 266 12.35 27.99 -17.97
C GLY E 266 11.13 28.87 -17.77
N ASN E 267 10.85 29.79 -18.69
CA ASN E 267 9.76 30.74 -18.54
C ASN E 267 8.60 30.47 -19.49
N VAL E 268 8.30 29.21 -19.79
CA VAL E 268 7.21 28.83 -20.68
C VAL E 268 6.09 28.26 -19.85
N TYR E 269 4.87 28.74 -20.08
CA TYR E 269 3.69 28.28 -19.35
C TYR E 269 2.71 27.64 -20.32
N PHE E 270 1.75 26.90 -19.76
CA PHE E 270 0.78 26.16 -20.55
C PHE E 270 -0.61 26.40 -20.00
N GLU E 271 -1.61 26.27 -20.88
CA GLU E 271 -3.01 26.41 -20.51
C GLU E 271 -3.77 25.13 -20.86
N LYS E 272 -4.76 24.82 -20.04
CA LYS E 272 -5.59 23.62 -20.26
C LYS E 272 -6.67 23.95 -21.27
N HIS E 273 -6.41 23.67 -22.54
CA HIS E 273 -7.44 23.80 -23.57
C HIS E 273 -8.25 22.51 -23.67
N GLU E 274 -9.49 22.66 -24.11
CA GLU E 274 -10.45 21.56 -24.15
C GLU E 274 -10.44 20.95 -25.55
N THR E 275 -10.26 19.63 -25.62
CA THR E 275 -10.26 18.87 -26.85
C THR E 275 -11.43 17.89 -26.79
N ASP E 276 -11.70 17.24 -27.93
CA ASP E 276 -12.87 16.36 -28.03
C ASP E 276 -12.84 15.23 -27.00
N ALA E 277 -11.66 14.79 -26.59
CA ALA E 277 -11.58 13.68 -25.64
C ALA E 277 -10.52 13.85 -24.56
N GLN E 278 -9.85 15.00 -24.49
CA GLN E 278 -8.78 15.15 -23.50
C GLN E 278 -8.55 16.64 -23.24
N GLU E 279 -7.66 16.90 -22.29
CA GLU E 279 -7.15 18.23 -22.02
C GLU E 279 -5.75 18.36 -22.61
N VAL E 280 -5.52 19.41 -23.40
CA VAL E 280 -4.29 19.58 -24.15
C VAL E 280 -3.63 20.88 -23.70
N ALA E 281 -2.33 20.80 -23.40
CA ALA E 281 -1.58 21.98 -22.98
C ALA E 281 -1.12 22.75 -24.20
N SER E 282 -1.34 24.07 -24.20
CA SER E 282 -0.89 24.95 -25.26
C SER E 282 -0.05 26.08 -24.66
N VAL E 283 0.98 26.49 -25.39
CA VAL E 283 1.89 27.51 -24.91
C VAL E 283 1.14 28.84 -24.78
N VAL E 284 1.36 29.55 -23.67
CA VAL E 284 0.68 30.82 -23.44
C VAL E 284 1.15 31.85 -24.44
N SER E 285 2.45 32.17 -24.42
CA SER E 285 3.04 33.15 -25.33
C SER E 285 4.18 32.49 -26.09
N ALA E 286 4.25 32.75 -27.39
CA ALA E 286 5.26 32.16 -28.26
C ALA E 286 6.56 32.96 -28.26
N ARG E 287 6.64 34.05 -27.49
CA ARG E 287 7.85 34.85 -27.46
C ARG E 287 9.02 34.06 -26.89
N GLU E 288 8.81 33.37 -25.77
CA GLU E 288 9.90 32.61 -25.15
C GLU E 288 10.34 31.44 -26.03
N ILE E 289 9.38 30.75 -26.66
CA ILE E 289 9.73 29.64 -27.54
C ILE E 289 10.54 30.13 -28.72
N GLN E 290 10.13 31.24 -29.33
CA GLN E 290 10.88 31.81 -30.43
C GLN E 290 12.26 32.28 -29.99
N ALA E 291 12.37 32.85 -28.80
CA ALA E 291 13.66 33.27 -28.29
C ALA E 291 14.60 32.08 -28.11
N VAL E 292 14.09 30.99 -27.56
CA VAL E 292 14.91 29.79 -27.39
C VAL E 292 15.32 29.24 -28.75
N ALA E 293 14.39 29.21 -29.71
CA ALA E 293 14.72 28.71 -31.05
C ALA E 293 15.79 29.56 -31.71
N GLU E 294 15.68 30.88 -31.60
CA GLU E 294 16.67 31.77 -32.17
C GLU E 294 18.04 31.62 -31.50
N LEU E 295 18.06 31.48 -30.18
CA LEU E 295 19.32 31.32 -29.47
C LEU E 295 19.98 29.99 -29.77
N LEU E 296 19.18 28.94 -30.01
CA LEU E 296 19.71 27.61 -30.26
C LEU E 296 19.74 27.25 -31.74
N GLN E 297 19.29 28.15 -32.62
CA GLN E 297 19.30 27.93 -34.07
C GLN E 297 18.55 26.65 -34.43
N VAL E 298 17.35 26.49 -33.86
CA VAL E 298 16.49 25.35 -34.18
C VAL E 298 15.13 25.87 -34.63
N SER E 299 14.31 24.99 -35.18
CA SER E 299 12.99 25.39 -35.66
C SER E 299 12.10 25.76 -34.49
N PRO E 300 11.31 26.84 -34.61
CA PRO E 300 10.37 27.16 -33.53
C PRO E 300 9.21 26.19 -33.46
N GLU E 301 8.64 25.82 -34.61
CA GLU E 301 7.57 24.82 -34.62
C GLU E 301 8.07 23.48 -34.15
N GLY E 302 9.30 23.11 -34.52
CA GLY E 302 9.86 21.86 -34.02
C GLY E 302 9.98 21.84 -32.52
N LEU E 303 10.44 22.94 -31.93
CA LEU E 303 10.52 23.03 -30.48
C LEU E 303 9.15 22.99 -29.82
N GLN E 304 8.17 23.70 -30.40
CA GLN E 304 6.84 23.70 -29.81
C GLN E 304 6.22 22.32 -29.86
N LYS E 305 6.43 21.57 -30.95
CA LYS E 305 5.94 20.20 -31.01
C LYS E 305 6.70 19.28 -30.06
N ALA E 306 8.01 19.46 -29.92
CA ALA E 306 8.77 18.64 -28.98
C ALA E 306 8.36 18.92 -27.54
N ILE E 307 7.81 20.10 -27.26
CA ILE E 307 7.35 20.41 -25.91
C ILE E 307 5.92 19.94 -25.68
N THR E 308 5.03 20.10 -26.67
CA THR E 308 3.60 19.89 -26.45
C THR E 308 3.06 18.65 -27.17
N PHE E 309 3.93 17.76 -27.62
CA PHE E 309 3.46 16.57 -28.33
C PHE E 309 4.36 15.38 -28.02
N LYS E 310 3.79 14.20 -28.15
CA LYS E 310 4.49 12.93 -27.99
C LYS E 310 4.42 12.14 -29.28
N VAL E 311 5.55 11.56 -29.68
CA VAL E 311 5.69 10.95 -31.00
C VAL E 311 5.80 9.45 -30.84
N THR E 312 4.85 8.72 -31.43
CA THR E 312 4.93 7.28 -31.59
C THR E 312 5.24 6.99 -33.05
N GLU E 313 6.45 6.52 -33.32
CA GLU E 313 6.97 6.45 -34.68
C GLU E 313 7.44 5.03 -34.97
N THR E 314 6.70 4.34 -35.83
CA THR E 314 7.10 3.04 -36.35
C THR E 314 7.59 3.22 -37.78
N ILE E 315 7.87 2.10 -38.46
CA ILE E 315 8.46 2.17 -39.79
C ILE E 315 7.48 2.80 -40.78
N ARG E 316 6.19 2.48 -40.67
CA ARG E 316 5.23 2.84 -41.71
C ARG E 316 4.37 4.05 -41.37
N GLU E 317 4.48 4.61 -40.17
CA GLU E 317 3.72 5.81 -39.84
C GLU E 317 4.37 6.52 -38.66
N LYS E 318 3.90 7.73 -38.38
CA LYS E 318 4.40 8.55 -37.29
C LYS E 318 3.21 9.31 -36.71
N ILE E 319 2.86 9.01 -35.46
CA ILE E 319 1.65 9.54 -34.83
C ILE E 319 2.05 10.54 -33.76
N PHE E 320 1.36 11.67 -33.72
CA PHE E 320 1.58 12.71 -32.73
C PHE E 320 0.46 12.68 -31.70
N THR E 321 0.81 12.46 -30.43
CA THR E 321 -0.15 12.38 -29.35
C THR E 321 0.00 13.59 -28.44
N PRO E 322 -1.03 14.41 -28.29
CA PRO E 322 -0.91 15.59 -27.44
C PRO E 322 -0.67 15.22 -25.98
N LEU E 323 0.12 16.05 -25.30
CA LEU E 323 0.46 15.84 -23.91
C LEU E 323 -0.44 16.67 -23.00
N THR E 324 -0.37 16.36 -21.70
CA THR E 324 -1.07 17.14 -20.70
C THR E 324 -0.17 18.29 -20.24
N VAL E 325 -0.62 19.06 -19.26
CA VAL E 325 0.19 20.14 -18.73
C VAL E 325 1.39 19.60 -17.96
N GLU E 326 1.15 18.61 -17.10
CA GLU E 326 2.25 18.02 -16.32
C GLU E 326 3.27 17.32 -17.21
N SER E 327 2.81 16.62 -18.25
CA SER E 327 3.73 15.97 -19.16
C SER E 327 4.57 16.98 -19.93
N ALA E 328 3.95 18.09 -20.37
CA ALA E 328 4.71 19.14 -21.04
C ALA E 328 5.74 19.77 -20.11
N VAL E 329 5.35 19.98 -18.84
CA VAL E 329 6.28 20.54 -17.86
C VAL E 329 7.47 19.60 -17.68
N ASP E 330 7.19 18.30 -17.56
CA ASP E 330 8.27 17.32 -17.41
C ASP E 330 9.17 17.30 -18.64
N ALA E 331 8.59 17.39 -19.84
CA ALA E 331 9.41 17.41 -21.05
C ALA E 331 10.32 18.63 -21.09
N ARG E 332 9.78 19.80 -20.74
CA ARG E 332 10.59 21.01 -20.74
C ARG E 332 11.72 20.92 -19.72
N ASP E 333 11.42 20.43 -18.52
CA ASP E 333 12.46 20.27 -17.51
C ASP E 333 13.51 19.27 -17.93
N ALA E 334 13.10 18.17 -18.57
CA ALA E 334 14.07 17.18 -19.05
C ALA E 334 14.98 17.77 -20.11
N ILE E 335 14.42 18.57 -21.02
CA ILE E 335 15.25 19.23 -22.03
C ILE E 335 16.26 20.15 -21.37
N ALA E 336 15.82 20.94 -20.39
CA ALA E 336 16.75 21.84 -19.71
C ALA E 336 17.87 21.06 -19.02
N LYS E 337 17.51 19.99 -18.31
CA LYS E 337 18.51 19.20 -17.60
C LYS E 337 19.51 18.57 -18.55
N VAL E 338 19.03 18.02 -19.68
CA VAL E 338 19.96 17.39 -20.61
C VAL E 338 20.85 18.43 -21.26
N LEU E 339 20.33 19.63 -21.55
CA LEU E 339 21.17 20.68 -22.11
C LEU E 339 22.28 21.05 -21.15
N TYR E 340 21.94 21.25 -19.86
CA TYR E 340 22.96 21.61 -18.89
C TYR E 340 24.00 20.51 -18.73
N ALA E 341 23.55 19.25 -18.66
CA ALA E 341 24.48 18.14 -18.49
C ALA E 341 25.42 18.04 -19.69
N LEU E 342 24.90 18.18 -20.90
CA LEU E 342 25.75 18.12 -22.09
C LEU E 342 26.75 19.26 -22.11
N LEU E 343 26.31 20.47 -21.72
CA LEU E 343 27.24 21.60 -21.69
C LEU E 343 28.37 21.37 -20.70
N PHE E 344 28.04 20.89 -19.49
CA PHE E 344 29.08 20.61 -18.51
C PHE E 344 30.04 19.54 -19.00
N GLY E 345 29.50 18.47 -19.59
CA GLY E 345 30.35 17.43 -20.13
C GLY E 345 31.28 17.95 -21.22
N TRP E 346 30.77 18.84 -22.09
CA TRP E 346 31.59 19.41 -23.14
C TRP E 346 32.71 20.26 -22.56
N LEU E 347 32.40 21.08 -21.55
CA LEU E 347 33.44 21.90 -20.93
C LEU E 347 34.54 21.03 -20.33
N ILE E 348 34.15 19.98 -19.61
CA ILE E 348 35.15 19.12 -19.00
C ILE E 348 35.94 18.35 -20.05
N THR E 349 35.28 17.93 -21.14
CA THR E 349 35.99 17.23 -22.21
C THR E 349 37.01 18.15 -22.87
N ARG E 350 36.64 19.40 -23.14
CA ARG E 350 37.58 20.33 -23.73
C ARG E 350 38.76 20.60 -22.80
N VAL E 351 38.48 20.77 -21.50
CA VAL E 351 39.56 20.99 -20.54
C VAL E 351 40.51 19.80 -20.51
N ASN E 352 39.96 18.58 -20.53
CA ASN E 352 40.80 17.38 -20.57
C ASN E 352 41.62 17.31 -21.85
N ALA E 353 41.01 17.65 -22.99
CA ALA E 353 41.73 17.60 -24.26
C ALA E 353 42.85 18.63 -24.31
N LEU E 354 42.69 19.75 -23.60
CA LEU E 354 43.75 20.75 -23.56
C LEU E 354 45.01 20.22 -22.88
N VAL E 355 44.85 19.33 -21.90
CA VAL E 355 45.98 18.83 -21.11
C VAL E 355 46.01 17.32 -21.30
N SER E 356 45.65 16.87 -22.50
CA SER E 356 45.56 15.45 -22.77
C SER E 356 46.90 14.76 -22.57
N PRO E 357 46.92 13.58 -21.96
CA PRO E 357 48.19 12.86 -21.76
C PRO E 357 48.61 12.08 -22.99
N LYS E 358 49.70 11.32 -22.89
CA LYS E 358 50.22 10.53 -23.99
C LYS E 358 50.10 9.04 -23.75
N GLN E 359 50.56 8.54 -22.62
CA GLN E 359 50.51 7.13 -22.27
C GLN E 359 49.60 6.92 -21.07
N ASP E 360 49.34 5.66 -20.75
CA ASP E 360 48.48 5.28 -19.61
C ASP E 360 49.04 4.00 -19.01
N THR E 361 49.94 4.14 -18.04
CA THR E 361 50.50 3.01 -17.32
C THR E 361 50.33 3.12 -15.82
N LEU E 362 50.49 4.31 -15.25
CA LEU E 362 50.27 4.54 -13.83
C LEU E 362 49.53 5.85 -13.67
N SER E 363 48.73 5.94 -12.60
CA SER E 363 47.92 7.13 -12.37
C SER E 363 47.60 7.24 -10.89
N ILE E 364 47.52 8.47 -10.41
CA ILE E 364 47.07 8.79 -9.06
C ILE E 364 45.76 9.55 -9.17
N ALA E 365 44.74 9.06 -8.48
CA ALA E 365 43.40 9.63 -8.58
C ALA E 365 43.06 10.39 -7.30
N ILE E 366 42.48 11.58 -7.47
CA ILE E 366 42.04 12.40 -6.35
C ILE E 366 40.55 12.64 -6.52
N LEU E 367 39.77 12.28 -5.49
CA LEU E 367 38.32 12.43 -5.50
C LEU E 367 37.92 13.43 -4.43
N ASP E 368 37.20 14.48 -4.84
CA ASP E 368 36.71 15.51 -3.93
C ASP E 368 35.20 15.33 -3.83
N ILE E 369 34.79 14.50 -2.88
CA ILE E 369 33.40 14.06 -2.79
C ILE E 369 32.75 14.69 -1.56
N TYR E 370 31.52 15.16 -1.75
CA TYR E 370 30.69 15.63 -0.67
C TYR E 370 30.22 14.48 0.22
N GLY E 371 29.89 14.82 1.47
CA GLY E 371 29.60 13.84 2.49
C GLY E 371 28.14 13.76 2.86
N PHE E 372 27.89 13.24 4.05
CA PHE E 372 26.54 13.01 4.54
C PHE E 372 25.78 14.32 4.68
N GLU E 373 24.47 14.26 4.46
CA GLU E 373 23.61 15.45 4.51
C GLU E 373 22.36 15.14 5.31
N ASP E 374 22.13 15.89 6.39
CA ASP E 374 20.95 15.73 7.23
C ASP E 374 20.46 17.12 7.62
N LEU E 375 19.54 17.65 6.81
CA LEU E 375 18.99 18.97 7.03
C LEU E 375 17.71 18.87 7.86
N SER E 376 16.99 19.99 7.96
CA SER E 376 15.69 19.96 8.65
C SER E 376 14.61 19.38 7.76
N PHE E 377 14.34 20.04 6.63
CA PHE E 377 13.50 19.48 5.58
C PHE E 377 14.37 18.67 4.63
N ASN E 378 14.01 17.42 4.43
CA ASN E 378 14.88 16.46 3.77
C ASN E 378 14.11 15.78 2.63
N SER E 379 14.78 15.61 1.49
CA SER E 379 14.05 15.28 0.26
C SER E 379 14.92 14.40 -0.63
N PHE E 380 14.55 14.34 -1.91
CA PHE E 380 15.10 13.35 -2.84
C PHE E 380 16.60 13.54 -3.05
N GLU E 381 17.06 14.78 -3.19
CA GLU E 381 18.47 15.03 -3.46
C GLU E 381 19.33 14.49 -2.33
N GLN E 382 18.95 14.75 -1.08
CA GLN E 382 19.70 14.22 0.03
C GLN E 382 19.57 12.71 0.14
N LEU E 383 18.47 12.14 -0.34
CA LEU E 383 18.37 10.69 -0.40
C LEU E 383 19.44 10.10 -1.32
N CYS E 384 19.60 10.69 -2.51
CA CYS E 384 20.66 10.24 -3.40
C CYS E 384 22.04 10.47 -2.78
N ILE E 385 22.21 11.61 -2.10
CA ILE E 385 23.47 11.92 -1.45
C ILE E 385 23.82 10.86 -0.41
N ASN E 386 22.85 10.50 0.43
CA ASN E 386 23.09 9.52 1.47
C ASN E 386 23.29 8.13 0.89
N TYR E 387 22.64 7.81 -0.22
CA TYR E 387 22.91 6.53 -0.88
C TYR E 387 24.35 6.44 -1.36
N ALA E 388 24.83 7.51 -2.00
CA ALA E 388 26.23 7.53 -2.42
C ALA E 388 27.17 7.42 -1.23
N ASN E 389 26.85 8.14 -0.15
CA ASN E 389 27.70 8.08 1.04
C ASN E 389 27.69 6.70 1.67
N GLU E 390 26.56 5.99 1.63
CA GLU E 390 26.52 4.63 2.12
C GLU E 390 27.41 3.71 1.28
N ASN E 391 27.36 3.87 -0.04
CA ASN E 391 28.23 3.06 -0.89
C ASN E 391 29.70 3.36 -0.67
N LEU E 392 30.05 4.61 -0.35
CA LEU E 392 31.44 4.90 0.03
C LEU E 392 31.79 4.36 1.41
N GLN E 393 30.87 4.45 2.37
CA GLN E 393 31.09 3.89 3.69
C GLN E 393 31.28 2.38 3.65
N TYR E 394 30.71 1.71 2.66
CA TYR E 394 30.99 0.29 2.49
C TYR E 394 32.49 0.05 2.29
N LEU E 395 33.11 0.78 1.37
CA LEU E 395 34.55 0.65 1.15
C LEU E 395 35.34 1.11 2.35
N PHE E 396 34.89 2.16 3.04
CA PHE E 396 35.56 2.62 4.24
C PHE E 396 35.60 1.51 5.30
N ASN E 397 34.46 0.87 5.53
CA ASN E 397 34.40 -0.23 6.49
C ASN E 397 35.24 -1.42 6.02
N LYS E 398 35.27 -1.68 4.72
CA LYS E 398 36.12 -2.75 4.21
C LYS E 398 37.59 -2.47 4.53
N ILE E 399 38.03 -1.23 4.32
CA ILE E 399 39.41 -0.87 4.63
C ILE E 399 39.69 -0.99 6.13
N VAL E 400 38.76 -0.52 6.96
CA VAL E 400 38.94 -0.61 8.40
C VAL E 400 39.05 -2.05 8.85
N PHE E 401 38.19 -2.93 8.33
CA PHE E 401 38.25 -4.34 8.70
C PHE E 401 39.52 -4.99 8.17
N GLN E 402 40.00 -4.58 6.99
CA GLN E 402 41.27 -5.10 6.50
C GLN E 402 42.41 -4.72 7.44
N GLU E 403 42.41 -3.47 7.93
CA GLU E 403 43.43 -3.06 8.89
C GLU E 403 43.31 -3.84 10.19
N GLU E 404 42.08 -4.09 10.65
CA GLU E 404 41.90 -4.88 11.87
C GLU E 404 42.42 -6.30 11.69
N GLN E 405 42.14 -6.92 10.54
CA GLN E 405 42.65 -8.25 10.28
C GLN E 405 44.18 -8.26 10.18
N GLU E 406 44.76 -7.23 9.57
CA GLU E 406 46.22 -7.13 9.51
C GLU E 406 46.80 -6.98 10.91
N GLU E 407 46.16 -6.20 11.78
CA GLU E 407 46.62 -6.08 13.17
C GLU E 407 46.52 -7.42 13.89
N TYR E 408 45.43 -8.17 13.66
CA TYR E 408 45.29 -9.47 14.29
C TYR E 408 46.34 -10.47 13.80
N ILE E 409 46.77 -10.37 12.55
CA ILE E 409 47.86 -11.24 12.09
C ILE E 409 49.24 -10.57 12.16
N ARG E 410 49.31 -9.32 12.62
CA ARG E 410 50.58 -8.59 12.64
C ARG E 410 51.62 -9.23 13.55
N GLU E 411 51.18 -9.74 14.70
CA GLU E 411 52.13 -10.45 15.57
C GLU E 411 51.85 -11.95 15.47
N GLN E 412 52.35 -12.73 16.43
CA GLN E 412 52.18 -14.17 16.32
C GLN E 412 50.96 -14.66 17.09
N MET E 413 49.93 -15.08 16.36
CA MET E 413 48.72 -15.57 16.99
C MET E 413 47.99 -16.49 16.02
N ASP E 414 47.13 -17.36 16.52
CA ASP E 414 46.32 -18.19 15.63
C ASP E 414 45.20 -17.29 15.15
N TRP E 415 45.40 -16.56 14.06
CA TRP E 415 44.42 -15.59 13.59
C TRP E 415 43.08 -16.27 13.33
N ARG E 416 42.04 -15.81 14.03
CA ARG E 416 40.68 -16.29 13.85
C ARG E 416 39.93 -15.41 12.86
N GLU E 417 38.80 -15.93 12.39
CA GLU E 417 37.92 -15.17 11.50
C GLU E 417 37.04 -14.27 12.37
N ILE E 418 37.24 -12.97 12.25
CA ILE E 418 36.51 -12.00 13.06
C ILE E 418 35.19 -11.65 12.38
N ALA E 419 34.11 -11.66 13.16
CA ALA E 419 32.81 -11.28 12.65
C ALA E 419 32.76 -9.79 12.36
N PHE E 420 32.02 -9.44 11.31
CA PHE E 420 31.90 -8.04 10.89
C PHE E 420 30.61 -7.87 10.11
N ALA E 421 29.73 -7.00 10.59
CA ALA E 421 28.43 -6.75 9.96
C ALA E 421 28.54 -5.47 9.14
N ASP E 422 28.54 -5.61 7.82
CA ASP E 422 28.64 -4.48 6.92
C ASP E 422 27.28 -3.81 6.74
N ASN E 423 27.28 -2.69 6.01
CA ASN E 423 26.07 -1.91 5.78
C ASN E 423 25.36 -2.31 4.49
N GLN E 424 25.55 -3.55 4.04
CA GLN E 424 24.83 -4.03 2.87
C GLN E 424 23.31 -3.96 3.02
N PRO E 425 22.70 -4.28 4.17
CA PRO E 425 21.23 -4.18 4.25
C PRO E 425 20.68 -2.81 3.91
N CYS E 426 21.37 -1.72 4.28
CA CYS E 426 20.88 -0.39 3.91
C CYS E 426 20.91 -0.18 2.40
N ILE E 427 21.99 -0.61 1.75
CA ILE E 427 22.09 -0.50 0.30
C ILE E 427 20.99 -1.29 -0.37
N ASN E 428 20.73 -2.50 0.12
CA ASN E 428 19.63 -3.30 -0.42
C ASN E 428 18.28 -2.65 -0.16
N LEU E 429 18.09 -2.05 1.01
CA LEU E 429 16.83 -1.38 1.31
C LEU E 429 16.59 -0.23 0.35
N ILE E 430 17.63 0.51 -0.01
CA ILE E 430 17.43 1.67 -0.88
C ILE E 430 17.32 1.25 -2.35
N SER E 431 18.23 0.42 -2.84
CA SER E 431 18.34 0.21 -4.28
C SER E 431 18.55 -1.25 -4.65
N LEU E 432 17.77 -2.16 -4.07
CA LEU E 432 17.74 -3.53 -4.56
C LEU E 432 16.65 -3.67 -5.61
N LYS E 433 16.96 -4.43 -6.66
CA LYS E 433 16.10 -4.43 -7.85
C LYS E 433 14.65 -4.83 -7.59
N PRO E 434 14.34 -5.89 -6.83
CA PRO E 434 12.93 -6.27 -6.69
C PRO E 434 12.05 -5.19 -6.05
N TYR E 435 12.38 -4.77 -4.84
CA TYR E 435 11.50 -3.86 -4.10
C TYR E 435 12.30 -2.78 -3.37
N GLY E 436 13.39 -2.32 -3.98
CA GLY E 436 14.11 -1.20 -3.42
C GLY E 436 13.31 0.09 -3.50
N ILE E 437 13.67 1.05 -2.65
CA ILE E 437 12.93 2.31 -2.62
C ILE E 437 13.05 3.03 -3.95
N LEU E 438 14.28 3.10 -4.51
CA LEU E 438 14.45 3.75 -5.81
C LEU E 438 13.78 2.94 -6.92
N ARG E 439 13.75 1.62 -6.81
CA ARG E 439 13.05 0.82 -7.81
C ARG E 439 11.55 1.07 -7.77
N ILE E 440 10.98 1.18 -6.55
CA ILE E 440 9.57 1.53 -6.44
C ILE E 440 9.33 2.91 -7.03
N LEU E 441 10.23 3.85 -6.77
CA LEU E 441 10.09 5.19 -7.33
C LEU E 441 10.12 5.18 -8.85
N ASP E 442 11.02 4.39 -9.43
CA ASP E 442 11.08 4.27 -10.89
C ASP E 442 9.82 3.64 -11.45
N ASP E 443 9.29 2.62 -10.78
CA ASP E 443 8.05 2.00 -11.23
C ASP E 443 6.89 2.98 -11.18
N GLN E 444 6.81 3.79 -10.12
CA GLN E 444 5.71 4.73 -9.99
C GLN E 444 5.81 5.88 -10.98
N CYS E 445 6.95 6.06 -11.64
CA CYS E 445 7.12 7.16 -12.59
C CYS E 445 6.48 6.88 -13.94
N CYS E 446 6.07 5.64 -14.21
CA CYS E 446 5.33 5.31 -15.43
C CYS E 446 3.97 4.70 -15.16
N PHE E 447 3.64 4.39 -13.90
CA PHE E 447 2.34 3.82 -13.58
C PHE E 447 1.24 4.83 -13.88
N PRO E 448 0.05 4.36 -14.29
CA PRO E 448 -1.00 5.28 -14.76
C PRO E 448 -1.33 6.46 -13.88
N GLN E 449 -1.76 6.22 -12.64
CA GLN E 449 -2.29 7.29 -11.79
C GLN E 449 -1.49 7.40 -10.49
N ALA E 450 -0.17 7.29 -10.58
CA ALA E 450 0.67 7.30 -9.39
C ALA E 450 0.92 8.72 -8.92
N THR E 451 0.89 8.90 -7.59
CA THR E 451 1.25 10.16 -6.97
C THR E 451 2.22 9.90 -5.83
N ASP E 452 2.56 10.93 -5.06
CA ASP E 452 3.45 10.74 -3.92
C ASP E 452 2.83 9.87 -2.83
N HIS E 453 1.52 10.01 -2.59
CA HIS E 453 0.86 9.20 -1.58
C HIS E 453 0.89 7.71 -1.92
N THR E 454 0.64 7.37 -3.18
CA THR E 454 0.71 5.97 -3.59
C THR E 454 2.12 5.41 -3.46
N PHE E 455 3.13 6.21 -3.82
CA PHE E 455 4.52 5.77 -3.65
C PHE E 455 4.84 5.53 -2.18
N LEU E 456 4.36 6.42 -1.30
CA LEU E 456 4.57 6.23 0.13
C LEU E 456 3.89 4.96 0.62
N GLN E 457 2.67 4.70 0.16
CA GLN E 457 1.96 3.49 0.57
C GLN E 457 2.68 2.24 0.10
N LYS E 458 3.20 2.26 -1.13
CA LYS E 458 3.96 1.12 -1.63
C LYS E 458 5.22 0.89 -0.80
N CYS E 459 5.93 1.98 -0.45
CA CYS E 459 7.12 1.84 0.38
C CYS E 459 6.78 1.27 1.75
N HIS E 460 5.71 1.78 2.38
CA HIS E 460 5.30 1.27 3.69
C HIS E 460 4.94 -0.21 3.62
N TYR E 461 4.20 -0.61 2.58
CA TYR E 461 3.80 -2.00 2.44
C TYR E 461 5.01 -2.91 2.24
N HIS E 462 5.92 -2.53 1.35
CA HIS E 462 7.03 -3.41 1.01
C HIS E 462 8.12 -3.45 2.06
N HIS E 463 8.30 -2.38 2.84
CA HIS E 463 9.43 -2.31 3.78
C HIS E 463 8.96 -2.14 5.22
N GLY E 464 7.73 -2.54 5.54
CA GLY E 464 7.24 -2.39 6.90
C GLY E 464 7.93 -3.28 7.91
N ALA E 465 8.48 -4.41 7.47
CA ALA E 465 9.16 -5.35 8.35
C ALA E 465 10.66 -5.15 8.41
N ASN E 466 11.20 -4.19 7.66
CA ASN E 466 12.64 -3.96 7.69
C ASN E 466 13.03 -3.25 8.97
N PRO E 467 14.03 -3.78 9.71
CA PRO E 467 14.47 -3.08 10.92
C PRO E 467 14.98 -1.67 10.66
N LEU E 468 15.62 -1.43 9.52
CA LEU E 468 16.11 -0.10 9.21
C LEU E 468 15.01 0.86 8.79
N TYR E 469 13.94 0.36 8.19
CA TYR E 469 12.83 1.19 7.76
C TYR E 469 11.90 1.46 8.92
N SER E 470 11.40 2.69 8.99
CA SER E 470 10.50 3.09 10.07
C SER E 470 9.40 3.98 9.52
N LYS E 471 8.18 3.73 9.95
CA LYS E 471 7.01 4.50 9.58
C LYS E 471 6.68 5.54 10.65
N PRO E 472 6.16 6.70 10.25
CA PRO E 472 5.62 7.64 11.23
C PRO E 472 4.33 7.10 11.84
N LYS E 473 4.05 7.50 13.07
CA LYS E 473 2.84 7.05 13.76
C LYS E 473 1.63 7.67 13.09
N MET E 474 1.51 8.99 13.15
CA MET E 474 0.44 9.67 12.45
C MET E 474 0.67 9.57 10.94
N PRO E 475 -0.40 9.64 10.14
CA PRO E 475 -0.23 9.51 8.67
C PRO E 475 0.45 10.73 8.06
N LEU E 476 1.74 10.89 8.36
CA LEU E 476 2.54 11.96 7.79
C LEU E 476 3.23 11.50 6.52
N PRO E 477 3.41 12.39 5.54
CA PRO E 477 4.05 12.02 4.27
C PRO E 477 5.57 11.95 4.37
N GLU E 478 6.06 10.95 5.09
CA GLU E 478 7.49 10.81 5.31
C GLU E 478 7.80 9.38 5.69
N PHE E 479 9.09 9.03 5.62
CA PHE E 479 9.58 7.75 6.09
C PHE E 479 10.99 7.94 6.63
N THR E 480 11.44 6.99 7.43
CA THR E 480 12.72 7.10 8.11
C THR E 480 13.60 5.92 7.77
N ILE E 481 14.85 6.19 7.40
CA ILE E 481 15.85 5.17 7.09
C ILE E 481 16.98 5.28 8.10
N LYS E 482 17.34 4.16 8.72
CA LYS E 482 18.42 4.14 9.71
C LYS E 482 19.74 3.96 8.99
N HIS E 483 20.40 5.07 8.69
CA HIS E 483 21.70 5.04 8.01
C HIS E 483 22.79 4.68 9.01
N TYR E 484 24.04 4.71 8.56
CA TYR E 484 25.16 4.48 9.47
C TYR E 484 25.37 5.66 10.40
N ALA E 485 24.88 6.85 10.01
CA ALA E 485 25.04 8.06 10.80
C ALA E 485 23.82 8.35 11.67
N GLY E 486 22.85 7.44 11.71
CA GLY E 486 21.67 7.61 12.52
C GLY E 486 20.41 7.66 11.68
N LYS E 487 19.28 7.81 12.38
CA LYS E 487 17.98 7.86 11.73
C LYS E 487 17.85 9.15 10.93
N VAL E 488 17.43 9.02 9.67
CA VAL E 488 17.23 10.14 8.78
C VAL E 488 15.80 10.05 8.23
N THR E 489 15.07 11.15 8.31
CA THR E 489 13.67 11.21 7.90
C THR E 489 13.57 11.96 6.57
N TYR E 490 12.97 11.31 5.57
CA TYR E 490 12.84 11.88 4.24
C TYR E 490 11.40 12.28 3.99
N GLN E 491 11.21 13.52 3.54
CA GLN E 491 9.87 14.05 3.29
C GLN E 491 9.51 13.82 1.83
N VAL E 492 8.54 12.96 1.58
CA VAL E 492 8.10 12.64 0.22
C VAL E 492 7.11 13.73 -0.19
N HIS E 493 7.57 14.71 -0.94
CA HIS E 493 6.66 15.76 -1.40
C HIS E 493 6.65 15.92 -2.91
N LYS E 494 7.81 15.81 -3.56
CA LYS E 494 7.90 15.92 -5.01
C LYS E 494 8.86 14.87 -5.55
N PHE E 495 8.77 13.65 -5.02
CA PHE E 495 9.65 12.59 -5.48
C PHE E 495 9.38 12.22 -6.93
N LEU E 496 8.13 12.21 -7.34
CA LEU E 496 7.78 11.87 -8.72
C LEU E 496 8.06 13.01 -9.68
N ASP E 497 7.85 14.26 -9.26
CA ASP E 497 8.13 15.40 -10.11
C ASP E 497 9.62 15.61 -10.32
N LYS E 498 10.45 15.23 -9.36
CA LYS E 498 11.89 15.42 -9.47
C LYS E 498 12.60 14.27 -10.19
N ASN E 499 11.89 13.18 -10.48
CA ASN E 499 12.49 12.01 -11.08
C ASN E 499 12.23 11.88 -12.57
N HIS E 500 11.32 12.67 -13.13
CA HIS E 500 10.96 12.56 -14.54
C HIS E 500 12.04 13.23 -15.38
N ASP E 501 12.89 12.42 -16.01
CA ASP E 501 14.01 12.92 -16.80
C ASP E 501 14.10 12.15 -18.12
N GLN E 502 12.98 12.02 -18.82
CA GLN E 502 12.93 11.30 -20.08
C GLN E 502 12.99 12.29 -21.24
N VAL E 503 13.95 12.10 -22.13
CA VAL E 503 14.07 12.89 -23.35
C VAL E 503 13.91 11.94 -24.53
N ARG E 504 12.98 12.25 -25.42
CA ARG E 504 12.64 11.35 -26.51
C ARG E 504 13.52 11.62 -27.73
N GLN E 505 13.43 10.73 -28.71
CA GLN E 505 14.29 10.82 -29.88
C GLN E 505 13.97 12.02 -30.76
N ASP E 506 12.73 12.51 -30.75
CA ASP E 506 12.39 13.67 -31.55
C ASP E 506 13.14 14.91 -31.10
N VAL E 507 13.31 15.09 -29.79
CA VAL E 507 14.05 16.25 -29.29
C VAL E 507 15.52 16.15 -29.70
N LEU E 508 16.11 14.96 -29.59
CA LEU E 508 17.50 14.80 -29.99
C LEU E 508 17.68 15.06 -31.48
N ASP E 509 16.76 14.56 -32.30
CA ASP E 509 16.82 14.83 -33.73
C ASP E 509 16.64 16.31 -34.05
N LEU E 510 15.75 17.00 -33.34
CA LEU E 510 15.60 18.44 -33.54
C LEU E 510 16.88 19.18 -33.20
N PHE E 511 17.52 18.81 -32.09
CA PHE E 511 18.71 19.54 -31.67
C PHE E 511 19.95 19.18 -32.47
N VAL E 512 19.99 17.99 -33.10
CA VAL E 512 21.12 17.66 -33.96
C VAL E 512 21.12 18.54 -35.20
N HIS E 513 19.95 18.79 -35.78
CA HIS E 513 19.84 19.61 -37.00
C HIS E 513 19.74 21.08 -36.64
N SER E 514 20.77 21.59 -35.98
CA SER E 514 20.90 22.99 -35.63
C SER E 514 21.88 23.69 -36.55
N ARG E 515 21.74 25.00 -36.64
CA ARG E 515 22.59 25.82 -37.49
C ARG E 515 23.88 26.24 -36.82
N THR E 516 24.10 25.84 -35.57
CA THR E 516 25.35 26.11 -34.87
C THR E 516 26.09 24.80 -34.67
N ARG E 517 27.43 24.89 -34.73
CA ARG E 517 28.25 23.69 -34.74
C ARG E 517 28.36 23.02 -33.38
N VAL E 518 28.47 23.79 -32.29
CA VAL E 518 28.73 23.19 -30.99
C VAL E 518 27.53 22.39 -30.48
N VAL E 519 26.32 22.95 -30.60
CA VAL E 519 25.14 22.25 -30.13
C VAL E 519 24.90 20.98 -30.95
N ALA E 520 25.04 21.09 -32.28
CA ALA E 520 24.88 19.92 -33.13
C ALA E 520 25.91 18.85 -32.80
N HIS E 521 27.16 19.25 -32.56
CA HIS E 521 28.19 18.29 -32.19
C HIS E 521 27.85 17.60 -30.86
N LEU E 522 27.41 18.37 -29.87
CA LEU E 522 27.07 17.78 -28.57
C LEU E 522 25.95 16.78 -28.70
N PHE E 523 24.87 17.14 -29.41
CA PHE E 523 23.76 16.23 -29.50
C PHE E 523 24.05 15.03 -30.39
N SER E 524 24.87 15.19 -31.42
CA SER E 524 25.30 14.04 -32.21
C SER E 524 26.13 13.08 -31.36
N SER E 525 27.04 13.62 -30.55
CA SER E 525 27.83 12.76 -29.66
C SER E 525 26.95 12.06 -28.64
N HIS E 526 25.96 12.77 -28.09
CA HIS E 526 25.05 12.15 -27.13
C HIS E 526 24.24 11.03 -27.77
N ALA E 527 23.73 11.27 -28.98
CA ALA E 527 22.98 10.23 -29.69
C ALA E 527 23.86 9.04 -30.03
N ALA E 528 25.12 9.28 -30.40
CA ALA E 528 26.04 8.18 -30.69
C ALA E 528 26.32 7.37 -29.44
N GLN E 529 26.50 8.04 -28.30
CA GLN E 529 26.80 7.33 -27.06
C GLN E 529 25.58 6.61 -26.50
N THR E 530 24.39 7.18 -26.64
CA THR E 530 23.17 6.55 -26.15
C THR E 530 22.76 5.40 -27.07
N TYR E 545 19.79 2.19 -23.82
CA TYR E 545 19.85 2.76 -22.48
C TYR E 545 18.46 2.84 -21.86
N LYS E 546 18.24 2.08 -20.79
CA LYS E 546 16.97 2.05 -20.09
C LYS E 546 16.91 3.00 -18.90
N ALA E 547 17.69 4.07 -18.94
CA ALA E 547 17.71 5.06 -17.87
C ALA E 547 16.85 6.25 -18.31
N HIS E 548 15.62 6.31 -17.80
CA HIS E 548 14.70 7.39 -18.13
C HIS E 548 14.36 8.26 -16.94
N THR E 549 15.02 8.06 -15.80
CA THR E 549 14.72 8.80 -14.58
C THR E 549 16.02 9.28 -13.96
N VAL E 550 15.90 10.31 -13.11
CA VAL E 550 17.08 10.87 -12.45
C VAL E 550 17.74 9.82 -11.56
N ALA E 551 16.93 9.04 -10.83
CA ALA E 551 17.49 8.03 -9.94
C ALA E 551 18.27 6.96 -10.70
N ALA E 552 17.76 6.51 -11.85
CA ALA E 552 18.46 5.49 -12.61
C ALA E 552 19.79 6.00 -13.14
N LYS E 553 19.82 7.23 -13.65
CA LYS E 553 21.08 7.80 -14.13
C LYS E 553 22.06 8.03 -12.98
N PHE E 554 21.55 8.44 -11.81
CA PHE E 554 22.42 8.59 -10.65
C PHE E 554 23.02 7.25 -10.23
N GLN E 555 22.21 6.19 -10.24
CA GLN E 555 22.73 4.87 -9.92
C GLN E 555 23.77 4.42 -10.93
N GLN E 556 23.53 4.68 -12.22
CA GLN E 556 24.51 4.30 -13.24
C GLN E 556 25.82 5.06 -13.06
N SER E 557 25.74 6.36 -12.79
CA SER E 557 26.95 7.15 -12.57
C SER E 557 27.70 6.68 -11.33
N LEU E 558 26.98 6.37 -10.25
CA LEU E 558 27.64 5.88 -9.04
C LEU E 558 28.28 4.51 -9.28
N LEU E 559 27.62 3.64 -10.05
CA LEU E 559 28.22 2.36 -10.40
C LEU E 559 29.48 2.56 -11.23
N ASP E 560 29.47 3.52 -12.16
CA ASP E 560 30.68 3.81 -12.92
C ASP E 560 31.79 4.31 -12.01
N LEU E 561 31.46 5.18 -11.06
CA LEU E 561 32.47 5.71 -10.14
C LEU E 561 33.07 4.58 -9.30
N VAL E 562 32.23 3.68 -8.80
CA VAL E 562 32.74 2.55 -8.02
C VAL E 562 33.58 1.62 -8.90
N GLU E 563 33.11 1.34 -10.11
CA GLU E 563 33.86 0.48 -11.04
C GLU E 563 35.20 1.08 -11.39
N LYS E 564 35.33 2.41 -11.32
CA LYS E 564 36.63 3.03 -11.53
C LYS E 564 37.54 2.90 -10.31
N MET E 565 37.04 2.36 -9.20
CA MET E 565 37.72 2.47 -7.91
C MET E 565 37.88 1.15 -7.17
N GLU E 566 37.90 0.02 -7.89
CA GLU E 566 38.30 -1.23 -7.25
C GLU E 566 39.64 -1.74 -7.74
N ARG E 567 40.19 -1.15 -8.81
CA ARG E 567 41.51 -1.49 -9.31
C ARG E 567 42.62 -0.85 -8.48
N CYS E 568 42.30 -0.35 -7.29
CA CYS E 568 43.26 0.38 -6.48
C CYS E 568 42.82 0.29 -5.02
N ASN E 569 43.77 0.58 -4.13
CA ASN E 569 43.48 0.59 -2.70
C ASN E 569 43.25 2.03 -2.26
N PRO E 570 42.04 2.41 -1.91
CA PRO E 570 41.76 3.82 -1.58
C PRO E 570 42.40 4.25 -0.27
N LEU E 571 42.68 5.55 -0.20
CA LEU E 571 43.13 6.20 1.01
C LEU E 571 42.14 7.31 1.35
N PHE E 572 41.74 7.37 2.61
CA PHE E 572 40.64 8.23 3.04
C PHE E 572 41.17 9.40 3.85
N VAL E 573 40.68 10.60 3.54
CA VAL E 573 40.96 11.81 4.29
C VAL E 573 39.63 12.40 4.72
N ARG E 574 39.42 12.53 6.02
CA ARG E 574 38.14 12.97 6.58
C ARG E 574 38.30 14.37 7.15
N CYS E 575 37.77 15.36 6.43
CA CYS E 575 37.80 16.73 6.89
C CYS E 575 36.56 17.01 7.75
N LEU E 576 36.78 17.58 8.93
CA LEU E 576 35.71 17.87 9.88
C LEU E 576 35.52 19.37 10.01
N LYS E 577 34.60 19.76 10.90
CA LYS E 577 34.30 21.15 11.17
C LYS E 577 34.18 21.32 12.68
N PRO E 578 34.93 22.26 13.28
CA PRO E 578 34.87 22.42 14.74
C PRO E 578 33.72 23.32 15.18
N ASN E 579 33.30 24.24 14.32
CA ASN E 579 32.26 25.19 14.67
C ASN E 579 31.62 25.73 13.41
N HIS E 580 30.30 25.94 13.45
CA HIS E 580 29.56 26.43 12.30
C HIS E 580 29.76 27.91 12.05
N LYS E 581 30.31 28.65 13.01
CA LYS E 581 30.50 30.08 12.88
C LYS E 581 31.86 30.45 12.30
N LYS E 582 32.66 29.45 11.90
CA LYS E 582 33.97 29.67 11.27
C LYS E 582 34.91 30.44 12.19
N GLU E 583 34.73 30.31 13.50
CA GLU E 583 35.59 30.98 14.46
C GLU E 583 36.91 30.23 14.59
N PRO E 584 38.05 30.88 14.37
CA PRO E 584 39.35 30.17 14.43
C PRO E 584 39.83 29.90 15.86
N GLY E 585 39.32 28.81 16.43
CA GLY E 585 39.73 28.40 17.76
C GLY E 585 38.59 27.91 18.62
N LEU E 586 37.39 28.45 18.40
CA LEU E 586 36.22 28.05 19.18
C LEU E 586 35.78 26.66 18.77
N PHE E 587 35.52 25.80 19.76
CA PHE E 587 35.13 24.42 19.52
C PHE E 587 33.95 24.06 20.41
N GLU E 588 33.16 23.09 19.94
CA GLU E 588 32.01 22.58 20.67
C GLU E 588 32.02 21.06 20.66
N PRO E 589 31.58 20.42 21.75
CA PRO E 589 31.58 18.95 21.78
C PRO E 589 30.45 18.33 20.96
N ASP E 590 29.26 18.93 20.98
CA ASP E 590 28.14 18.38 20.21
C ASP E 590 28.42 18.44 18.72
N VAL E 591 29.05 19.53 18.26
CA VAL E 591 29.41 19.63 16.85
C VAL E 591 30.40 18.54 16.47
N MET E 592 31.39 18.29 17.34
CA MET E 592 32.33 17.22 17.09
C MET E 592 31.65 15.86 17.04
N MET E 593 30.71 15.59 17.95
CA MET E 593 29.98 14.33 17.90
C MET E 593 29.18 14.19 16.60
N ALA E 594 28.50 15.26 16.19
CA ALA E 594 27.73 15.21 14.95
C ALA E 594 28.65 14.97 13.75
N GLN E 595 29.79 15.65 13.70
CA GLN E 595 30.72 15.46 12.59
C GLN E 595 31.31 14.06 12.59
N LEU E 596 31.63 13.50 13.76
CA LEU E 596 32.14 12.14 13.82
C LEU E 596 31.09 11.13 13.38
N ARG E 597 29.82 11.35 13.75
CA ARG E 597 28.77 10.47 13.27
C ARG E 597 28.61 10.56 11.77
N TYR E 598 28.63 11.77 11.22
CA TYR E 598 28.40 11.95 9.78
C TYR E 598 29.59 11.46 8.96
N SER E 599 30.81 11.69 9.43
CA SER E 599 32.00 11.32 8.68
C SER E 599 32.27 9.82 8.71
N GLY E 600 31.58 9.05 9.55
CA GLY E 600 31.81 7.63 9.61
C GLY E 600 33.01 7.21 10.41
N VAL E 601 33.60 8.13 11.18
CA VAL E 601 34.75 7.77 12.01
C VAL E 601 34.36 6.77 13.08
N LEU E 602 33.19 6.97 13.70
CA LEU E 602 32.71 6.07 14.74
C LEU E 602 32.41 4.67 14.21
N GLU E 603 32.31 4.49 12.90
CA GLU E 603 32.17 3.15 12.35
C GLU E 603 33.38 2.28 12.68
N THR E 604 34.56 2.89 12.83
CA THR E 604 35.71 2.13 13.30
C THR E 604 35.49 1.59 14.70
N VAL E 605 34.94 2.41 15.60
CA VAL E 605 34.64 1.97 16.95
C VAL E 605 33.59 0.87 16.92
N ARG E 606 32.57 1.01 16.07
CA ARG E 606 31.56 -0.03 15.95
C ARG E 606 32.14 -1.33 15.44
N ILE E 607 33.08 -1.25 14.49
CA ILE E 607 33.72 -2.45 13.94
C ILE E 607 34.59 -3.11 14.99
N ARG E 608 35.27 -2.32 15.84
CA ARG E 608 36.18 -2.89 16.82
C ARG E 608 35.46 -3.86 17.76
N LYS E 609 34.22 -3.55 18.12
CA LYS E 609 33.46 -4.43 19.00
C LYS E 609 32.72 -5.50 18.21
N VAL E 614 37.64 -7.06 19.60
CA VAL E 614 38.13 -6.79 20.94
C VAL E 614 39.54 -6.21 20.86
N ARG E 615 39.79 -5.13 21.61
CA ARG E 615 41.10 -4.47 21.57
C ARG E 615 41.36 -3.83 22.93
N LEU E 616 42.08 -4.53 23.80
CA LEU E 616 42.53 -3.99 25.08
C LEU E 616 43.93 -4.49 25.35
N PRO E 617 44.69 -3.80 26.21
CA PRO E 617 46.12 -4.09 26.34
C PRO E 617 46.48 -5.15 27.37
N PHE E 618 47.79 -5.33 27.56
CA PHE E 618 48.39 -6.40 28.34
C PHE E 618 48.87 -5.96 29.71
N GLN E 619 49.67 -4.88 29.78
CA GLN E 619 50.22 -4.47 31.06
C GLN E 619 49.14 -4.06 32.06
N VAL E 620 47.97 -3.64 31.57
CA VAL E 620 46.87 -3.33 32.48
C VAL E 620 46.49 -4.58 33.26
N PHE E 621 46.30 -5.70 32.57
CA PHE E 621 46.03 -6.96 33.25
C PHE E 621 47.21 -7.37 34.11
N ILE E 622 48.42 -7.10 33.64
CA ILE E 622 49.61 -7.47 34.42
C ILE E 622 49.59 -6.78 35.77
N ASP E 623 49.26 -5.49 35.78
CA ASP E 623 49.43 -4.66 36.97
C ASP E 623 48.19 -4.65 37.86
N ARG E 624 47.07 -4.18 37.34
CA ARG E 624 45.92 -3.83 38.17
C ARG E 624 44.86 -4.93 38.21
N TYR E 625 45.24 -6.20 38.11
CA TYR E 625 44.33 -7.30 38.37
C TYR E 625 44.99 -8.33 39.25
N ARG E 626 45.72 -7.86 40.27
CA ARG E 626 46.29 -8.71 41.30
C ARG E 626 45.44 -8.76 42.56
N CYS E 627 44.47 -7.86 42.71
CA CYS E 627 43.71 -7.76 43.95
C CYS E 627 42.86 -9.00 44.20
N LEU E 628 42.51 -9.74 43.16
CA LEU E 628 41.59 -10.87 43.33
C LEU E 628 42.16 -11.91 44.29
N VAL E 629 43.27 -12.55 43.91
CA VAL E 629 43.85 -13.64 44.70
C VAL E 629 45.28 -13.36 45.13
N ALA E 630 45.73 -12.10 45.08
CA ALA E 630 47.03 -11.50 45.36
C ALA E 630 48.10 -12.14 44.48
N LEU E 631 47.99 -11.88 43.17
CA LEU E 631 48.71 -12.63 42.14
C LEU E 631 50.11 -13.01 42.60
N LYS E 632 50.37 -14.31 42.62
CA LYS E 632 51.57 -14.82 43.27
C LYS E 632 52.80 -14.60 42.41
N LEU E 633 52.68 -14.83 41.11
CA LEU E 633 53.82 -14.80 40.20
C LEU E 633 54.31 -13.38 39.88
N ASN E 634 55.48 -13.32 39.26
CA ASN E 634 56.04 -12.09 38.72
C ASN E 634 56.39 -12.28 37.26
N VAL E 635 56.48 -11.17 36.54
CA VAL E 635 56.74 -11.14 35.10
C VAL E 635 55.97 -12.26 34.41
N PRO E 636 54.64 -12.27 34.51
CA PRO E 636 53.86 -13.22 33.70
C PRO E 636 54.17 -13.07 32.22
N ALA E 637 54.39 -14.21 31.56
CA ALA E 637 54.92 -14.23 30.20
C ALA E 637 53.81 -14.50 29.19
N ASP E 638 54.22 -14.75 27.94
CA ASP E 638 53.27 -15.09 26.89
C ASP E 638 52.36 -16.24 27.29
N GLY E 639 52.89 -17.22 28.00
CA GLY E 639 52.10 -18.32 28.53
C GLY E 639 51.53 -18.08 29.90
N ASP E 640 51.56 -16.83 30.37
CA ASP E 640 51.08 -16.51 31.71
C ASP E 640 49.71 -17.12 31.97
N MET E 641 49.47 -17.48 33.22
CA MET E 641 48.16 -17.97 33.63
C MET E 641 47.20 -16.79 33.64
N CYS E 642 46.49 -16.59 32.54
CA CYS E 642 45.67 -15.40 32.35
C CYS E 642 44.19 -15.71 32.23
N VAL E 643 43.79 -16.56 31.28
CA VAL E 643 42.40 -16.97 31.19
C VAL E 643 42.03 -17.88 32.36
N SER E 644 42.92 -18.83 32.66
CA SER E 644 42.70 -19.71 33.81
C SER E 644 42.56 -18.89 35.10
N LEU E 645 43.20 -17.74 35.18
CA LEU E 645 42.93 -16.81 36.26
C LEU E 645 41.43 -16.54 36.34
N LEU E 646 40.82 -16.21 35.20
CA LEU E 646 39.39 -15.96 35.16
C LEU E 646 38.60 -17.21 35.53
N SER E 647 39.05 -18.37 35.06
CA SER E 647 38.33 -19.61 35.37
C SER E 647 38.28 -19.86 36.87
N ARG E 648 39.41 -19.70 37.56
CA ARG E 648 39.45 -19.99 38.99
C ARG E 648 39.02 -18.80 39.85
N LEU E 649 38.85 -17.61 39.27
CA LEU E 649 38.45 -16.43 40.03
C LEU E 649 37.05 -15.93 39.74
N CYS E 650 36.57 -16.02 38.49
CA CYS E 650 35.31 -15.39 38.14
C CYS E 650 34.35 -16.31 37.38
N THR E 651 34.71 -17.56 37.14
CA THR E 651 33.83 -18.50 36.42
C THR E 651 33.39 -17.89 35.09
N VAL E 652 34.35 -17.34 34.35
CA VAL E 652 34.10 -16.68 33.08
C VAL E 652 34.49 -17.61 31.97
N THR E 653 33.62 -17.73 30.96
CA THR E 653 33.89 -18.61 29.84
C THR E 653 35.14 -18.17 29.10
N PRO E 654 35.98 -19.12 28.65
CA PRO E 654 37.14 -18.74 27.85
C PRO E 654 36.72 -18.30 26.45
N ASP E 655 36.73 -16.99 26.22
CA ASP E 655 36.47 -16.43 24.90
C ASP E 655 37.45 -15.33 24.51
N MET E 656 38.02 -14.62 25.46
CA MET E 656 39.05 -13.64 25.15
C MET E 656 40.23 -14.32 24.47
N TYR E 657 40.58 -13.83 23.28
CA TYR E 657 41.38 -14.62 22.35
C TYR E 657 42.77 -14.93 22.90
N ARG E 658 43.60 -13.89 23.06
CA ARG E 658 44.98 -14.07 23.49
C ARG E 658 45.57 -12.69 23.73
N VAL E 659 46.33 -12.55 24.82
CA VAL E 659 46.91 -11.27 25.15
C VAL E 659 48.36 -11.27 24.68
N GLY E 660 49.16 -12.15 25.26
CA GLY E 660 50.52 -12.39 24.81
C GLY E 660 51.26 -11.15 24.34
N ILE E 661 51.99 -11.27 23.24
CA ILE E 661 52.60 -10.12 22.60
C ILE E 661 51.54 -9.26 21.93
N SER E 662 50.78 -9.85 21.00
CA SER E 662 49.66 -9.17 20.36
C SER E 662 48.47 -9.14 21.32
N LYS E 663 48.20 -7.96 21.89
CA LYS E 663 47.33 -7.81 23.05
C LYS E 663 46.04 -7.10 22.61
N LEU E 664 45.08 -7.88 22.13
CA LEU E 664 43.75 -7.37 21.79
C LEU E 664 42.77 -8.51 22.04
N PHE E 665 42.26 -8.58 23.26
CA PHE E 665 41.55 -9.77 23.72
C PHE E 665 40.21 -9.49 24.38
N LEU E 666 40.11 -8.42 25.15
CA LEU E 666 39.02 -8.30 26.12
C LEU E 666 37.76 -7.74 25.46
N LYS E 667 36.65 -8.45 25.63
CA LYS E 667 35.35 -8.01 25.16
C LYS E 667 34.71 -7.07 26.18
N GLU E 668 33.84 -6.19 25.67
CA GLU E 668 33.43 -5.02 26.46
C GLU E 668 32.73 -5.43 27.75
N HIS E 669 31.78 -6.37 27.68
CA HIS E 669 31.01 -6.68 28.87
C HIS E 669 31.88 -7.32 29.95
N LEU E 670 32.78 -8.21 29.56
CA LEU E 670 33.75 -8.73 30.52
C LEU E 670 34.61 -7.63 31.09
N HIS E 671 34.99 -6.65 30.26
CA HIS E 671 35.82 -5.56 30.76
C HIS E 671 35.09 -4.78 31.84
N GLN E 672 33.83 -4.40 31.59
CA GLN E 672 33.08 -3.67 32.59
C GLN E 672 32.85 -4.51 33.84
N LEU E 673 32.57 -5.81 33.66
CA LEU E 673 32.40 -6.68 34.81
C LEU E 673 33.65 -6.68 35.69
N LEU E 674 34.82 -6.82 35.07
CA LEU E 674 36.06 -6.82 35.84
C LEU E 674 36.31 -5.48 36.49
N GLU E 675 36.03 -4.38 35.80
CA GLU E 675 36.24 -3.07 36.39
C GLU E 675 35.35 -2.87 37.62
N SER E 676 34.10 -3.29 37.53
CA SER E 676 33.17 -3.08 38.64
C SER E 676 33.46 -4.07 39.78
N MET E 677 33.93 -5.28 39.45
CA MET E 677 34.48 -6.15 40.47
C MET E 677 35.64 -5.47 41.19
N ARG E 678 36.51 -4.81 40.42
CA ARG E 678 37.64 -4.10 41.00
C ARG E 678 37.16 -2.99 41.93
N GLU E 679 36.08 -2.30 41.56
CA GLU E 679 35.65 -1.21 42.44
C GLU E 679 34.96 -1.75 43.70
N ARG E 680 34.23 -2.87 43.64
CA ARG E 680 33.83 -3.48 44.91
C ARG E 680 35.05 -3.87 45.74
N VAL E 681 36.08 -4.42 45.10
CA VAL E 681 37.27 -4.84 45.85
C VAL E 681 37.91 -3.63 46.52
N GLN E 682 37.99 -2.50 45.81
CA GLN E 682 38.51 -1.29 46.42
C GLN E 682 37.66 -0.84 47.59
N ASN E 683 36.32 -0.91 47.44
CA ASN E 683 35.45 -0.52 48.55
C ASN E 683 35.69 -1.40 49.77
N ARG E 684 35.78 -2.71 49.56
CA ARG E 684 35.95 -3.62 50.68
C ARG E 684 37.32 -3.45 51.33
N ALA E 685 38.37 -3.27 50.52
CA ALA E 685 39.70 -3.05 51.08
C ALA E 685 39.75 -1.75 51.87
N ALA E 686 39.11 -0.69 51.35
CA ALA E 686 39.05 0.56 52.09
C ALA E 686 38.31 0.39 53.41
N LEU E 687 37.18 -0.34 53.40
CA LEU E 687 36.46 -0.58 54.64
C LEU E 687 37.31 -1.35 55.63
N THR E 688 38.02 -2.37 55.16
CA THR E 688 38.88 -3.14 56.06
C THR E 688 39.97 -2.26 56.65
N LEU E 689 40.66 -1.49 55.82
CA LEU E 689 41.70 -0.60 56.32
C LEU E 689 41.15 0.41 57.30
N GLN E 690 39.96 0.93 57.03
CA GLN E 690 39.39 1.98 57.86
C GLN E 690 38.93 1.45 59.21
N ARG E 691 38.35 0.25 59.23
CA ARG E 691 37.99 -0.36 60.51
C ARG E 691 39.23 -0.81 61.29
N TYR E 692 40.27 -1.24 60.58
CA TYR E 692 41.55 -1.53 61.24
C TYR E 692 42.12 -0.27 61.87
N LEU E 693 42.03 0.86 61.16
CA LEU E 693 42.55 2.12 61.68
C LEU E 693 41.71 2.62 62.85
N ARG E 694 40.40 2.36 62.81
CA ARG E 694 39.56 2.64 63.98
C ARG E 694 39.98 1.79 65.17
N GLY E 695 40.31 0.52 64.93
CA GLY E 695 40.87 -0.31 65.99
C GLY E 695 42.14 0.28 66.56
N PHE E 696 43.01 0.80 65.68
CA PHE E 696 44.24 1.43 66.15
C PHE E 696 43.93 2.69 66.97
N PHE E 697 42.93 3.46 66.56
CA PHE E 697 42.54 4.63 67.34
C PHE E 697 42.05 4.23 68.73
N ILE E 698 41.21 3.21 68.83
CA ILE E 698 40.75 2.79 70.16
C ILE E 698 41.91 2.26 70.98
N GLN E 699 42.87 1.58 70.32
CA GLN E 699 44.07 1.17 71.01
C GLN E 699 44.80 2.34 71.63
N ARG E 700 45.12 3.35 70.82
CA ARG E 700 45.90 4.48 71.32
C ARG E 700 45.10 5.23 72.38
N HIS E 701 43.80 5.36 72.18
CA HIS E 701 42.93 5.97 73.17
C HIS E 701 43.02 5.27 74.52
N PHE E 702 42.60 4.01 74.58
CA PHE E 702 42.50 3.34 75.88
C PHE E 702 43.87 3.12 76.51
N ARG E 703 44.79 2.49 75.77
CA ARG E 703 46.10 2.22 76.32
C ARG E 703 47.01 3.46 76.28
N SER E 704 46.45 4.63 75.95
CA SER E 704 47.12 5.87 76.32
C SER E 704 46.62 6.39 77.66
N LEU E 705 45.29 6.49 77.81
CA LEU E 705 44.70 7.17 78.95
C LEU E 705 44.76 6.36 80.24
N ARG E 706 45.11 5.08 80.16
CA ARG E 706 45.31 4.27 81.36
C ARG E 706 46.76 3.85 81.54
N ARG E 707 47.34 3.15 80.57
CA ARG E 707 48.66 2.54 80.75
C ARG E 707 49.79 3.54 80.68
N LYS E 708 49.53 4.78 80.27
CA LYS E 708 50.54 5.82 80.26
C LYS E 708 50.29 6.90 81.32
N ILE E 709 49.26 6.72 82.15
CA ILE E 709 48.90 7.70 83.17
C ILE E 709 48.91 7.09 84.57
N ILE E 710 48.31 5.90 84.72
CA ILE E 710 48.27 5.29 86.05
C ILE E 710 49.68 4.93 86.50
N LEU E 711 50.54 4.51 85.56
CA LEU E 711 51.91 4.20 85.91
C LEU E 711 52.63 5.45 86.44
N LEU E 712 52.48 6.57 85.75
CA LEU E 712 53.12 7.80 86.20
C LEU E 712 52.59 8.23 87.56
N GLN E 713 51.27 8.18 87.76
CA GLN E 713 50.70 8.58 89.04
C GLN E 713 51.18 7.68 90.17
N SER E 714 51.20 6.36 89.93
CA SER E 714 51.65 5.43 90.96
C SER E 714 53.12 5.65 91.29
N ARG E 715 53.96 5.85 90.27
CA ARG E 715 55.38 6.05 90.54
C ARG E 715 55.60 7.37 91.28
N ALA E 716 54.86 8.42 90.93
CA ALA E 716 54.97 9.67 91.64
C ALA E 716 54.58 9.51 93.11
N ARG E 717 53.48 8.77 93.36
CA ARG E 717 53.12 8.47 94.74
C ARG E 717 54.19 7.63 95.43
N GLY E 718 54.94 6.84 94.67
CA GLY E 718 56.01 6.05 95.22
C GLY E 718 57.22 6.88 95.57
N PHE E 719 58.16 6.25 96.26
CA PHE E 719 59.37 6.92 96.71
C PHE E 719 60.62 6.13 96.31
PB ADP F . -25.65 5.28 16.44
O1B ADP F . -24.42 5.26 15.59
O2B ADP F . -25.58 6.20 17.63
O3B ADP F . -26.20 3.92 16.79
PA ADP F . -26.93 7.53 15.26
O1A ADP F . -25.65 8.11 14.73
O2A ADP F . -27.58 8.13 16.47
O3A ADP F . -26.74 5.93 15.46
O5' ADP F . -28.01 7.55 14.07
C5' ADP F . -27.76 6.79 12.90
C4' ADP F . -29.06 6.27 12.33
O4' ADP F . -30.04 7.31 12.31
C3' ADP F . -28.83 5.84 10.88
O3' ADP F . -29.51 4.62 10.60
C2' ADP F . -29.47 6.94 10.08
O2' ADP F . -30.06 6.39 8.90
C1' ADP F . -30.53 7.51 10.99
N9 ADP F . -30.68 8.95 10.66
C8 ADP F . -29.72 9.88 10.74
N7 ADP F . -30.19 11.09 10.35
C5 ADP F . -31.48 10.93 10.00
C6 ADP F . -32.55 11.80 9.49
N6 ADP F . -32.35 13.12 9.27
N1 ADP F . -33.76 11.23 9.25
C2 ADP F . -33.97 9.93 9.47
N3 ADP F . -33.04 9.07 9.92
C4 ADP F . -31.79 9.51 10.20
MG MG G . -26.07 6.50 19.76
PB ADP H . -5.08 -7.43 -34.54
O1B ADP H . -3.91 -7.90 -35.36
O2B ADP H . -4.72 -6.78 -33.24
O3B ADP H . -6.19 -8.44 -34.41
PA ADP H . -5.16 -4.73 -35.42
O1A ADP H . -3.72 -4.71 -35.83
O2A ADP H . -5.59 -4.05 -34.14
O3A ADP H . -5.71 -6.25 -35.45
O5' ADP H . -6.03 -4.09 -36.62
C5' ADP H . -6.03 -4.75 -37.88
C4' ADP H . -7.38 -4.56 -38.56
O4' ADP H . -7.81 -3.20 -38.44
C3' ADP H . -7.24 -4.87 -40.04
O3' ADP H . -8.34 -5.64 -40.50
C2' ADP H . -7.28 -3.52 -40.70
O2' ADP H . -7.94 -3.61 -41.95
C1' ADP H . -8.04 -2.66 -39.74
N9 ADP H . -7.54 -1.28 -39.86
C8 ADP H . -6.28 -0.88 -39.63
N7 ADP H . -6.14 0.45 -39.85
C5 ADP H . -7.34 0.92 -40.24
C6 ADP H . -7.90 2.23 -40.65
N6 ADP H . -7.12 3.34 -40.67
N1 ADP H . -9.19 2.28 -41.00
C2 ADP H . -9.97 1.18 -40.98
N3 ADP H . -9.53 -0.04 -40.62
C4 ADP H . -8.25 -0.23 -40.26
MG MG I . -5.21 -6.56 -31.10
PB ADP J . -40.74 -21.85 -14.10
O1B ADP J . -41.29 -21.88 -15.49
O2B ADP J . -41.66 -22.37 -13.03
O3B ADP J . -40.07 -20.56 -13.72
PA ADP J . -39.75 -24.51 -13.99
O1A ADP J . -40.68 -25.02 -15.05
O2A ADP J . -40.00 -24.84 -12.54
O3A ADP J . -39.54 -22.93 -14.18
O5' ADP J . -38.27 -25.05 -14.34
C5' ADP J . -37.66 -24.62 -15.55
C4' ADP J . -36.16 -24.52 -15.35
O4' ADP J . -35.65 -25.66 -14.65
C3' ADP J . -35.49 -24.50 -16.72
O3' ADP J . -34.44 -23.53 -16.76
C2' ADP J . -34.87 -25.86 -16.85
O2' ADP J . -33.64 -25.78 -17.55
C1' ADP J . -34.64 -26.31 -15.42
N9 ADP J . -34.77 -27.77 -15.39
C8 ADP J . -35.86 -28.48 -15.71
N7 ADP J . -35.63 -29.81 -15.58
C5 ADP J . -34.37 -29.97 -15.16
C6 ADP J . -33.49 -31.10 -14.82
N6 ADP J . -33.93 -32.38 -14.91
N1 ADP J . -32.23 -30.83 -14.43
C2 ADP J . -31.78 -29.56 -14.35
N3 ADP J . -32.52 -28.48 -14.63
C4 ADP J . -33.81 -28.61 -15.04
MG MG K . -42.43 -22.11 -10.99
#